data_9JCB
#
_entry.id   9JCB
#
_cell.length_a   104.372
_cell.length_b   178.309
_cell.length_c   105.386
_cell.angle_alpha   90.000
_cell.angle_beta   119.240
_cell.angle_gamma   90.000
#
_symmetry.space_group_name_H-M   'P 1 21 1'
#
loop_
_entity.id
_entity.type
_entity.pdbx_description
1 polymer Lipase
2 non-polymer 2-acetamido-2-deoxy-beta-D-glucopyranose
#
_entity_poly.entity_id   1
_entity_poly.type   'polypeptide(L)'
_entity_poly.pdbx_seq_one_letter_code
;VMHHHHHHVPMQKRAQYPDPNDDPFYRVPANINTYANGQVIQSRSATTDIGTQNNAASFQLLYRTTDTQNNATASVATVW
IPSKPASPPKIFSYQVYEDATQLDCAPSYNYLSGFDQPGKGTVITDTPIAISWALQQGYYAVSSDHEGFRSAFIAGYEEG
MAILDGVRALKNYKSLPSNSAVGFYGYSGGAHATGWAVSLSGAYASDLNIIGAAYGGLPASAKDTFLFLNAKSPFAGFAI
AGVSGLALAHPDMEAFIQPRLNARGRQVLQQIRSRGQCIGQVSTGYPFLDTFSLVNDTNLLNEEPIVSILKAETLVQSEA
GYTVPVPKFPRFMWHALEDEIVPFQPDAQYVKEQCSKGADINWNIYPVAEHISAELLGLVPALAWLETAYAGQAPRVLCG
VGVPVPQPSAFTVLGDKLAQQFKSLAGQQSAFGKTFPSI
;
_entity_poly.pdbx_strand_id   A,B,C,D,E,F
#
loop_
_chem_comp.id
_chem_comp.type
_chem_comp.name
_chem_comp.formula
NAG D-saccharide, beta linking 2-acetamido-2-deoxy-beta-D-glucopyranose 'C8 H15 N O6'
#
# COMPACT_ATOMS: atom_id res chain seq x y z
N GLN A 16 56.03 -2.85 9.62
CA GLN A 16 56.89 -2.11 10.56
C GLN A 16 56.96 -2.60 12.04
N TYR A 17 55.84 -2.80 12.71
CA TYR A 17 55.76 -3.45 14.01
C TYR A 17 55.12 -4.81 13.83
N PRO A 18 55.16 -5.68 14.84
CA PRO A 18 54.61 -7.04 14.66
C PRO A 18 53.09 -7.02 14.75
N ASP A 19 52.52 -8.18 14.43
CA ASP A 19 51.13 -8.45 14.75
C ASP A 19 50.84 -8.02 16.20
N PRO A 20 49.84 -7.17 16.44
CA PRO A 20 49.60 -6.65 17.81
C PRO A 20 49.28 -7.69 18.86
N ASN A 21 48.74 -8.84 18.48
CA ASN A 21 48.61 -9.93 19.44
C ASN A 21 49.96 -10.26 20.09
N ASP A 22 51.04 -10.17 19.31
CA ASP A 22 52.40 -10.44 19.77
C ASP A 22 53.12 -9.20 20.24
N ASP A 23 52.58 -8.05 19.98
CA ASP A 23 53.24 -6.84 20.43
C ASP A 23 52.95 -6.65 21.91
N PRO A 24 53.98 -6.37 22.73
CA PRO A 24 53.70 -6.03 24.14
C PRO A 24 53.00 -4.67 24.31
N PHE A 25 53.05 -3.78 23.33
CA PHE A 25 52.35 -2.51 23.46
C PHE A 25 50.86 -2.72 23.65
N TYR A 26 50.32 -3.76 22.99
CA TYR A 26 48.90 -4.08 23.04
C TYR A 26 48.58 -4.92 24.28
N ARG A 27 48.93 -4.36 25.45
CA ARG A 27 48.65 -5.01 26.72
C ARG A 27 48.29 -3.97 27.77
N VAL A 28 47.32 -4.30 28.63
CA VAL A 28 46.88 -3.42 29.71
C VAL A 28 47.79 -3.66 30.91
N PRO A 29 48.51 -2.64 31.40
CA PRO A 29 49.34 -2.80 32.60
C PRO A 29 48.52 -3.11 33.85
N ALA A 30 49.18 -3.72 34.83
CA ALA A 30 48.47 -4.15 36.05
C ALA A 30 48.07 -2.97 36.92
N ASN A 31 48.80 -1.86 36.91
CA ASN A 31 48.44 -0.70 37.72
C ASN A 31 47.41 0.18 37.02
N ILE A 32 46.61 -0.41 36.12
CA ILE A 32 45.78 0.38 35.23
C ILE A 32 44.91 1.35 36.03
N ASN A 33 44.64 1.02 37.28
CA ASN A 33 43.69 1.81 38.04
C ASN A 33 44.32 3.09 38.55
N THR A 34 45.64 3.21 38.52
CA THR A 34 46.27 4.47 38.89
C THR A 34 46.02 5.55 37.86
N TYR A 35 45.73 5.14 36.63
CA TYR A 35 45.55 6.06 35.53
C TYR A 35 44.16 6.66 35.53
N ALA A 36 44.07 7.92 35.13
CA ALA A 36 42.79 8.58 34.90
C ALA A 36 42.23 8.12 33.56
N ASN A 37 40.94 8.33 33.36
CA ASN A 37 40.35 8.07 32.06
C ASN A 37 40.89 9.07 31.04
N GLY A 38 41.47 8.55 29.97
CA GLY A 38 42.06 9.45 29.00
C GLY A 38 43.45 9.90 29.36
N GLN A 39 44.18 9.10 30.12
CA GLN A 39 45.55 9.42 30.41
C GLN A 39 46.42 8.52 29.56
N VAL A 40 47.56 9.05 29.10
CA VAL A 40 48.46 8.29 28.22
C VAL A 40 49.28 7.35 29.06
N ILE A 41 49.29 6.07 28.71
CA ILE A 41 50.15 5.14 29.41
C ILE A 41 51.58 5.26 28.91
N GLN A 42 51.80 5.12 27.59
CA GLN A 42 53.08 5.40 26.94
C GLN A 42 52.86 5.57 25.44
N SER A 43 53.87 6.12 24.78
CA SER A 43 53.80 6.39 23.35
C SER A 43 54.96 5.70 22.64
N ARG A 44 54.89 5.70 21.30
CA ARG A 44 55.97 5.30 20.40
C ARG A 44 55.68 5.86 19.02
N SER A 45 56.74 6.22 18.28
CA SER A 45 56.53 6.74 16.94
C SER A 45 55.97 5.66 16.02
N ALA A 46 55.22 6.12 15.03
CA ALA A 46 54.59 5.27 14.04
C ALA A 46 54.90 5.89 12.70
N THR A 47 55.54 5.12 11.83
CA THR A 47 55.75 5.57 10.46
C THR A 47 54.57 5.00 9.68
N THR A 48 53.70 5.90 9.26
CA THR A 48 52.47 5.59 8.58
C THR A 48 52.54 6.17 7.18
N ASP A 49 51.76 5.56 6.29
CA ASP A 49 51.65 6.07 4.93
C ASP A 49 51.08 7.48 4.97
N ILE A 50 50.09 7.70 5.82
CA ILE A 50 49.43 9.00 5.93
C ILE A 50 50.39 10.04 6.48
N GLY A 51 51.19 9.65 7.48
CA GLY A 51 52.15 10.58 8.03
C GLY A 51 53.20 11.00 7.03
N THR A 52 53.72 10.04 6.27
CA THR A 52 54.74 10.36 5.27
C THR A 52 54.20 11.36 4.26
N GLN A 53 52.95 11.16 3.82
CA GLN A 53 52.35 11.95 2.75
C GLN A 53 52.07 13.39 3.15
N ASN A 54 51.73 13.65 4.41
CA ASN A 54 51.37 14.99 4.83
C ASN A 54 52.50 15.71 5.51
N ASN A 55 53.66 15.07 5.69
CA ASN A 55 54.77 15.66 6.42
C ASN A 55 54.35 15.96 7.86
N ALA A 56 53.82 14.94 8.52
CA ALA A 56 53.25 15.09 9.85
C ALA A 56 53.64 13.89 10.70
N ALA A 57 54.40 14.13 11.76
CA ALA A 57 54.89 13.02 12.57
C ALA A 57 53.73 12.28 13.19
N SER A 58 53.86 10.96 13.30
CA SER A 58 52.81 10.13 13.85
C SER A 58 53.35 9.24 14.97
N PHE A 59 52.50 9.00 15.97
CA PHE A 59 52.80 8.24 17.19
C PHE A 59 51.64 7.32 17.53
N GLN A 60 51.94 6.13 18.06
CA GLN A 60 50.90 5.27 18.63
C GLN A 60 50.80 5.52 20.13
N LEU A 61 49.60 5.78 20.64
CA LEU A 61 49.41 6.10 22.06
C LEU A 61 48.63 4.98 22.73
N LEU A 62 49.29 4.29 23.65
CA LEU A 62 48.64 3.40 24.59
C LEU A 62 48.08 4.26 25.72
N TYR A 63 46.76 4.21 25.92
CA TYR A 63 46.11 5.10 26.87
C TYR A 63 45.09 4.31 27.67
N ARG A 64 44.67 4.90 28.81
CA ARG A 64 43.75 4.24 29.74
C ARG A 64 42.34 4.74 29.51
N THR A 65 41.42 3.80 29.36
CA THR A 65 40.01 4.06 29.11
C THR A 65 39.16 3.17 30.00
N THR A 66 37.84 3.16 29.82
CA THR A 66 36.96 2.30 30.60
C THR A 66 36.26 1.33 29.66
N ASP A 67 35.69 0.27 30.22
CA ASP A 67 35.06 -0.69 29.31
C ASP A 67 33.56 -0.87 29.51
N THR A 68 33.04 -1.99 29.01
CA THR A 68 31.62 -2.28 29.04
C THR A 68 31.10 -2.70 30.41
N GLN A 69 31.96 -3.09 31.37
CA GLN A 69 31.49 -3.42 32.72
C GLN A 69 32.07 -2.50 33.80
N ASN A 70 32.54 -1.31 33.42
CA ASN A 70 33.15 -0.33 34.32
C ASN A 70 34.43 -0.82 35.00
N ASN A 71 34.98 -1.94 34.56
CA ASN A 71 36.31 -2.32 34.94
C ASN A 71 37.29 -1.52 34.09
N ALA A 72 38.43 -1.15 34.67
CA ALA A 72 39.38 -0.20 34.07
C ALA A 72 40.28 -0.90 33.06
N THR A 73 40.29 -0.40 31.82
CA THR A 73 41.08 -1.00 30.74
C THR A 73 41.90 0.01 29.94
N ALA A 74 42.41 -0.43 28.79
CA ALA A 74 43.23 0.41 27.92
C ALA A 74 43.00 0.06 26.46
N SER A 75 43.36 1.02 25.59
CA SER A 75 43.30 0.84 24.14
C SER A 75 44.39 1.68 23.49
N VAL A 76 44.55 1.52 22.19
CA VAL A 76 45.60 2.20 21.44
C VAL A 76 44.97 3.13 20.41
N ALA A 77 45.60 4.28 20.20
CA ALA A 77 45.12 5.20 19.17
C ALA A 77 46.27 5.95 18.52
N THR A 78 46.27 5.95 17.19
CA THR A 78 47.25 6.66 16.40
C THR A 78 46.91 8.16 16.31
N VAL A 79 47.94 9.02 16.31
CA VAL A 79 47.74 10.46 16.16
C VAL A 79 48.69 11.01 15.10
N TRP A 80 48.32 12.16 14.52
CA TRP A 80 49.11 12.83 13.49
C TRP A 80 49.19 14.32 13.82
N ILE A 81 50.40 14.84 14.02
CA ILE A 81 50.60 16.22 14.46
C ILE A 81 51.02 17.06 13.27
N PRO A 82 50.23 18.06 12.86
CA PRO A 82 50.54 18.82 11.64
C PRO A 82 51.73 19.72 11.81
N SER A 83 52.54 19.79 10.74
CA SER A 83 53.80 20.52 10.82
C SER A 83 53.60 22.03 10.88
N LYS A 84 52.42 22.54 10.52
CA LYS A 84 52.13 23.97 10.58
C LYS A 84 50.76 24.09 11.25
N PRO A 85 50.70 23.93 12.56
CA PRO A 85 49.41 23.70 13.20
C PRO A 85 48.56 24.94 13.22
N ALA A 86 47.25 24.70 13.15
CA ALA A 86 46.25 25.76 13.18
C ALA A 86 46.10 26.26 14.61
N SER A 87 45.88 27.56 14.74
CA SER A 87 45.78 28.22 16.02
C SER A 87 44.45 28.97 16.14
N PRO A 88 43.65 28.75 17.22
CA PRO A 88 43.83 27.87 18.38
C PRO A 88 43.64 26.39 18.07
N PRO A 89 44.23 25.51 18.89
CA PRO A 89 44.26 24.07 18.56
C PRO A 89 42.88 23.51 18.25
N LYS A 90 42.83 22.64 17.26
CA LYS A 90 41.58 21.99 16.85
C LYS A 90 41.92 20.55 16.59
N ILE A 91 40.95 19.69 16.84
CA ILE A 91 41.15 18.26 16.84
C ILE A 91 40.15 17.62 15.91
N PHE A 92 40.64 16.68 15.11
CA PHE A 92 39.80 15.92 14.20
C PHE A 92 39.89 14.47 14.64
N SER A 93 38.76 13.82 14.78
CA SER A 93 38.74 12.43 15.24
C SER A 93 38.05 11.55 14.21
N TYR A 94 38.82 10.95 13.33
CA TYR A 94 38.26 10.03 12.34
C TYR A 94 38.08 8.65 12.96
N GLN A 95 36.92 8.06 12.74
CA GLN A 95 36.60 6.74 13.29
C GLN A 95 36.61 5.71 12.15
N VAL A 96 37.56 4.78 12.19
CA VAL A 96 37.67 3.80 11.13
C VAL A 96 36.57 2.77 11.29
N TYR A 97 36.12 2.23 10.17
CA TYR A 97 35.09 1.21 10.20
C TYR A 97 35.77 -0.16 10.25
N GLU A 98 36.33 -0.47 11.41
CA GLU A 98 37.02 -1.74 11.62
C GLU A 98 36.16 -2.94 11.20
N ASP A 99 34.94 -3.04 11.70
CA ASP A 99 34.03 -4.12 11.30
C ASP A 99 34.63 -5.51 11.47
N ALA A 100 35.43 -5.71 12.51
CA ALA A 100 36.03 -7.01 12.76
C ALA A 100 36.22 -7.29 14.24
N THR A 101 36.15 -8.57 14.59
CA THR A 101 36.45 -9.03 15.94
C THR A 101 37.82 -9.69 15.96
N GLN A 102 38.81 -8.87 15.61
CA GLN A 102 40.18 -9.33 15.64
C GLN A 102 41.10 -8.14 15.84
N LEU A 103 42.10 -8.36 16.69
CA LEU A 103 43.02 -7.30 17.07
C LEU A 103 43.95 -6.91 15.93
N ASP A 104 44.28 -7.85 15.03
CA ASP A 104 45.17 -7.45 13.93
C ASP A 104 44.45 -6.64 12.85
N CYS A 105 43.15 -6.37 13.04
CA CYS A 105 42.39 -5.44 12.21
C CYS A 105 42.27 -4.06 12.83
N ALA A 106 42.96 -3.79 13.91
CA ALA A 106 42.81 -2.52 14.59
C ALA A 106 43.40 -1.39 13.76
N PRO A 107 42.78 -0.20 13.78
CA PRO A 107 43.32 0.93 12.98
C PRO A 107 44.81 1.18 13.13
N SER A 108 45.30 1.36 14.36
CA SER A 108 46.70 1.71 14.62
C SER A 108 47.71 0.91 13.78
N TYR A 109 47.53 -0.41 13.74
CA TYR A 109 48.46 -1.32 13.06
C TYR A 109 48.38 -1.17 11.55
N ASN A 110 47.17 -1.07 11.01
CA ASN A 110 47.04 -1.01 9.58
C ASN A 110 47.40 0.37 9.06
N TYR A 111 47.40 1.39 9.92
CA TYR A 111 47.88 2.70 9.51
C TYR A 111 49.36 2.66 9.15
N LEU A 112 50.12 1.80 9.82
CA LEU A 112 51.56 1.78 9.66
C LEU A 112 51.91 1.53 8.19
N SER A 113 52.89 2.30 7.69
CA SER A 113 53.40 2.06 6.34
C SER A 113 53.64 0.58 6.20
N GLY A 114 53.04 -0.03 5.21
CA GLY A 114 53.26 -1.46 5.11
C GLY A 114 52.12 -2.19 4.45
N PHE A 115 52.42 -3.41 4.04
CA PHE A 115 51.50 -4.21 3.26
C PHE A 115 51.30 -5.58 3.87
N ASP A 116 51.81 -5.81 5.09
CA ASP A 116 51.82 -7.15 5.70
C ASP A 116 50.73 -7.31 6.74
N GLN A 117 49.87 -6.31 6.95
CA GLN A 117 48.69 -6.32 7.79
C GLN A 117 47.45 -6.74 6.99
N PRO A 118 46.58 -7.59 7.55
CA PRO A 118 45.45 -8.09 6.75
C PRO A 118 44.36 -7.06 6.49
N GLY A 119 43.95 -6.31 7.52
CA GLY A 119 42.89 -5.32 7.40
C GLY A 119 43.39 -3.97 6.95
N LYS A 120 44.23 -4.02 5.91
CA LYS A 120 44.85 -2.82 5.42
C LYS A 120 43.86 -1.92 4.68
N GLY A 121 42.74 -2.49 4.21
CA GLY A 121 41.87 -1.77 3.30
C GLY A 121 41.05 -0.64 3.91
N THR A 122 40.66 -0.78 5.18
CA THR A 122 39.81 0.23 5.80
C THR A 122 40.47 1.60 5.91
N VAL A 123 41.80 1.63 6.03
CA VAL A 123 42.51 2.88 6.23
C VAL A 123 43.08 3.46 4.92
N ILE A 124 42.71 2.90 3.76
CA ILE A 124 43.32 3.34 2.50
C ILE A 124 42.35 3.96 1.50
N THR A 125 41.02 3.76 1.62
CA THR A 125 40.07 4.26 0.61
C THR A 125 39.70 5.73 0.81
N ASP A 126 38.68 5.98 1.61
CA ASP A 126 38.24 7.33 1.89
C ASP A 126 38.85 7.87 3.15
N THR A 127 39.23 6.93 4.03
CA THR A 127 39.84 7.25 5.31
C THR A 127 41.03 8.18 5.18
N PRO A 128 42.02 7.94 4.31
CA PRO A 128 43.17 8.86 4.24
C PRO A 128 42.81 10.25 3.74
N ILE A 129 41.82 10.36 2.86
CA ILE A 129 41.43 11.67 2.32
C ILE A 129 40.78 12.51 3.41
N ALA A 130 39.99 11.86 4.27
CA ALA A 130 39.40 12.57 5.41
C ALA A 130 40.47 13.16 6.30
N ILE A 131 41.44 12.34 6.72
CA ILE A 131 42.47 12.76 7.66
C ILE A 131 43.38 13.79 7.03
N SER A 132 43.74 13.58 5.76
CA SER A 132 44.65 14.49 5.06
C SER A 132 44.04 15.87 4.97
N TRP A 133 42.75 15.93 4.61
CA TRP A 133 42.01 17.18 4.69
C TRP A 133 42.27 17.84 6.02
N ALA A 134 42.13 17.05 7.09
CA ALA A 134 42.24 17.58 8.45
C ALA A 134 43.61 18.18 8.69
N LEU A 135 44.65 17.45 8.33
CA LEU A 135 45.99 17.89 8.64
C LEU A 135 46.32 19.16 7.86
N GLN A 136 45.99 19.18 6.57
CA GLN A 136 46.31 20.36 5.79
C GLN A 136 45.48 21.55 6.23
N GLN A 137 44.32 21.28 6.82
CA GLN A 137 43.59 22.35 7.49
C GLN A 137 44.25 22.77 8.81
N GLY A 138 45.27 22.05 9.30
CA GLY A 138 45.92 22.38 10.56
C GLY A 138 45.39 21.72 11.81
N TYR A 139 44.58 20.68 11.66
CA TYR A 139 43.94 20.05 12.80
C TYR A 139 44.79 18.88 13.31
N TYR A 140 44.72 18.67 14.61
CA TYR A 140 45.37 17.52 15.19
C TYR A 140 44.49 16.30 14.94
N ALA A 141 45.07 15.24 14.44
CA ALA A 141 44.28 14.10 14.00
C ALA A 141 44.46 12.94 14.97
N VAL A 142 43.39 12.23 15.25
CA VAL A 142 43.41 11.06 16.12
C VAL A 142 42.43 10.05 15.55
N SER A 143 42.77 8.76 15.64
CA SER A 143 41.83 7.71 15.29
C SER A 143 41.98 6.55 16.28
N SER A 144 40.98 6.32 17.11
CA SER A 144 41.11 5.34 18.18
C SER A 144 40.62 3.98 17.74
N ASP A 145 41.33 2.94 18.17
CA ASP A 145 40.92 1.56 17.87
C ASP A 145 39.63 1.28 18.62
N HIS A 146 38.53 1.91 18.24
CA HIS A 146 37.33 1.99 19.08
C HIS A 146 36.86 0.63 19.61
N GLU A 147 37.21 -0.45 18.91
CA GLU A 147 36.74 -1.80 19.34
C GLU A 147 37.53 -2.25 20.57
N GLY A 148 38.74 -1.69 20.77
CA GLY A 148 39.53 -2.01 21.98
C GLY A 148 40.35 -3.28 21.86
N PHE A 149 41.05 -3.67 22.93
CA PHE A 149 41.85 -4.92 22.95
C PHE A 149 40.86 -6.06 22.77
N ARG A 150 39.68 -5.91 23.37
CA ARG A 150 38.60 -6.92 23.20
C ARG A 150 38.27 -6.95 21.70
N SER A 151 38.34 -5.79 21.03
CA SER A 151 37.95 -5.69 19.60
C SER A 151 36.46 -6.03 19.49
N ALA A 152 35.69 -5.62 20.50
CA ALA A 152 34.24 -5.83 20.43
C ALA A 152 33.71 -5.00 19.27
N PHE A 153 32.81 -5.59 18.48
CA PHE A 153 32.29 -4.88 17.28
C PHE A 153 30.80 -4.69 17.48
N ILE A 154 30.32 -3.47 17.27
CA ILE A 154 28.86 -3.14 17.42
C ILE A 154 28.57 -2.97 18.91
N ALA A 155 29.61 -3.00 19.76
CA ALA A 155 29.35 -2.70 21.19
C ALA A 155 29.60 -1.22 21.37
N GLY A 156 28.52 -0.45 21.49
CA GLY A 156 28.68 1.01 21.56
C GLY A 156 29.40 1.54 22.77
N TYR A 157 29.13 0.98 23.95
CA TYR A 157 29.72 1.60 25.17
C TYR A 157 31.25 1.51 25.15
N GLU A 158 31.81 0.37 24.77
CA GLU A 158 33.29 0.34 24.69
C GLU A 158 33.76 1.33 23.61
N GLU A 159 33.08 1.32 22.46
CA GLU A 159 33.51 2.19 21.34
C GLU A 159 33.36 3.67 21.75
N GLY A 160 32.26 4.00 22.41
CA GLY A 160 32.03 5.42 22.76
C GLY A 160 33.08 5.93 23.71
N MET A 161 33.45 5.13 24.71
CA MET A 161 34.41 5.60 25.73
C MET A 161 35.79 5.61 25.09
N ALA A 162 36.12 4.55 24.35
CA ALA A 162 37.43 4.46 23.74
C ALA A 162 37.72 5.68 22.86
N ILE A 163 36.74 6.10 22.05
CA ILE A 163 37.00 7.22 21.14
C ILE A 163 37.14 8.51 21.93
N LEU A 164 36.27 8.72 22.90
CA LEU A 164 36.35 9.93 23.71
C LEU A 164 37.69 10.02 24.45
N ASP A 165 38.13 8.92 25.07
CA ASP A 165 39.42 8.94 25.74
C ASP A 165 40.56 9.08 24.74
N GLY A 166 40.42 8.49 23.56
CA GLY A 166 41.38 8.75 22.49
C GLY A 166 41.57 10.23 22.25
N VAL A 167 40.49 11.01 22.31
CA VAL A 167 40.61 12.45 22.15
C VAL A 167 41.33 13.07 23.35
N ARG A 168 40.91 12.71 24.56
CA ARG A 168 41.62 13.15 25.77
C ARG A 168 43.10 12.83 25.68
N ALA A 169 43.41 11.54 25.44
CA ALA A 169 44.80 11.11 25.42
C ALA A 169 45.61 11.99 24.49
N LEU A 170 45.01 12.38 23.36
CA LEU A 170 45.69 13.25 22.41
C LEU A 170 45.83 14.68 22.96
N LYS A 171 44.81 15.19 23.65
CA LYS A 171 44.99 16.51 24.27
C LYS A 171 46.13 16.45 25.26
N ASN A 172 46.17 15.37 26.06
CA ASN A 172 47.23 15.16 27.04
C ASN A 172 48.60 15.09 26.36
N TYR A 173 48.73 14.21 25.36
CA TYR A 173 50.03 13.92 24.76
C TYR A 173 50.75 15.18 24.28
N LYS A 174 50.02 16.17 23.75
CA LYS A 174 50.66 17.36 23.25
C LYS A 174 50.39 18.57 24.12
N SER A 175 49.67 18.39 25.23
CA SER A 175 49.29 19.50 26.12
C SER A 175 48.45 20.53 25.38
N LEU A 176 47.46 20.02 24.65
CA LEU A 176 46.52 20.88 23.95
C LEU A 176 45.49 21.43 24.93
N PRO A 177 45.19 22.74 24.89
CA PRO A 177 44.22 23.35 25.82
C PRO A 177 42.89 22.63 26.00
N SER A 178 42.26 22.87 27.15
CA SER A 178 41.09 22.12 27.57
C SER A 178 39.82 22.48 26.78
N ASN A 179 39.75 23.68 26.18
CA ASN A 179 38.62 24.06 25.32
C ASN A 179 38.91 23.83 23.84
N SER A 180 39.83 22.92 23.51
CA SER A 180 40.18 22.66 22.12
C SER A 180 39.00 22.09 21.34
N ALA A 181 38.72 22.67 20.18
CA ALA A 181 37.57 22.27 19.38
C ALA A 181 37.78 20.91 18.75
N VAL A 182 36.79 20.03 18.85
CA VAL A 182 36.92 18.61 18.56
C VAL A 182 35.81 18.18 17.60
N GLY A 183 36.20 17.71 16.40
CA GLY A 183 35.24 17.25 15.40
C GLY A 183 35.43 15.79 15.05
N PHE A 184 34.35 15.16 14.59
CA PHE A 184 34.29 13.72 14.39
C PHE A 184 33.83 13.38 12.97
N TYR A 185 34.41 12.35 12.37
CA TYR A 185 33.89 11.79 11.13
C TYR A 185 33.73 10.29 11.31
N GLY A 186 32.72 9.72 10.71
CA GLY A 186 32.65 8.27 10.67
C GLY A 186 31.55 7.73 9.79
N TYR A 187 31.85 6.74 8.95
CA TYR A 187 30.84 6.10 8.11
C TYR A 187 30.81 4.62 8.49
N SER A 188 29.62 4.03 8.40
CA SER A 188 29.36 2.59 8.65
C SER A 188 29.74 2.23 10.09
N GLY A 189 30.54 1.17 10.31
CA GLY A 189 30.94 0.83 11.67
C GLY A 189 31.66 1.97 12.35
N GLY A 190 32.40 2.76 11.59
CA GLY A 190 33.01 3.95 12.15
C GLY A 190 31.96 4.98 12.56
N ALA A 191 30.87 5.06 11.81
CA ALA A 191 29.77 5.92 12.22
C ALA A 191 29.17 5.44 13.53
N HIS A 192 28.78 4.17 13.58
CA HIS A 192 28.26 3.57 14.81
C HIS A 192 29.13 3.89 16.02
N ALA A 193 30.44 3.69 15.91
CA ALA A 193 31.34 4.20 16.93
C ALA A 193 31.17 5.71 17.07
N THR A 194 31.23 6.45 15.95
CA THR A 194 31.07 7.89 16.05
C THR A 194 29.75 8.23 16.70
N GLY A 195 28.72 7.41 16.48
CA GLY A 195 27.40 7.71 17.03
C GLY A 195 27.23 7.42 18.51
N TRP A 196 28.02 6.51 19.08
CA TRP A 196 27.94 6.27 20.50
C TRP A 196 28.79 7.27 21.26
N ALA A 197 29.98 7.58 20.74
CA ALA A 197 30.78 8.64 21.32
C ALA A 197 30.00 9.93 21.45
N VAL A 198 29.02 10.18 20.58
CA VAL A 198 28.26 11.41 20.73
C VAL A 198 27.21 11.25 21.83
N SER A 199 26.51 10.11 21.88
CA SER A 199 25.56 9.90 22.97
C SER A 199 26.26 10.01 24.30
N LEU A 200 27.42 9.35 24.43
CA LEU A 200 28.16 9.35 25.67
C LEU A 200 28.83 10.69 25.94
N SER A 201 29.02 11.52 24.92
CA SER A 201 29.81 12.75 25.05
C SER A 201 29.43 13.54 26.28
N GLY A 202 28.13 13.61 26.58
CA GLY A 202 27.56 14.31 27.72
C GLY A 202 28.01 13.82 29.08
N ALA A 203 27.68 12.56 29.37
CA ALA A 203 28.06 11.97 30.64
C ALA A 203 29.57 11.85 30.76
N TYR A 204 30.17 11.08 29.86
CA TYR A 204 31.53 10.61 30.00
C TYR A 204 32.57 11.68 29.71
N ALA A 205 32.22 12.74 29.02
CA ALA A 205 33.28 13.67 28.62
C ALA A 205 32.74 15.09 28.49
N SER A 206 32.22 15.65 29.57
CA SER A 206 31.86 17.05 29.41
C SER A 206 33.08 17.96 29.33
N ASP A 207 34.30 17.43 29.44
CA ASP A 207 35.49 18.26 29.26
C ASP A 207 35.82 18.48 27.79
N LEU A 208 35.28 17.67 26.90
CA LEU A 208 35.58 17.76 25.48
C LEU A 208 34.65 18.78 24.82
N ASN A 209 35.25 19.79 24.19
CA ASN A 209 34.50 20.85 23.50
C ASN A 209 34.16 20.37 22.10
N ILE A 210 33.06 19.63 21.97
CA ILE A 210 32.72 18.95 20.72
C ILE A 210 31.91 19.91 19.84
N ILE A 211 32.54 20.39 18.76
CA ILE A 211 31.96 21.38 17.86
C ILE A 211 31.12 20.79 16.74
N GLY A 212 31.17 19.48 16.53
CA GLY A 212 30.35 18.88 15.49
C GLY A 212 30.72 17.44 15.20
N ALA A 213 29.79 16.64 14.68
CA ALA A 213 30.09 15.23 14.44
C ALA A 213 29.39 14.80 13.17
N ALA A 214 30.16 14.59 12.09
CA ALA A 214 29.62 14.24 10.78
C ALA A 214 29.73 12.73 10.60
N TYR A 215 28.59 12.06 10.43
CA TYR A 215 28.62 10.62 10.29
C TYR A 215 27.39 10.15 9.52
N GLY A 216 27.60 9.22 8.58
CA GLY A 216 26.53 8.69 7.78
C GLY A 216 26.41 7.19 7.89
N GLY A 217 25.28 6.68 7.42
CA GLY A 217 25.06 5.24 7.34
C GLY A 217 25.09 4.53 8.67
N LEU A 218 24.53 5.16 9.69
CA LEU A 218 24.63 4.70 11.09
C LEU A 218 23.79 3.45 11.37
N PRO A 219 24.38 2.38 11.88
CA PRO A 219 23.53 1.29 12.37
C PRO A 219 23.10 1.59 13.81
N ALA A 220 22.08 2.46 13.93
CA ALA A 220 21.65 2.94 15.24
C ALA A 220 21.16 1.80 16.11
N SER A 221 20.40 0.87 15.53
CA SER A 221 19.97 -0.33 16.24
C SER A 221 20.90 -1.49 15.95
N ALA A 222 21.44 -2.10 17.01
CA ALA A 222 22.13 -3.37 16.85
C ALA A 222 21.17 -4.44 16.35
N LYS A 223 20.09 -4.69 17.11
CA LYS A 223 19.19 -5.78 16.74
C LYS A 223 18.68 -5.64 15.31
N ASP A 224 18.35 -4.43 14.88
CA ASP A 224 17.84 -4.23 13.53
C ASP A 224 18.89 -4.57 12.48
N THR A 225 20.07 -3.92 12.58
CA THR A 225 21.15 -4.19 11.64
C THR A 225 21.48 -5.67 11.60
N PHE A 226 21.30 -6.35 12.73
CA PHE A 226 21.50 -7.80 12.75
C PHE A 226 20.46 -8.49 11.88
N LEU A 227 19.18 -8.21 12.14
CA LEU A 227 18.10 -8.83 11.39
C LEU A 227 18.16 -8.51 9.90
N PHE A 228 18.56 -7.28 9.57
CA PHE A 228 18.54 -6.85 8.19
C PHE A 228 19.48 -7.65 7.32
N LEU A 229 20.70 -7.88 7.81
CA LEU A 229 21.74 -8.59 7.09
C LEU A 229 21.63 -10.09 7.27
N ASN A 230 21.20 -10.54 8.46
CA ASN A 230 21.12 -11.95 8.82
C ASN A 230 20.40 -12.78 7.76
N ALA A 231 21.10 -13.80 7.26
CA ALA A 231 20.50 -14.87 6.46
C ALA A 231 19.89 -14.43 5.12
N LYS A 232 19.89 -13.14 4.84
CA LYS A 232 19.21 -12.60 3.66
C LYS A 232 20.07 -11.64 2.85
N SER A 233 21.32 -11.43 3.24
CA SER A 233 22.22 -10.54 2.53
C SER A 233 23.56 -11.24 2.36
N PRO A 234 24.30 -10.91 1.29
CA PRO A 234 25.67 -11.43 1.15
C PRO A 234 26.64 -10.94 2.20
N PHE A 235 26.29 -9.97 3.03
CA PHE A 235 27.14 -9.47 4.10
C PHE A 235 26.74 -10.05 5.45
N ALA A 236 26.12 -11.23 5.44
CA ALA A 236 25.68 -11.89 6.65
C ALA A 236 26.80 -12.08 7.66
N GLY A 237 28.05 -11.94 7.24
CA GLY A 237 29.14 -11.98 8.18
C GLY A 237 29.06 -10.88 9.22
N PHE A 238 28.53 -9.73 8.84
CA PHE A 238 28.38 -8.67 9.82
C PHE A 238 27.38 -9.02 10.91
N ALA A 239 26.42 -9.91 10.64
CA ALA A 239 25.51 -10.35 11.69
C ALA A 239 26.28 -11.00 12.81
N ILE A 240 27.13 -11.98 12.46
CA ILE A 240 27.91 -12.71 13.45
C ILE A 240 29.06 -11.86 13.95
N ALA A 241 29.79 -11.21 13.03
CA ALA A 241 30.80 -10.24 13.45
C ALA A 241 30.23 -9.23 14.44
N GLY A 242 28.96 -8.86 14.29
CA GLY A 242 28.31 -8.10 15.34
C GLY A 242 28.09 -8.92 16.60
N VAL A 243 27.51 -10.11 16.44
CA VAL A 243 27.26 -10.99 17.58
C VAL A 243 28.54 -11.26 18.33
N SER A 244 29.58 -11.72 17.62
CA SER A 244 30.88 -11.95 18.24
C SER A 244 31.33 -10.73 19.02
N GLY A 245 31.30 -9.54 18.39
CA GLY A 245 31.77 -8.35 19.07
C GLY A 245 31.05 -8.05 20.38
N LEU A 246 29.75 -8.38 20.45
CA LEU A 246 29.00 -8.15 21.69
C LEU A 246 29.38 -9.18 22.76
N ALA A 247 29.43 -10.46 22.38
CA ALA A 247 29.80 -11.52 23.31
C ALA A 247 31.21 -11.36 23.84
N LEU A 248 32.09 -10.72 23.09
CA LEU A 248 33.39 -10.41 23.65
C LEU A 248 33.29 -9.33 24.72
N ALA A 249 32.36 -8.38 24.57
CA ALA A 249 32.27 -7.27 25.51
C ALA A 249 31.22 -7.47 26.60
N HIS A 250 30.37 -8.48 26.47
CA HIS A 250 29.36 -8.84 27.47
C HIS A 250 29.63 -10.29 27.85
N PRO A 251 30.40 -10.54 28.90
CA PRO A 251 30.87 -11.90 29.18
C PRO A 251 29.76 -12.92 29.45
N ASP A 252 28.61 -12.49 29.97
CA ASP A 252 27.49 -13.40 30.23
C ASP A 252 26.80 -13.84 28.95
N MET A 253 26.89 -13.01 27.90
CA MET A 253 26.44 -13.41 26.58
C MET A 253 27.34 -14.49 26.03
N GLU A 254 28.65 -14.26 26.14
CA GLU A 254 29.61 -15.31 25.85
C GLU A 254 29.25 -16.58 26.59
N ALA A 255 29.05 -16.48 27.90
CA ALA A 255 28.72 -17.65 28.68
C ALA A 255 27.43 -18.30 28.20
N PHE A 256 26.52 -17.49 27.66
CA PHE A 256 25.22 -18.01 27.21
C PHE A 256 25.31 -18.73 25.87
N ILE A 257 26.08 -18.17 24.94
CA ILE A 257 26.12 -18.71 23.60
C ILE A 257 26.95 -20.00 23.56
N GLN A 258 28.03 -20.04 24.34
CA GLN A 258 29.06 -21.08 24.19
C GLN A 258 28.51 -22.50 24.27
N PRO A 259 27.73 -22.88 25.30
CA PRO A 259 27.23 -24.27 25.33
C PRO A 259 26.21 -24.58 24.25
N ARG A 260 25.55 -23.58 23.69
CA ARG A 260 24.52 -23.82 22.68
C ARG A 260 25.09 -23.94 21.27
N LEU A 261 26.34 -23.51 21.05
CA LEU A 261 26.93 -23.61 19.74
C LEU A 261 26.92 -25.07 19.28
N ASN A 262 26.43 -25.31 18.08
CA ASN A 262 26.50 -26.65 17.52
C ASN A 262 27.83 -26.78 16.80
N ALA A 263 28.07 -27.96 16.23
CA ALA A 263 29.35 -28.20 15.60
C ALA A 263 29.72 -27.07 14.67
N ARG A 264 28.83 -26.80 13.71
CA ARG A 264 29.09 -25.77 12.72
C ARG A 264 29.25 -24.41 13.39
N GLY A 265 28.51 -24.18 14.47
CA GLY A 265 28.59 -22.90 15.15
C GLY A 265 29.96 -22.60 15.73
N ARG A 266 30.55 -23.57 16.43
CA ARG A 266 31.86 -23.32 17.01
C ARG A 266 32.88 -23.00 15.91
N GLN A 267 32.77 -23.67 14.76
CA GLN A 267 33.69 -23.36 13.66
C GLN A 267 33.54 -21.92 13.19
N VAL A 268 32.32 -21.43 13.09
CA VAL A 268 32.12 -20.09 12.56
C VAL A 268 32.66 -19.05 13.51
N LEU A 269 32.44 -19.27 14.82
CA LEU A 269 32.83 -18.29 15.82
C LEU A 269 34.35 -18.28 16.02
N GLN A 270 34.99 -19.45 16.05
CA GLN A 270 36.43 -19.46 16.14
C GLN A 270 37.05 -18.79 14.91
N GLN A 271 36.53 -19.10 13.72
CA GLN A 271 37.05 -18.51 12.48
C GLN A 271 36.81 -17.01 12.42
N ILE A 272 35.57 -16.58 12.67
CA ILE A 272 35.26 -15.18 12.47
C ILE A 272 36.10 -14.29 13.37
N ARG A 273 36.71 -14.89 14.41
CA ARG A 273 37.58 -14.24 15.39
C ARG A 273 39.08 -14.43 15.16
N SER A 274 39.48 -15.43 14.36
CA SER A 274 40.90 -15.77 14.24
C SER A 274 41.71 -14.64 13.62
N ARG A 275 43.00 -14.86 13.43
CA ARG A 275 43.82 -13.80 12.86
C ARG A 275 43.46 -13.60 11.40
N GLY A 276 43.67 -12.37 10.93
CA GLY A 276 43.51 -12.07 9.52
C GLY A 276 42.11 -12.18 8.97
N GLN A 277 41.11 -12.43 9.81
CA GLN A 277 39.69 -12.37 9.41
C GLN A 277 39.18 -10.94 9.64
N CYS A 278 39.60 -10.03 8.76
CA CYS A 278 39.22 -8.63 8.86
C CYS A 278 38.02 -8.30 7.98
N ILE A 279 37.75 -7.01 7.82
CA ILE A 279 36.49 -6.56 7.23
C ILE A 279 36.30 -7.18 5.87
N GLY A 280 37.39 -7.29 5.11
CA GLY A 280 37.31 -7.96 3.82
C GLY A 280 36.92 -9.42 3.97
N GLN A 281 37.53 -10.10 4.94
CA GLN A 281 37.24 -11.51 5.09
C GLN A 281 35.82 -11.74 5.61
N VAL A 282 35.33 -10.85 6.47
CA VAL A 282 33.99 -11.02 7.04
C VAL A 282 32.92 -10.68 6.01
N SER A 283 33.03 -9.48 5.43
CA SER A 283 32.13 -9.00 4.39
C SER A 283 31.71 -10.12 3.45
N THR A 284 32.66 -10.67 2.71
CA THR A 284 32.33 -11.62 1.64
C THR A 284 32.36 -13.08 2.09
N GLY A 285 33.04 -13.38 3.20
CA GLY A 285 33.25 -14.77 3.60
C GLY A 285 31.99 -15.53 3.99
N TYR A 286 30.99 -14.85 4.54
CA TYR A 286 29.80 -15.52 5.06
C TYR A 286 28.55 -14.86 4.47
N PRO A 287 28.24 -15.15 3.21
CA PRO A 287 27.03 -14.59 2.63
C PRO A 287 25.84 -15.47 2.97
N PHE A 288 24.73 -14.82 3.35
CA PHE A 288 23.46 -15.50 3.58
C PHE A 288 23.52 -16.56 4.69
N LEU A 289 24.43 -16.40 5.65
CA LEU A 289 24.54 -17.32 6.79
C LEU A 289 23.47 -17.01 7.83
N ASP A 290 22.72 -18.04 8.25
CA ASP A 290 21.76 -17.83 9.36
C ASP A 290 22.48 -18.02 10.70
N THR A 291 22.51 -17.00 11.54
CA THR A 291 23.18 -17.07 12.86
C THR A 291 22.46 -18.13 13.68
N PHE A 292 21.14 -18.19 13.57
CA PHE A 292 20.33 -19.14 14.38
C PHE A 292 20.75 -20.57 14.03
N SER A 293 21.05 -20.84 12.77
CA SER A 293 21.43 -22.22 12.37
C SER A 293 22.72 -22.61 13.14
N LEU A 294 23.65 -21.68 13.29
CA LEU A 294 24.92 -21.95 14.01
C LEU A 294 24.68 -22.33 15.48
N VAL A 295 23.73 -21.67 16.15
CA VAL A 295 23.56 -21.90 17.61
C VAL A 295 22.22 -22.60 17.91
N ASN A 296 22.25 -23.67 18.72
CA ASN A 296 20.98 -24.32 19.12
C ASN A 296 20.19 -23.28 19.91
N ASP A 297 18.86 -23.23 19.74
CA ASP A 297 17.97 -22.23 20.41
C ASP A 297 17.77 -21.01 19.49
N THR A 298 16.84 -21.08 18.54
CA THR A 298 16.48 -19.93 17.66
C THR A 298 15.94 -18.84 18.55
N ASN A 299 15.20 -19.21 19.59
CA ASN A 299 14.54 -18.26 20.52
C ASN A 299 15.60 -17.52 21.37
N LEU A 300 16.85 -17.96 21.34
CA LEU A 300 17.88 -17.42 22.27
C LEU A 300 18.01 -15.89 22.10
N LEU A 301 17.90 -15.34 20.88
CA LEU A 301 18.06 -13.87 20.81
C LEU A 301 16.95 -13.23 21.66
N ASN A 302 15.72 -13.75 21.58
CA ASN A 302 14.62 -13.26 22.46
C ASN A 302 14.94 -13.55 23.93
N GLU A 303 15.70 -14.61 24.22
CA GLU A 303 15.94 -15.01 25.63
C GLU A 303 17.04 -14.16 26.28
N GLU A 304 17.02 -14.08 27.61
CA GLU A 304 18.07 -13.32 28.37
C GLU A 304 19.41 -14.06 28.28
N PRO A 305 20.56 -13.37 28.29
CA PRO A 305 20.60 -11.94 28.55
C PRO A 305 20.72 -11.12 27.29
N ILE A 306 20.60 -11.77 26.13
CA ILE A 306 20.81 -11.06 24.85
C ILE A 306 19.74 -9.96 24.70
N VAL A 307 18.49 -10.25 25.07
CA VAL A 307 17.43 -9.23 24.82
C VAL A 307 17.74 -7.97 25.63
N SER A 308 18.16 -8.12 26.87
CA SER A 308 18.53 -6.94 27.70
C SER A 308 19.74 -6.23 27.07
N ILE A 309 20.72 -7.02 26.60
CA ILE A 309 21.95 -6.42 26.01
C ILE A 309 21.53 -5.63 24.76
N LEU A 310 20.62 -6.19 23.96
CA LEU A 310 20.21 -5.53 22.70
C LEU A 310 19.54 -4.18 23.03
N LYS A 311 18.70 -4.13 24.06
CA LYS A 311 17.98 -2.87 24.36
C LYS A 311 19.01 -1.79 24.72
N ALA A 312 20.02 -2.14 25.52
CA ALA A 312 21.11 -1.17 25.80
C ALA A 312 21.83 -0.88 24.48
N GLU A 313 22.03 -1.91 23.67
CA GLU A 313 22.77 -1.78 22.39
C GLU A 313 22.04 -0.85 21.39
N THR A 314 20.72 -0.86 21.31
CA THR A 314 20.11 -0.01 20.27
C THR A 314 20.16 1.46 20.65
N LEU A 315 20.68 2.31 19.76
CA LEU A 315 20.65 3.77 19.98
C LEU A 315 19.19 4.25 19.95
N VAL A 316 18.36 3.66 19.09
CA VAL A 316 16.98 4.18 18.90
C VAL A 316 16.22 4.06 20.23
N GLN A 317 15.44 5.10 20.55
CA GLN A 317 14.72 5.12 21.85
C GLN A 317 13.55 4.12 21.81
N SER A 318 12.76 4.13 20.74
CA SER A 318 11.60 3.25 20.76
C SER A 318 11.96 1.81 21.07
N GLU A 319 13.24 1.44 20.94
CA GLU A 319 13.75 0.13 21.30
C GLU A 319 14.42 0.06 22.67
N ALA A 320 15.10 1.14 23.06
CA ALA A 320 16.06 1.11 24.16
C ALA A 320 15.39 0.78 25.50
N GLY A 321 16.19 0.20 26.41
CA GLY A 321 15.79 0.02 27.80
C GLY A 321 16.30 1.12 28.72
N TYR A 322 16.72 2.23 28.14
CA TYR A 322 17.26 3.36 28.89
C TYR A 322 16.84 4.66 28.22
N THR A 323 17.25 5.77 28.82
CA THR A 323 17.03 7.11 28.26
C THR A 323 18.20 7.45 27.35
N VAL A 324 17.95 7.47 26.04
CA VAL A 324 19.00 7.71 25.04
C VAL A 324 19.33 9.19 25.02
N PRO A 325 20.58 9.58 25.19
CA PRO A 325 20.90 11.01 25.24
C PRO A 325 20.74 11.70 23.91
N VAL A 326 20.36 12.98 24.00
CA VAL A 326 20.10 13.81 22.83
C VAL A 326 21.09 14.96 22.85
N PRO A 327 22.31 14.75 22.37
CA PRO A 327 23.31 15.81 22.41
C PRO A 327 22.91 16.96 21.52
N LYS A 328 23.19 18.18 21.98
CA LYS A 328 22.75 19.37 21.27
C LYS A 328 23.71 19.87 20.19
N PHE A 329 25.02 19.63 20.32
CA PHE A 329 25.99 20.25 19.41
C PHE A 329 25.69 19.87 17.96
N PRO A 330 26.16 20.67 16.99
CA PRO A 330 25.84 20.40 15.58
C PRO A 330 26.22 19.00 15.14
N ARG A 331 25.32 18.38 14.40
CA ARG A 331 25.55 17.10 13.78
C ARG A 331 25.14 17.18 12.31
N PHE A 332 25.98 16.59 11.46
CA PHE A 332 25.69 16.39 10.05
C PHE A 332 25.58 14.90 9.85
N MET A 333 24.46 14.45 9.30
CA MET A 333 24.25 13.02 9.14
C MET A 333 23.66 12.74 7.79
N TRP A 334 24.10 11.64 7.18
CA TRP A 334 23.56 11.16 5.91
C TRP A 334 23.30 9.68 6.03
N HIS A 335 22.85 9.11 4.94
CA HIS A 335 22.54 7.69 4.90
C HIS A 335 22.03 7.37 3.51
N ALA A 336 22.46 6.24 2.97
CA ALA A 336 21.93 5.77 1.70
C ALA A 336 20.49 5.32 1.92
N LEU A 337 19.55 5.97 1.24
CA LEU A 337 18.16 5.54 1.38
C LEU A 337 18.03 4.07 1.01
N GLU A 338 18.59 3.70 -0.13
CA GLU A 338 18.51 2.32 -0.58
C GLU A 338 19.64 1.47 0.00
N ASP A 339 20.03 1.71 1.26
CA ASP A 339 21.22 1.06 1.79
C ASP A 339 20.95 -0.42 2.03
N GLU A 340 21.88 -1.27 1.60
CA GLU A 340 21.65 -2.71 1.65
C GLU A 340 22.42 -3.38 2.76
N ILE A 341 23.21 -2.62 3.52
CA ILE A 341 24.10 -3.18 4.53
C ILE A 341 23.69 -2.63 5.89
N VAL A 342 23.70 -1.30 6.01
CA VAL A 342 23.16 -0.59 7.16
C VAL A 342 21.72 -0.19 6.80
N PRO A 343 20.69 -0.78 7.43
CA PRO A 343 19.32 -0.44 7.04
C PRO A 343 19.05 1.04 7.26
N PHE A 344 18.28 1.64 6.35
CA PHE A 344 18.04 3.08 6.44
C PHE A 344 17.06 3.44 7.55
N GLN A 345 16.09 2.60 7.85
CA GLN A 345 15.03 3.03 8.75
C GLN A 345 15.52 3.32 10.16
N PRO A 346 16.28 2.44 10.85
CA PRO A 346 16.73 2.76 12.22
C PRO A 346 17.49 4.08 12.32
N ASP A 347 18.36 4.43 11.37
CA ASP A 347 18.97 5.75 11.42
C ASP A 347 17.91 6.84 11.31
N ALA A 348 16.98 6.68 10.36
CA ALA A 348 15.88 7.63 10.20
C ALA A 348 15.10 7.78 11.49
N GLN A 349 14.70 6.64 12.07
CA GLN A 349 13.96 6.63 13.34
C GLN A 349 14.74 7.34 14.43
N TYR A 350 16.02 7.00 14.57
CA TYR A 350 16.86 7.68 15.55
C TYR A 350 16.87 9.17 15.30
N VAL A 351 17.07 9.59 14.05
CA VAL A 351 17.18 11.00 13.76
C VAL A 351 15.90 11.74 14.14
N LYS A 352 14.75 11.21 13.70
CA LYS A 352 13.47 11.82 14.03
C LYS A 352 13.37 12.10 15.52
N GLU A 353 13.66 11.07 16.32
CA GLU A 353 13.54 11.15 17.78
C GLU A 353 14.43 12.24 18.33
N GLN A 354 15.68 12.29 17.88
CA GLN A 354 16.60 13.27 18.44
C GLN A 354 16.14 14.68 18.11
N CYS A 355 15.68 14.87 16.87
CA CYS A 355 15.16 16.17 16.47
C CYS A 355 13.93 16.53 17.28
N SER A 356 13.04 15.56 17.51
CA SER A 356 11.81 15.83 18.25
C SER A 356 12.11 16.25 19.68
N LYS A 357 13.29 15.90 20.19
CA LYS A 357 13.73 16.27 21.53
C LYS A 357 14.76 17.40 21.50
N GLY A 358 14.73 18.25 20.48
CA GLY A 358 15.58 19.42 20.45
C GLY A 358 17.03 19.18 20.09
N ALA A 359 17.35 18.15 19.30
CA ALA A 359 18.71 17.91 18.81
C ALA A 359 19.00 18.82 17.63
N ASP A 360 20.25 18.81 17.18
CA ASP A 360 20.68 19.61 16.03
C ASP A 360 21.29 18.73 14.95
N ILE A 361 20.44 17.99 14.24
CA ILE A 361 20.89 17.04 13.24
C ILE A 361 20.57 17.61 11.86
N ASN A 362 21.62 17.90 11.09
CA ASN A 362 21.51 18.24 9.68
C ASN A 362 21.44 16.93 8.90
N TRP A 363 20.26 16.63 8.34
CA TRP A 363 19.95 15.31 7.80
C TRP A 363 19.97 15.38 6.28
N ASN A 364 20.77 14.51 5.64
CA ASN A 364 20.84 14.44 4.19
C ASN A 364 20.62 13.01 3.72
N ILE A 365 19.63 12.82 2.86
CA ILE A 365 19.27 11.49 2.38
C ILE A 365 19.69 11.40 0.94
N TYR A 366 20.21 10.24 0.57
CA TYR A 366 20.70 10.01 -0.76
C TYR A 366 19.76 9.09 -1.52
N PRO A 367 19.11 9.62 -2.59
CA PRO A 367 18.03 8.90 -3.25
C PRO A 367 18.51 7.71 -4.06
N VAL A 368 19.51 7.95 -4.90
CA VAL A 368 20.15 6.89 -5.66
C VAL A 368 21.38 6.54 -4.85
N ALA A 369 21.30 5.47 -4.07
CA ALA A 369 22.41 5.20 -3.19
C ALA A 369 22.53 3.73 -2.82
N GLU A 370 23.76 3.34 -2.58
CA GLU A 370 24.17 2.05 -2.09
C GLU A 370 25.13 2.38 -0.96
N HIS A 371 25.38 1.41 -0.10
CA HIS A 371 26.25 1.70 1.03
C HIS A 371 27.60 2.28 0.57
N ILE A 372 28.17 1.67 -0.46
CA ILE A 372 29.48 2.08 -0.97
C ILE A 372 29.43 3.49 -1.54
N SER A 373 28.40 3.79 -2.33
CA SER A 373 28.28 5.09 -3.00
C SER A 373 28.06 6.25 -2.03
N ALA A 374 27.27 6.02 -0.97
CA ALA A 374 26.98 7.09 -0.03
C ALA A 374 28.21 7.48 0.76
N GLU A 375 29.14 6.52 0.92
CA GLU A 375 30.42 6.77 1.57
C GLU A 375 31.15 7.96 0.98
N LEU A 376 31.06 8.11 -0.34
CA LEU A 376 31.78 9.12 -1.09
C LEU A 376 30.94 10.36 -1.32
N LEU A 377 29.67 10.14 -1.65
CA LEU A 377 28.67 11.20 -1.74
C LEU A 377 28.74 12.17 -0.58
N GLY A 378 28.70 11.62 0.65
CA GLY A 378 28.68 12.38 1.90
C GLY A 378 30.03 12.85 2.40
N LEU A 379 31.14 12.33 1.86
CA LEU A 379 32.43 12.62 2.46
C LEU A 379 32.83 14.07 2.25
N VAL A 380 32.79 14.54 1.01
CA VAL A 380 33.22 15.90 0.71
C VAL A 380 32.25 16.94 1.28
N PRO A 381 30.92 16.73 1.24
CA PRO A 381 30.03 17.66 1.97
C PRO A 381 30.30 17.71 3.46
N ALA A 382 30.51 16.55 4.11
CA ALA A 382 30.75 16.52 5.54
C ALA A 382 32.04 17.27 5.89
N LEU A 383 33.14 16.98 5.20
CA LEU A 383 34.39 17.69 5.46
C LEU A 383 34.23 19.18 5.22
N ALA A 384 33.52 19.52 4.14
CA ALA A 384 33.20 20.92 3.89
C ALA A 384 32.44 21.50 5.05
N TRP A 385 31.46 20.74 5.54
CA TRP A 385 30.65 21.19 6.67
C TRP A 385 31.48 21.32 7.95
N LEU A 386 32.30 20.31 8.25
CA LEU A 386 33.08 20.35 9.48
C LEU A 386 33.98 21.55 9.51
N GLU A 387 34.53 21.93 8.34
CA GLU A 387 35.41 23.08 8.26
C GLU A 387 34.68 24.33 8.71
N THR A 388 33.37 24.38 8.43
CA THR A 388 32.50 25.46 8.91
C THR A 388 32.29 25.40 10.41
N ALA A 389 32.01 24.20 10.92
CA ALA A 389 31.71 24.05 12.34
C ALA A 389 32.93 24.34 13.20
N TYR A 390 34.13 24.07 12.68
CA TYR A 390 35.33 24.42 13.40
C TYR A 390 35.45 25.93 13.50
N ALA A 391 34.90 26.65 12.52
CA ALA A 391 34.77 28.10 12.56
C ALA A 391 33.58 28.55 13.38
N GLY A 392 32.88 27.60 14.01
CA GLY A 392 31.71 27.91 14.81
C GLY A 392 30.53 28.42 14.03
N GLN A 393 30.39 27.98 12.79
CA GLN A 393 29.37 28.55 11.92
C GLN A 393 28.76 27.47 11.05
N ALA A 394 28.45 26.34 11.64
CA ALA A 394 27.70 25.34 10.88
C ALA A 394 26.32 25.90 10.55
N PRO A 395 25.79 25.57 9.38
CA PRO A 395 24.59 26.25 8.89
C PRO A 395 23.38 25.91 9.75
N ARG A 396 22.68 26.95 10.22
CA ARG A 396 21.34 26.76 10.77
C ARG A 396 20.43 26.28 9.65
N VAL A 397 19.98 25.02 9.74
CA VAL A 397 19.08 24.41 8.77
C VAL A 397 17.96 23.71 9.52
N LEU A 398 16.97 23.28 8.76
CA LEU A 398 15.82 22.61 9.36
C LEU A 398 16.20 21.17 9.74
N CYS A 399 16.05 20.89 11.02
CA CYS A 399 16.41 19.62 11.62
C CYS A 399 15.50 18.49 11.17
N GLY A 400 16.10 17.36 10.77
CA GLY A 400 15.35 16.14 10.55
C GLY A 400 14.69 16.06 9.20
N VAL A 401 15.03 16.98 8.31
CA VAL A 401 14.51 17.06 6.96
C VAL A 401 15.55 16.43 6.04
N GLY A 402 15.10 15.70 5.03
CA GLY A 402 16.05 15.07 4.11
C GLY A 402 17.02 16.02 3.42
N VAL A 403 16.63 17.30 3.23
CA VAL A 403 17.42 18.30 2.52
C VAL A 403 17.65 19.53 3.39
N PRO A 404 18.76 20.24 3.24
CA PRO A 404 18.98 21.47 4.04
C PRO A 404 18.01 22.59 3.66
N VAL A 405 17.35 23.13 4.68
CA VAL A 405 16.45 24.27 4.49
C VAL A 405 16.96 25.39 5.38
N PRO A 406 17.57 26.42 4.82
CA PRO A 406 18.26 27.43 5.67
C PRO A 406 17.32 28.25 6.55
N GLN A 407 17.12 27.79 7.85
CA GLN A 407 16.29 28.51 8.81
C GLN A 407 17.03 29.70 9.43
N PRO A 408 16.35 30.82 9.55
CA PRO A 408 17.01 32.04 10.06
C PRO A 408 17.23 32.01 11.56
N SER A 409 17.97 33.02 12.04
CA SER A 409 18.28 33.11 13.49
C SER A 409 17.13 33.81 14.21
N ALA A 410 16.63 33.21 15.28
CA ALA A 410 15.47 33.81 15.97
C ALA A 410 15.90 35.18 16.50
N PHE A 411 17.11 35.24 17.04
CA PHE A 411 17.58 36.52 17.63
C PHE A 411 17.45 37.59 16.57
N THR A 412 18.04 37.38 15.39
CA THR A 412 18.00 38.46 14.40
C THR A 412 16.57 38.75 13.98
N VAL A 413 15.75 37.73 13.74
CA VAL A 413 14.36 37.98 13.23
C VAL A 413 13.53 38.68 14.32
N LEU A 414 13.20 37.97 15.39
CA LEU A 414 12.37 38.51 16.50
C LEU A 414 13.07 39.69 17.18
N GLY A 415 14.38 39.62 17.35
CA GLY A 415 15.13 40.63 18.15
C GLY A 415 15.56 39.91 19.40
N ASP A 416 16.64 40.37 20.05
CA ASP A 416 17.18 39.55 21.17
C ASP A 416 16.17 39.43 22.31
N LYS A 417 15.48 40.50 22.69
CA LYS A 417 14.57 40.37 23.86
C LYS A 417 13.46 39.38 23.50
N LEU A 418 12.92 39.51 22.28
CA LEU A 418 11.84 38.61 21.83
C LEU A 418 12.36 37.18 21.76
N ALA A 419 13.59 37.01 21.28
CA ALA A 419 14.15 35.66 21.11
C ALA A 419 14.25 34.97 22.46
N GLN A 420 14.67 35.72 23.48
CA GLN A 420 14.79 35.13 24.84
C GLN A 420 13.40 34.69 25.30
N GLN A 421 12.38 35.51 25.02
CA GLN A 421 10.99 35.12 25.38
C GLN A 421 10.59 33.85 24.61
N PHE A 422 10.97 33.76 23.34
CA PHE A 422 10.67 32.53 22.56
C PHE A 422 11.41 31.34 23.17
N LYS A 423 12.65 31.56 23.58
CA LYS A 423 13.44 30.49 24.26
C LYS A 423 12.73 30.14 25.56
N SER A 424 12.20 31.15 26.25
CA SER A 424 11.49 30.96 27.54
C SER A 424 10.28 30.06 27.30
N LEU A 425 9.61 30.20 26.15
CA LEU A 425 8.35 29.47 25.91
C LEU A 425 8.61 27.96 26.00
N ALA A 426 9.74 27.48 25.50
CA ALA A 426 9.95 26.01 25.50
C ALA A 426 9.93 25.49 26.95
N GLY A 427 9.28 24.33 27.16
CA GLY A 427 9.15 23.76 28.52
C GLY A 427 7.80 24.10 29.13
N GLN A 428 7.24 25.26 28.76
CA GLN A 428 5.94 25.72 29.26
C GLN A 428 4.80 25.10 28.47
N GLN A 429 3.58 25.53 28.78
CA GLN A 429 2.40 25.02 28.08
C GLN A 429 1.87 26.00 27.05
N SER A 430 1.45 25.46 25.91
CA SER A 430 0.74 26.24 24.92
C SER A 430 -0.72 26.39 25.31
N ALA A 431 -1.45 27.20 24.53
CA ALA A 431 -2.88 27.36 24.78
C ALA A 431 -3.63 26.04 24.63
N PHE A 432 -3.04 25.04 24.00
CA PHE A 432 -3.72 23.76 23.82
C PHE A 432 -3.42 22.78 24.96
N GLY A 433 -2.62 23.19 25.93
CA GLY A 433 -2.34 22.33 27.07
C GLY A 433 -1.04 21.55 27.00
N LYS A 434 -0.80 20.88 25.87
CA LYS A 434 0.46 20.18 25.67
C LYS A 434 1.61 21.18 25.79
N THR A 435 2.82 20.68 25.99
CA THR A 435 3.94 21.53 26.35
C THR A 435 4.81 21.90 25.16
N PHE A 436 5.24 23.16 25.13
CA PHE A 436 6.15 23.60 24.08
C PHE A 436 7.44 22.77 24.13
N PRO A 437 7.89 22.22 23.01
CA PRO A 437 9.15 21.49 23.02
C PRO A 437 10.33 22.43 22.92
N SER A 438 11.52 21.83 23.03
CA SER A 438 12.75 22.50 22.64
C SER A 438 12.80 22.49 21.10
N ILE A 439 13.02 23.68 20.51
CA ILE A 439 12.62 23.99 19.12
C ILE A 439 13.78 24.41 18.18
N GLN B 16 5.91 30.80 -48.11
CA GLN B 16 7.07 31.12 -48.95
C GLN B 16 7.53 30.01 -49.90
N TYR B 17 7.65 28.82 -49.37
CA TYR B 17 7.98 27.61 -50.10
C TYR B 17 6.80 26.67 -50.14
N PRO B 18 6.84 25.64 -50.96
CA PRO B 18 5.71 24.72 -51.02
C PRO B 18 5.73 23.72 -49.88
N ASP B 19 4.61 23.05 -49.77
CA ASP B 19 4.42 21.80 -49.08
C ASP B 19 5.68 20.98 -49.40
N PRO B 20 6.40 20.49 -48.39
CA PRO B 20 7.64 19.76 -48.66
C PRO B 20 7.45 18.48 -49.45
N ASN B 21 6.28 17.84 -49.40
CA ASN B 21 6.06 16.67 -50.26
C ASN B 21 6.38 16.99 -51.72
N ASP B 22 6.10 18.22 -52.16
CA ASP B 22 6.35 18.65 -53.51
C ASP B 22 7.67 19.39 -53.69
N ASP B 23 8.35 19.78 -52.61
CA ASP B 23 9.62 20.50 -52.75
C ASP B 23 10.74 19.53 -53.10
N PRO B 24 11.54 19.84 -54.14
CA PRO B 24 12.74 19.02 -54.42
C PRO B 24 13.85 19.16 -53.37
N PHE B 25 13.79 20.18 -52.52
CA PHE B 25 14.72 20.33 -51.42
C PHE B 25 14.61 19.15 -50.47
N TYR B 26 13.38 18.66 -50.26
CA TYR B 26 13.12 17.54 -49.36
C TYR B 26 13.24 16.20 -50.11
N ARG B 27 14.44 16.01 -50.72
CA ARG B 27 14.80 14.83 -51.50
C ARG B 27 16.28 14.50 -51.25
N VAL B 28 16.60 13.21 -51.17
CA VAL B 28 17.97 12.76 -50.92
C VAL B 28 18.72 12.65 -52.24
N PRO B 29 19.83 13.37 -52.41
CA PRO B 29 20.60 13.27 -53.65
C PRO B 29 21.15 11.87 -53.90
N ALA B 30 21.48 11.61 -55.16
CA ALA B 30 22.02 10.31 -55.51
C ALA B 30 23.44 10.14 -54.98
N ASN B 31 24.21 11.21 -54.94
CA ASN B 31 25.56 11.12 -54.44
C ASN B 31 25.62 11.21 -52.94
N ILE B 32 24.54 10.84 -52.25
CA ILE B 32 24.41 11.17 -50.83
C ILE B 32 25.59 10.64 -50.03
N ASN B 33 26.19 9.53 -50.47
CA ASN B 33 27.22 8.85 -49.71
C ASN B 33 28.57 9.53 -49.85
N THR B 34 28.74 10.37 -50.86
CA THR B 34 29.93 11.19 -50.99
C THR B 34 29.96 12.28 -49.92
N TYR B 35 28.80 12.59 -49.34
CA TYR B 35 28.74 13.58 -48.28
C TYR B 35 29.11 12.95 -46.96
N ALA B 36 29.84 13.69 -46.15
CA ALA B 36 30.10 13.23 -44.82
C ALA B 36 28.85 13.44 -43.96
N ASN B 37 28.83 12.77 -42.82
CA ASN B 37 27.78 12.96 -41.82
C ASN B 37 27.84 14.38 -41.28
N GLY B 38 26.72 15.09 -41.37
CA GLY B 38 26.68 16.45 -40.88
C GLY B 38 27.27 17.45 -41.84
N GLN B 39 27.31 17.11 -43.10
CA GLN B 39 27.86 17.97 -44.13
C GLN B 39 26.76 18.66 -44.90
N VAL B 40 27.04 19.89 -45.32
CA VAL B 40 26.07 20.68 -46.05
C VAL B 40 25.93 20.14 -47.47
N ILE B 41 24.73 19.74 -47.84
CA ILE B 41 24.48 19.41 -49.24
C ILE B 41 24.19 20.67 -50.01
N GLN B 42 23.20 21.45 -49.57
CA GLN B 42 22.93 22.75 -50.18
C GLN B 42 22.11 23.59 -49.21
N SER B 43 22.10 24.90 -49.48
CA SER B 43 21.45 25.92 -48.67
C SER B 43 20.46 26.74 -49.50
N ARG B 44 19.61 27.49 -48.80
CA ARG B 44 18.69 28.49 -49.38
C ARG B 44 18.15 29.41 -48.30
N SER B 45 17.96 30.68 -48.62
CA SER B 45 17.42 31.60 -47.62
C SER B 45 15.98 31.27 -47.24
N ALA B 46 15.63 31.57 -45.99
CA ALA B 46 14.30 31.34 -45.43
C ALA B 46 13.88 32.53 -44.57
N THR B 47 12.71 33.09 -44.88
CA THR B 47 12.13 34.14 -44.04
C THR B 47 11.19 33.46 -43.05
N THR B 48 11.55 33.54 -41.77
CA THR B 48 10.84 32.96 -40.64
C THR B 48 10.31 34.05 -39.72
N ASP B 49 9.26 33.71 -38.96
CA ASP B 49 8.78 34.64 -37.95
C ASP B 49 9.87 34.91 -36.95
N ILE B 50 10.58 33.86 -36.56
CA ILE B 50 11.56 33.97 -35.49
C ILE B 50 12.74 34.84 -35.91
N GLY B 51 13.24 34.64 -37.13
CA GLY B 51 14.33 35.46 -37.63
C GLY B 51 13.94 36.91 -37.77
N THR B 52 12.75 37.17 -38.31
CA THR B 52 12.30 38.54 -38.51
C THR B 52 12.24 39.29 -37.19
N GLN B 53 11.72 38.64 -36.13
CA GLN B 53 11.61 39.29 -34.82
C GLN B 53 12.97 39.60 -34.21
N ASN B 54 13.99 38.80 -34.51
CA ASN B 54 15.29 38.99 -33.88
C ASN B 54 16.28 39.73 -34.77
N ASN B 55 15.91 40.02 -36.02
CA ASN B 55 16.79 40.68 -36.98
C ASN B 55 18.03 39.83 -37.20
N ALA B 56 17.80 38.55 -37.44
CA ALA B 56 18.86 37.54 -37.50
C ALA B 56 18.52 36.59 -38.63
N ALA B 57 19.35 36.57 -39.65
CA ALA B 57 19.02 35.84 -40.87
C ALA B 57 18.83 34.35 -40.61
N SER B 58 17.91 33.75 -41.36
CA SER B 58 17.64 32.33 -41.23
C SER B 58 17.70 31.66 -42.59
N PHE B 59 18.17 30.41 -42.59
CA PHE B 59 18.36 29.60 -43.79
C PHE B 59 17.96 28.17 -43.50
N GLN B 60 17.42 27.50 -44.51
CA GLN B 60 17.15 26.06 -44.44
C GLN B 60 18.37 25.31 -45.00
N LEU B 61 18.87 24.31 -44.25
CA LEU B 61 20.06 23.56 -44.67
C LEU B 61 19.74 22.09 -44.91
N LEU B 62 19.89 21.67 -46.16
CA LEU B 62 19.89 20.26 -46.55
C LEU B 62 21.24 19.66 -46.20
N TYR B 63 21.23 18.64 -45.32
CA TYR B 63 22.48 18.08 -44.81
C TYR B 63 22.40 16.55 -44.83
N ARG B 64 23.57 15.94 -44.71
CA ARG B 64 23.68 14.48 -44.78
C ARG B 64 23.81 13.90 -43.38
N THR B 65 22.98 12.91 -43.10
CA THR B 65 22.95 12.25 -41.80
C THR B 65 22.89 10.75 -42.08
N THR B 66 22.65 9.98 -41.02
CA THR B 66 22.49 8.55 -41.10
C THR B 66 21.10 8.20 -40.58
N ASP B 67 20.64 6.99 -40.86
CA ASP B 67 19.30 6.61 -40.42
C ASP B 67 19.40 5.44 -39.46
N THR B 68 18.25 4.78 -39.25
CA THR B 68 18.14 3.69 -38.30
C THR B 68 18.76 2.38 -38.82
N GLN B 69 19.04 2.28 -40.11
CA GLN B 69 19.73 1.10 -40.63
C GLN B 69 21.13 1.41 -41.17
N ASN B 70 21.71 2.56 -40.79
CA ASN B 70 23.03 3.00 -41.26
C ASN B 70 23.12 3.22 -42.77
N ASN B 71 22.00 3.30 -43.48
CA ASN B 71 22.01 3.81 -44.84
C ASN B 71 22.16 5.33 -44.77
N ALA B 72 22.94 5.90 -45.68
CA ALA B 72 23.26 7.33 -45.60
C ALA B 72 22.13 8.12 -46.23
N THR B 73 21.54 9.02 -45.47
CA THR B 73 20.38 9.77 -45.97
C THR B 73 20.65 11.26 -45.74
N ALA B 74 19.57 12.05 -45.76
CA ALA B 74 19.63 13.49 -45.58
C ALA B 74 18.43 13.97 -44.80
N SER B 75 18.57 15.19 -44.28
CA SER B 75 17.50 15.93 -43.64
C SER B 75 17.70 17.42 -43.81
N VAL B 76 16.74 18.18 -43.30
CA VAL B 76 16.73 19.63 -43.41
C VAL B 76 16.78 20.19 -42.00
N ALA B 77 17.41 21.35 -41.86
CA ALA B 77 17.41 22.04 -40.59
C ALA B 77 17.39 23.54 -40.83
N THR B 78 16.47 24.24 -40.18
CA THR B 78 16.47 25.69 -40.24
C THR B 78 17.51 26.22 -39.25
N VAL B 79 18.21 27.30 -39.60
CA VAL B 79 19.20 27.88 -38.69
C VAL B 79 18.96 29.38 -38.59
N TRP B 80 19.49 29.99 -37.53
CA TRP B 80 19.33 31.41 -37.26
C TRP B 80 20.66 32.03 -36.89
N ILE B 81 21.10 33.04 -37.63
CA ILE B 81 22.40 33.65 -37.43
C ILE B 81 22.20 34.97 -36.68
N PRO B 82 22.67 35.10 -35.43
CA PRO B 82 22.41 36.34 -34.71
C PRO B 82 23.21 37.48 -35.31
N SER B 83 22.59 38.67 -35.36
CA SER B 83 23.23 39.81 -36.01
C SER B 83 24.38 40.37 -35.16
N LYS B 84 24.39 40.07 -33.85
CA LYS B 84 25.44 40.51 -32.93
C LYS B 84 25.92 39.28 -32.16
N PRO B 85 26.79 38.49 -32.78
CA PRO B 85 27.10 37.16 -32.26
C PRO B 85 28.03 37.15 -31.04
N ALA B 86 27.85 36.12 -30.22
CA ALA B 86 28.64 35.92 -29.00
C ALA B 86 30.02 35.33 -29.30
N SER B 87 31.00 35.74 -28.48
CA SER B 87 32.38 35.28 -28.55
C SER B 87 32.81 34.67 -27.22
N PRO B 88 33.37 33.45 -27.20
CA PRO B 88 33.61 32.56 -28.33
C PRO B 88 32.28 31.99 -28.79
N PRO B 89 32.18 31.53 -30.03
CA PRO B 89 30.89 31.08 -30.55
C PRO B 89 30.19 30.05 -29.67
N LYS B 90 28.87 30.19 -29.59
CA LYS B 90 28.00 29.30 -28.83
C LYS B 90 26.79 28.92 -29.68
N ILE B 91 26.32 27.69 -29.49
CA ILE B 91 25.29 27.09 -30.32
C ILE B 91 24.16 26.62 -29.44
N PHE B 92 22.94 26.92 -29.84
CA PHE B 92 21.75 26.47 -29.14
C PHE B 92 20.97 25.56 -30.09
N SER B 93 20.56 24.40 -29.63
CA SER B 93 19.83 23.46 -30.47
C SER B 93 18.48 23.12 -29.86
N TYR B 94 17.43 23.81 -30.31
CA TYR B 94 16.07 23.54 -29.87
C TYR B 94 15.48 22.39 -30.67
N GLN B 95 14.88 21.42 -29.99
CA GLN B 95 14.26 20.26 -30.64
C GLN B 95 12.75 20.39 -30.54
N VAL B 96 12.08 20.55 -31.68
CA VAL B 96 10.64 20.76 -31.66
C VAL B 96 9.91 19.43 -31.48
N TYR B 97 8.73 19.51 -30.87
CA TYR B 97 7.90 18.34 -30.67
C TYR B 97 6.89 18.22 -31.80
N GLU B 98 7.41 17.81 -32.96
CA GLU B 98 6.56 17.55 -34.10
C GLU B 98 5.42 16.60 -33.75
N ASP B 99 5.76 15.44 -33.22
CA ASP B 99 4.75 14.48 -32.74
C ASP B 99 3.72 14.18 -33.83
N ALA B 100 4.20 14.11 -35.08
CA ALA B 100 3.36 13.83 -36.24
C ALA B 100 4.14 13.02 -37.26
N THR B 101 3.42 12.14 -37.96
CA THR B 101 4.06 11.32 -38.98
C THR B 101 3.70 11.80 -40.40
N GLN B 102 4.07 13.05 -40.69
CA GLN B 102 3.86 13.62 -42.01
C GLN B 102 4.90 14.69 -42.29
N LEU B 103 5.42 14.68 -43.52
CA LEU B 103 6.50 15.58 -43.88
C LEU B 103 6.05 17.03 -43.90
N ASP B 104 4.76 17.30 -44.17
CA ASP B 104 4.38 18.71 -44.11
C ASP B 104 4.14 19.19 -42.66
N CYS B 105 4.36 18.35 -41.64
CA CYS B 105 4.44 18.80 -40.25
C CYS B 105 5.86 19.01 -39.76
N ALA B 106 6.84 18.94 -40.63
CA ALA B 106 8.23 19.07 -40.24
C ALA B 106 8.55 20.49 -39.77
N PRO B 107 9.43 20.63 -38.81
CA PRO B 107 9.77 21.97 -38.31
C PRO B 107 10.11 22.98 -39.39
N SER B 108 11.10 22.68 -40.23
CA SER B 108 11.63 23.63 -41.22
C SER B 108 10.55 24.39 -41.99
N TYR B 109 9.51 23.68 -42.46
CA TYR B 109 8.45 24.26 -43.29
C TYR B 109 7.58 25.21 -42.50
N ASN B 110 7.23 24.81 -41.27
CA ASN B 110 6.30 25.51 -40.41
C ASN B 110 6.96 26.71 -39.69
N TYR B 111 8.28 26.75 -39.63
CA TYR B 111 8.99 27.93 -39.15
C TYR B 111 8.80 29.15 -40.06
N LEU B 112 8.62 28.91 -41.34
CA LEU B 112 8.54 29.95 -42.35
C LEU B 112 7.42 30.93 -42.04
N SER B 113 7.71 32.23 -42.14
CA SER B 113 6.66 33.24 -42.04
C SER B 113 5.52 32.87 -42.96
N GLY B 114 4.32 32.72 -42.42
CA GLY B 114 3.21 32.33 -43.25
C GLY B 114 2.14 31.59 -42.48
N PHE B 115 0.96 31.49 -43.09
CA PHE B 115 -0.20 30.93 -42.41
C PHE B 115 -0.80 29.71 -43.10
N ASP B 116 -0.22 29.24 -44.20
CA ASP B 116 -0.89 28.17 -44.91
C ASP B 116 -0.24 26.80 -44.69
N GLN B 117 0.70 26.67 -43.71
CA GLN B 117 1.29 25.39 -43.28
C GLN B 117 0.46 24.78 -42.15
N PRO B 118 0.20 23.47 -42.16
CA PRO B 118 -0.75 22.92 -41.18
C PRO B 118 -0.22 22.86 -39.75
N GLY B 119 0.98 22.29 -39.59
CA GLY B 119 1.52 22.11 -38.25
C GLY B 119 2.25 23.34 -37.78
N LYS B 120 1.61 24.49 -37.99
CA LYS B 120 2.19 25.76 -37.62
C LYS B 120 2.18 25.93 -36.10
N GLY B 121 1.34 25.17 -35.40
CA GLY B 121 1.15 25.42 -33.98
C GLY B 121 2.33 24.99 -33.15
N THR B 122 3.03 23.95 -33.58
CA THR B 122 4.12 23.39 -32.80
C THR B 122 5.28 24.36 -32.58
N VAL B 123 5.49 25.30 -33.50
CA VAL B 123 6.63 26.23 -33.43
C VAL B 123 6.28 27.60 -32.89
N ILE B 124 5.04 27.83 -32.46
CA ILE B 124 4.62 29.19 -32.12
C ILE B 124 4.28 29.41 -30.66
N THR B 125 4.12 28.34 -29.87
CA THR B 125 3.72 28.54 -28.47
C THR B 125 4.94 28.98 -27.67
N ASP B 126 5.77 28.04 -27.22
CA ASP B 126 6.93 28.38 -26.42
C ASP B 126 8.21 28.51 -27.24
N THR B 127 8.27 27.84 -28.39
CA THR B 127 9.48 27.80 -29.19
C THR B 127 10.06 29.17 -29.53
N PRO B 128 9.30 30.14 -30.03
CA PRO B 128 9.93 31.41 -30.42
C PRO B 128 10.60 32.11 -29.28
N ILE B 129 10.16 31.85 -28.05
CA ILE B 129 10.80 32.49 -26.91
C ILE B 129 12.20 31.93 -26.72
N ALA B 130 12.29 30.59 -26.66
CA ALA B 130 13.58 29.94 -26.45
C ALA B 130 14.58 30.40 -27.49
N ILE B 131 14.18 30.29 -28.76
CA ILE B 131 15.06 30.58 -29.88
C ILE B 131 15.41 32.07 -29.91
N SER B 132 14.45 32.93 -29.54
CA SER B 132 14.75 34.35 -29.40
C SER B 132 15.73 34.56 -28.26
N TRP B 133 15.49 33.87 -27.15
CA TRP B 133 16.42 33.85 -26.04
C TRP B 133 17.83 33.56 -26.53
N ALA B 134 18.00 32.44 -27.24
CA ALA B 134 19.34 32.06 -27.68
C ALA B 134 19.94 33.13 -28.57
N LEU B 135 19.16 33.62 -29.52
CA LEU B 135 19.67 34.62 -30.44
C LEU B 135 19.96 35.93 -29.74
N GLN B 136 19.09 36.35 -28.82
CA GLN B 136 19.39 37.59 -28.13
C GLN B 136 20.55 37.45 -27.16
N GLN B 137 20.84 36.21 -26.73
CA GLN B 137 22.06 35.93 -25.98
C GLN B 137 23.32 35.96 -26.85
N GLY B 138 23.16 36.10 -28.17
CA GLY B 138 24.26 36.07 -29.10
C GLY B 138 24.60 34.70 -29.57
N TYR B 139 23.77 33.72 -29.30
CA TYR B 139 24.08 32.34 -29.62
C TYR B 139 23.53 32.01 -30.99
N TYR B 140 24.15 31.03 -31.61
CA TYR B 140 23.66 30.45 -32.86
C TYR B 140 22.55 29.45 -32.57
N ALA B 141 21.50 29.50 -33.37
CA ALA B 141 20.32 28.66 -33.16
C ALA B 141 20.17 27.69 -34.33
N VAL B 142 19.80 26.45 -34.02
CA VAL B 142 19.60 25.43 -35.04
C VAL B 142 18.40 24.59 -34.63
N SER B 143 17.55 24.24 -35.57
CA SER B 143 16.49 23.30 -35.26
C SER B 143 16.29 22.37 -36.45
N SER B 144 16.63 21.09 -36.26
CA SER B 144 16.62 20.12 -37.34
C SER B 144 15.30 19.37 -37.33
N ASP B 145 14.81 19.05 -38.51
CA ASP B 145 13.64 18.21 -38.63
C ASP B 145 14.03 16.81 -38.17
N HIS B 146 14.21 16.66 -36.86
CA HIS B 146 14.82 15.46 -36.31
C HIS B 146 14.15 14.20 -36.81
N GLU B 147 12.91 14.32 -37.28
CA GLU B 147 12.16 13.13 -37.78
C GLU B 147 12.66 12.80 -39.19
N GLY B 148 13.15 13.79 -39.93
CA GLY B 148 13.74 13.53 -41.27
C GLY B 148 12.73 13.43 -42.38
N PHE B 149 13.19 13.09 -43.59
CA PHE B 149 12.31 12.93 -44.77
C PHE B 149 11.35 11.80 -44.46
N ARG B 150 11.85 10.78 -43.77
CA ARG B 150 11.00 9.64 -43.36
C ARG B 150 9.90 10.20 -42.45
N SER B 151 10.23 11.19 -41.62
CA SER B 151 9.26 11.75 -40.64
C SER B 151 8.87 10.66 -39.64
N ALA B 152 9.82 9.75 -39.37
CA ALA B 152 9.57 8.73 -38.34
C ALA B 152 9.43 9.46 -37.01
N PHE B 153 8.48 9.03 -36.18
CA PHE B 153 8.22 9.74 -34.89
C PHE B 153 8.50 8.77 -33.76
N ILE B 154 9.27 9.20 -32.75
CA ILE B 154 9.56 8.36 -31.54
C ILE B 154 10.68 7.35 -31.86
N ALA B 155 11.29 7.44 -33.04
CA ALA B 155 12.46 6.56 -33.29
C ALA B 155 13.70 7.34 -32.89
N GLY B 156 14.32 6.95 -31.77
CA GLY B 156 15.47 7.71 -31.26
C GLY B 156 16.67 7.72 -32.16
N TYR B 157 17.02 6.59 -32.77
CA TYR B 157 18.29 6.56 -33.52
C TYR B 157 18.27 7.53 -34.69
N GLU B 158 17.17 7.58 -35.45
CA GLU B 158 17.12 8.58 -36.54
C GLU B 158 17.16 9.98 -35.94
N GLU B 159 16.39 10.21 -34.87
CA GLU B 159 16.33 11.57 -34.28
C GLU B 159 17.70 11.97 -33.73
N GLY B 160 18.38 11.05 -33.06
CA GLY B 160 19.65 11.42 -32.41
C GLY B 160 20.69 11.84 -33.43
N MET B 161 20.80 11.11 -34.54
CA MET B 161 21.87 11.42 -35.52
C MET B 161 21.49 12.70 -36.24
N ALA B 162 20.22 12.80 -36.62
CA ALA B 162 19.76 13.97 -37.37
C ALA B 162 20.03 15.27 -36.60
N ILE B 163 19.75 15.27 -35.29
CA ILE B 163 19.93 16.50 -34.53
C ILE B 163 21.40 16.82 -34.38
N LEU B 164 22.20 15.80 -34.05
CA LEU B 164 23.63 16.03 -33.89
C LEU B 164 24.23 16.57 -35.17
N ASP B 165 23.96 15.90 -36.29
CA ASP B 165 24.50 16.34 -37.55
C ASP B 165 23.99 17.72 -37.91
N GLY B 166 22.73 18.00 -37.56
CA GLY B 166 22.22 19.35 -37.67
C GLY B 166 23.15 20.36 -37.02
N VAL B 167 23.69 20.03 -35.85
CA VAL B 167 24.64 20.95 -35.23
C VAL B 167 25.95 20.95 -36.01
N ARG B 168 26.45 19.76 -36.37
CA ARG B 168 27.60 19.69 -37.25
C ARG B 168 27.37 20.58 -38.46
N ALA B 169 26.25 20.37 -39.15
CA ALA B 169 25.92 21.19 -40.31
C ALA B 169 25.98 22.67 -39.98
N LEU B 170 25.54 23.06 -38.78
CA LEU B 170 25.59 24.48 -38.46
C LEU B 170 27.03 24.95 -38.37
N LYS B 171 27.91 24.14 -37.75
CA LYS B 171 29.33 24.47 -37.71
C LYS B 171 29.96 24.51 -39.10
N ASN B 172 29.61 23.56 -39.96
CA ASN B 172 30.10 23.58 -41.33
C ASN B 172 29.68 24.87 -42.03
N TYR B 173 28.36 25.11 -42.07
CA TYR B 173 27.80 26.19 -42.89
C TYR B 173 28.46 27.53 -42.61
N LYS B 174 28.78 27.80 -41.36
CA LYS B 174 29.30 29.08 -40.94
C LYS B 174 30.79 29.05 -40.63
N SER B 175 31.45 27.91 -40.78
CA SER B 175 32.85 27.78 -40.43
C SER B 175 33.05 28.09 -38.94
N LEU B 176 32.20 27.46 -38.11
CA LEU B 176 32.30 27.59 -36.67
C LEU B 176 33.47 26.75 -36.14
N PRO B 177 34.24 27.27 -35.16
CA PRO B 177 35.32 26.47 -34.59
C PRO B 177 34.85 25.08 -34.16
N SER B 178 35.77 24.11 -34.23
CA SER B 178 35.44 22.73 -33.95
C SER B 178 35.23 22.48 -32.46
N ASN B 179 35.68 23.40 -31.60
CA ASN B 179 35.42 23.33 -30.17
C ASN B 179 34.20 24.15 -29.74
N SER B 180 33.30 24.51 -30.66
CA SER B 180 32.19 25.39 -30.33
C SER B 180 31.25 24.77 -29.31
N ALA B 181 30.84 25.59 -28.33
CA ALA B 181 30.00 25.14 -27.23
C ALA B 181 28.57 24.97 -27.70
N VAL B 182 27.94 23.84 -27.34
CA VAL B 182 26.67 23.40 -27.93
C VAL B 182 25.67 23.07 -26.82
N GLY B 183 24.55 23.79 -26.77
CA GLY B 183 23.53 23.55 -25.77
C GLY B 183 22.23 23.10 -26.42
N PHE B 184 21.43 22.35 -25.65
CA PHE B 184 20.21 21.71 -26.14
C PHE B 184 19.03 22.01 -25.22
N TYR B 185 17.86 22.23 -25.84
CA TYR B 185 16.58 22.37 -25.15
C TYR B 185 15.60 21.43 -25.80
N GLY B 186 14.65 20.90 -25.02
CA GLY B 186 13.59 20.17 -25.71
C GLY B 186 12.50 19.67 -24.80
N TYR B 187 11.23 19.86 -25.18
CA TYR B 187 10.12 19.38 -24.37
C TYR B 187 9.28 18.37 -25.13
N SER B 188 8.74 17.41 -24.37
CA SER B 188 7.86 16.32 -24.85
C SER B 188 8.63 15.56 -25.92
N GLY B 189 8.10 15.41 -27.13
CA GLY B 189 8.83 14.73 -28.20
C GLY B 189 10.15 15.39 -28.51
N GLY B 190 10.26 16.70 -28.28
CA GLY B 190 11.54 17.36 -28.41
C GLY B 190 12.54 16.92 -27.35
N ALA B 191 12.05 16.61 -26.15
CA ALA B 191 12.94 16.00 -25.18
C ALA B 191 13.46 14.65 -25.70
N HIS B 192 12.53 13.73 -26.02
CA HIS B 192 12.92 12.44 -26.58
C HIS B 192 13.92 12.62 -27.70
N ALA B 193 13.69 13.62 -28.56
CA ALA B 193 14.74 14.02 -29.48
C ALA B 193 16.01 14.44 -28.72
N THR B 194 15.89 15.42 -27.81
CA THR B 194 17.09 15.89 -27.11
C THR B 194 17.75 14.76 -26.34
N GLY B 195 16.94 13.84 -25.84
CA GLY B 195 17.48 12.77 -25.01
C GLY B 195 18.17 11.66 -25.77
N TRP B 196 17.77 11.44 -27.01
CA TRP B 196 18.51 10.48 -27.81
C TRP B 196 19.70 11.14 -28.48
N ALA B 197 19.58 12.42 -28.83
CA ALA B 197 20.76 13.14 -29.28
C ALA B 197 21.88 13.01 -28.29
N VAL B 198 21.55 12.98 -26.99
CA VAL B 198 22.60 12.91 -25.96
C VAL B 198 23.08 11.49 -25.75
N SER B 199 22.19 10.49 -25.71
CA SER B 199 22.68 9.11 -25.64
C SER B 199 23.68 8.86 -26.76
N LEU B 200 23.27 9.19 -27.99
CA LEU B 200 24.14 8.95 -29.13
C LEU B 200 25.31 9.91 -29.14
N SER B 201 25.18 11.07 -28.48
CA SER B 201 26.18 12.11 -28.60
C SER B 201 27.60 11.57 -28.42
N GLY B 202 27.78 10.60 -27.52
CA GLY B 202 29.09 10.03 -27.30
C GLY B 202 29.77 9.44 -28.54
N ALA B 203 29.21 8.34 -29.06
CA ALA B 203 29.79 7.69 -30.24
C ALA B 203 29.66 8.55 -31.50
N TYR B 204 28.43 8.98 -31.81
CA TYR B 204 28.10 9.50 -33.13
C TYR B 204 28.64 10.91 -33.36
N ALA B 205 28.91 11.68 -32.32
CA ALA B 205 29.34 13.05 -32.58
C ALA B 205 30.23 13.52 -31.42
N SER B 206 31.33 12.81 -31.21
CA SER B 206 32.28 13.26 -30.21
C SER B 206 33.07 14.50 -30.63
N ASP B 207 32.86 15.03 -31.86
CA ASP B 207 33.44 16.33 -32.17
C ASP B 207 32.64 17.48 -31.56
N LEU B 208 31.42 17.21 -31.10
CA LEU B 208 30.55 18.23 -30.54
C LEU B 208 30.82 18.42 -29.03
N ASN B 209 31.18 19.66 -28.67
CA ASN B 209 31.50 20.07 -27.30
C ASN B 209 30.22 20.46 -26.56
N ILE B 210 29.55 19.45 -26.02
CA ILE B 210 28.18 19.62 -25.53
C ILE B 210 28.23 20.10 -24.08
N ILE B 211 27.97 21.40 -23.89
CA ILE B 211 28.10 22.02 -22.58
C ILE B 211 26.86 21.78 -21.73
N GLY B 212 25.80 21.24 -22.31
CA GLY B 212 24.58 21.02 -21.56
C GLY B 212 23.40 20.61 -22.40
N ALA B 213 22.43 19.97 -21.78
CA ALA B 213 21.24 19.46 -22.47
C ALA B 213 20.05 19.61 -21.54
N ALA B 214 19.18 20.60 -21.80
CA ALA B 214 18.03 20.86 -20.95
C ALA B 214 16.78 20.27 -21.56
N TYR B 215 16.16 19.31 -20.89
CA TYR B 215 14.97 18.72 -21.48
C TYR B 215 14.05 18.11 -20.42
N GLY B 216 12.74 18.36 -20.57
CA GLY B 216 11.75 17.84 -19.66
C GLY B 216 10.68 17.01 -20.37
N GLY B 217 9.93 16.27 -19.57
CA GLY B 217 8.87 15.45 -20.11
C GLY B 217 9.36 14.35 -21.01
N LEU B 218 10.49 13.74 -20.68
CA LEU B 218 11.12 12.76 -21.57
C LEU B 218 10.34 11.44 -21.60
N PRO B 219 9.93 10.97 -22.77
CA PRO B 219 9.37 9.60 -22.85
C PRO B 219 10.47 8.56 -23.04
N ALA B 220 11.17 8.23 -21.96
CA ALA B 220 12.41 7.47 -22.10
C ALA B 220 12.18 6.10 -22.74
N SER B 221 11.20 5.33 -22.28
CA SER B 221 10.89 4.07 -22.92
C SER B 221 9.69 4.27 -23.84
N ALA B 222 9.82 3.79 -25.07
CA ALA B 222 8.72 3.79 -26.03
C ALA B 222 7.55 2.97 -25.52
N LYS B 223 7.77 1.66 -25.34
CA LYS B 223 6.70 0.75 -25.00
C LYS B 223 5.86 1.30 -23.84
N ASP B 224 6.52 1.91 -22.86
CA ASP B 224 5.80 2.48 -21.73
C ASP B 224 4.91 3.64 -22.17
N THR B 225 5.48 4.61 -22.88
CA THR B 225 4.68 5.74 -23.37
C THR B 225 3.49 5.25 -24.19
N PHE B 226 3.66 4.12 -24.89
CA PHE B 226 2.55 3.55 -25.65
C PHE B 226 1.48 3.04 -24.73
N LEU B 227 1.83 2.11 -23.87
CA LEU B 227 0.85 1.52 -22.97
C LEU B 227 0.20 2.58 -22.07
N PHE B 228 0.91 3.66 -21.75
CA PHE B 228 0.33 4.69 -20.91
C PHE B 228 -0.85 5.35 -21.62
N LEU B 229 -0.68 5.69 -22.91
CA LEU B 229 -1.70 6.40 -23.67
C LEU B 229 -2.69 5.46 -24.33
N ASN B 230 -2.22 4.30 -24.79
CA ASN B 230 -3.05 3.32 -25.49
C ASN B 230 -4.33 3.02 -24.73
N ALA B 231 -5.46 3.17 -25.43
CA ALA B 231 -6.80 2.77 -25.01
C ALA B 231 -7.30 3.53 -23.81
N LYS B 232 -6.53 4.47 -23.26
CA LYS B 232 -6.91 5.03 -21.98
C LYS B 232 -6.79 6.54 -21.86
N SER B 233 -6.42 7.25 -22.91
CA SER B 233 -6.33 8.69 -22.73
C SER B 233 -6.98 9.37 -23.93
N PRO B 234 -7.50 10.59 -23.76
CA PRO B 234 -7.95 11.34 -24.93
C PRO B 234 -6.81 11.67 -25.90
N PHE B 235 -5.57 11.39 -25.51
CA PHE B 235 -4.41 11.54 -26.37
C PHE B 235 -3.90 10.20 -26.91
N ALA B 236 -4.74 9.17 -26.88
CA ALA B 236 -4.37 7.87 -27.43
C ALA B 236 -3.99 7.95 -28.90
N GLY B 237 -4.27 9.08 -29.55
CA GLY B 237 -3.80 9.31 -30.90
C GLY B 237 -2.28 9.23 -30.99
N PHE B 238 -1.58 9.59 -29.92
CA PHE B 238 -0.13 9.47 -29.93
C PHE B 238 0.33 8.02 -29.94
N ALA B 239 -0.50 7.10 -29.45
CA ALA B 239 -0.16 5.67 -29.51
C ALA B 239 0.05 5.23 -30.94
N ILE B 240 -0.86 5.62 -31.84
CA ILE B 240 -0.78 5.22 -33.25
C ILE B 240 0.28 6.04 -33.99
N ALA B 241 0.29 7.36 -33.79
CA ALA B 241 1.36 8.19 -34.34
C ALA B 241 2.72 7.65 -33.97
N GLY B 242 2.85 7.09 -32.77
CA GLY B 242 4.09 6.42 -32.40
C GLY B 242 4.33 5.15 -33.18
N VAL B 243 3.34 4.26 -33.23
CA VAL B 243 3.52 3.03 -33.98
C VAL B 243 3.89 3.34 -35.42
N SER B 244 3.16 4.29 -36.02
CA SER B 244 3.43 4.74 -37.38
C SER B 244 4.91 5.09 -37.53
N GLY B 245 5.40 6.03 -36.72
CA GLY B 245 6.78 6.49 -36.88
C GLY B 245 7.83 5.42 -36.72
N LEU B 246 7.57 4.43 -35.85
CA LEU B 246 8.52 3.31 -35.68
C LEU B 246 8.45 2.36 -36.86
N ALA B 247 7.26 2.05 -37.34
CA ALA B 247 7.17 1.25 -38.56
C ALA B 247 7.73 2.03 -39.75
N LEU B 248 7.66 3.36 -39.72
CA LEU B 248 8.28 4.16 -40.76
C LEU B 248 9.79 4.09 -40.70
N ALA B 249 10.38 3.84 -39.52
CA ALA B 249 11.84 3.77 -39.40
C ALA B 249 12.39 2.35 -39.34
N HIS B 250 11.54 1.34 -39.12
CA HIS B 250 11.95 -0.06 -39.03
C HIS B 250 11.16 -0.84 -40.06
N PRO B 251 11.69 -0.95 -41.27
CA PRO B 251 10.88 -1.42 -42.39
C PRO B 251 10.34 -2.83 -42.22
N ASP B 252 10.99 -3.69 -41.45
CA ASP B 252 10.45 -5.02 -41.25
C ASP B 252 9.26 -5.01 -40.31
N MET B 253 9.16 -3.98 -39.46
CA MET B 253 7.96 -3.80 -38.65
C MET B 253 6.78 -3.42 -39.54
N GLU B 254 7.00 -2.49 -40.47
CA GLU B 254 6.01 -2.24 -41.53
C GLU B 254 5.60 -3.54 -42.20
N ALA B 255 6.57 -4.37 -42.58
CA ALA B 255 6.25 -5.63 -43.21
C ALA B 255 5.42 -6.54 -42.30
N PHE B 256 5.60 -6.44 -40.98
CA PHE B 256 4.85 -7.27 -40.05
C PHE B 256 3.45 -6.69 -39.78
N ILE B 257 3.35 -5.37 -39.69
CA ILE B 257 2.07 -4.72 -39.36
C ILE B 257 1.10 -4.79 -40.53
N GLN B 258 1.58 -4.54 -41.75
CA GLN B 258 0.68 -4.36 -42.89
C GLN B 258 -0.26 -5.54 -43.13
N PRO B 259 0.22 -6.78 -43.26
CA PRO B 259 -0.72 -7.89 -43.49
C PRO B 259 -1.63 -8.17 -42.32
N ARG B 260 -1.29 -7.70 -41.12
CA ARG B 260 -2.16 -7.92 -39.97
C ARG B 260 -3.17 -6.78 -39.76
N LEU B 261 -2.95 -5.61 -40.35
CA LEU B 261 -3.94 -4.54 -40.28
C LEU B 261 -5.28 -4.99 -40.83
N ASN B 262 -6.35 -4.71 -40.08
CA ASN B 262 -7.70 -4.96 -40.55
C ASN B 262 -8.29 -3.72 -41.22
N ALA B 263 -9.55 -3.86 -41.64
CA ALA B 263 -10.27 -2.81 -42.37
C ALA B 263 -10.20 -1.46 -41.68
N ARG B 264 -10.66 -1.37 -40.43
CA ARG B 264 -10.58 -0.10 -39.70
C ARG B 264 -9.14 0.34 -39.53
N GLY B 265 -8.24 -0.64 -39.35
CA GLY B 265 -6.83 -0.33 -39.13
C GLY B 265 -6.20 0.38 -40.31
N ARG B 266 -6.45 -0.11 -41.52
CA ARG B 266 -5.83 0.50 -42.69
C ARG B 266 -6.24 1.96 -42.86
N GLN B 267 -7.52 2.30 -42.60
CA GLN B 267 -7.92 3.71 -42.70
C GLN B 267 -7.22 4.57 -41.66
N VAL B 268 -7.07 4.06 -40.44
CA VAL B 268 -6.48 4.88 -39.40
C VAL B 268 -5.02 5.17 -39.68
N LEU B 269 -4.29 4.17 -40.18
CA LEU B 269 -2.88 4.43 -40.44
C LEU B 269 -2.72 5.35 -41.64
N GLN B 270 -3.51 5.15 -42.69
CA GLN B 270 -3.46 6.04 -43.84
C GLN B 270 -3.79 7.47 -43.44
N GLN B 271 -4.77 7.65 -42.56
CA GLN B 271 -5.12 8.99 -42.13
C GLN B 271 -4.00 9.61 -41.32
N ILE B 272 -3.46 8.88 -40.35
CA ILE B 272 -2.45 9.46 -39.46
C ILE B 272 -1.18 9.83 -40.21
N ARG B 273 -0.97 9.28 -41.41
CA ARG B 273 0.19 9.57 -42.26
C ARG B 273 -0.08 10.62 -43.34
N SER B 274 -1.35 10.95 -43.59
CA SER B 274 -1.70 11.85 -44.68
C SER B 274 -1.11 13.25 -44.53
N ARG B 275 -1.36 14.12 -45.49
CA ARG B 275 -0.91 15.49 -45.40
C ARG B 275 -1.72 16.23 -44.34
N GLY B 276 -1.13 17.28 -43.79
CA GLY B 276 -1.88 18.12 -42.87
C GLY B 276 -2.35 17.46 -41.58
N GLN B 277 -1.97 16.19 -41.35
CA GLN B 277 -2.25 15.49 -40.10
C GLN B 277 -1.12 15.70 -39.12
N CYS B 278 -1.10 16.89 -38.54
CA CYS B 278 -0.07 17.34 -37.61
C CYS B 278 -0.47 17.14 -36.13
N ILE B 279 0.29 17.80 -35.23
CA ILE B 279 0.19 17.50 -33.81
C ILE B 279 -1.22 17.81 -33.28
N GLY B 280 -1.84 18.89 -33.77
CA GLY B 280 -3.19 19.20 -33.34
C GLY B 280 -4.18 18.10 -33.69
N GLN B 281 -4.07 17.57 -34.92
CA GLN B 281 -4.95 16.47 -35.34
C GLN B 281 -4.61 15.18 -34.63
N VAL B 282 -3.33 14.93 -34.38
CA VAL B 282 -2.94 13.65 -33.81
C VAL B 282 -3.40 13.56 -32.37
N SER B 283 -3.05 14.58 -31.58
CA SER B 283 -3.49 14.70 -30.19
C SER B 283 -4.95 14.27 -29.98
N THR B 284 -5.88 15.01 -30.59
CA THR B 284 -7.31 14.87 -30.36
C THR B 284 -8.02 13.93 -31.33
N GLY B 285 -7.43 13.68 -32.51
CA GLY B 285 -8.16 12.98 -33.55
C GLY B 285 -8.59 11.57 -33.18
N TYR B 286 -7.82 10.90 -32.33
CA TYR B 286 -8.09 9.50 -32.00
C TYR B 286 -8.06 9.37 -30.48
N PRO B 287 -9.10 9.86 -29.80
CA PRO B 287 -9.11 9.77 -28.33
C PRO B 287 -9.57 8.39 -27.90
N PHE B 288 -8.87 7.86 -26.89
CA PHE B 288 -9.17 6.57 -26.27
C PHE B 288 -9.15 5.41 -27.27
N LEU B 289 -8.42 5.57 -28.38
CA LEU B 289 -8.33 4.52 -29.39
C LEU B 289 -7.37 3.43 -28.96
N ASP B 290 -7.85 2.19 -28.92
CA ASP B 290 -6.99 1.04 -28.64
C ASP B 290 -6.37 0.62 -29.97
N THR B 291 -5.07 0.87 -30.12
CA THR B 291 -4.35 0.50 -31.31
C THR B 291 -4.38 -1.01 -31.55
N PHE B 292 -4.53 -1.80 -30.49
CA PHE B 292 -4.62 -3.26 -30.63
C PHE B 292 -5.87 -3.70 -31.36
N SER B 293 -6.94 -2.91 -31.27
CA SER B 293 -8.18 -3.19 -31.99
C SER B 293 -8.04 -3.01 -33.50
N LEU B 294 -7.17 -2.10 -33.94
CA LEU B 294 -6.92 -1.86 -35.35
C LEU B 294 -6.29 -3.06 -36.04
N VAL B 295 -5.64 -3.92 -35.28
CA VAL B 295 -4.84 -5.05 -35.77
C VAL B 295 -5.58 -6.35 -35.52
N ASN B 296 -5.26 -7.34 -36.35
CA ASN B 296 -5.76 -8.70 -36.17
C ASN B 296 -5.25 -9.34 -34.88
N ASP B 297 -4.01 -9.06 -34.49
CA ASP B 297 -3.38 -9.73 -33.34
C ASP B 297 -3.02 -8.74 -32.24
N THR B 298 -3.59 -8.93 -31.03
CA THR B 298 -3.29 -8.06 -29.88
C THR B 298 -1.99 -8.43 -29.18
N ASN B 299 -1.45 -9.62 -29.46
CA ASN B 299 -0.19 -10.16 -28.95
C ASN B 299 1.01 -9.62 -29.72
N LEU B 300 0.75 -8.57 -30.49
CA LEU B 300 1.72 -8.03 -31.45
C LEU B 300 2.98 -7.49 -30.79
N LEU B 301 2.86 -6.90 -29.60
CA LEU B 301 4.05 -6.37 -28.95
C LEU B 301 5.05 -7.44 -28.59
N ASN B 302 4.59 -8.63 -28.22
CA ASN B 302 5.48 -9.71 -27.84
C ASN B 302 6.11 -10.40 -29.05
N GLU B 303 5.57 -10.19 -30.24
CA GLU B 303 6.01 -10.89 -31.43
C GLU B 303 7.16 -10.18 -32.14
N GLU B 304 8.02 -10.98 -32.78
CA GLU B 304 9.10 -10.45 -33.59
C GLU B 304 8.59 -9.86 -34.90
N PRO B 305 9.22 -8.77 -35.38
CA PRO B 305 10.41 -8.10 -34.84
C PRO B 305 10.08 -7.00 -33.86
N ILE B 306 8.80 -6.83 -33.57
CA ILE B 306 8.34 -5.65 -32.84
C ILE B 306 8.95 -5.60 -31.44
N VAL B 307 8.94 -6.74 -30.73
CA VAL B 307 9.46 -6.81 -29.37
C VAL B 307 10.90 -6.33 -29.30
N SER B 308 11.71 -6.71 -30.28
CA SER B 308 13.13 -6.34 -30.30
C SER B 308 13.29 -4.87 -30.65
N ILE B 309 12.47 -4.38 -31.58
CA ILE B 309 12.55 -3.00 -32.02
C ILE B 309 12.21 -2.06 -30.88
N LEU B 310 11.23 -2.44 -30.08
CA LEU B 310 10.91 -1.68 -28.88
C LEU B 310 12.12 -1.60 -27.95
N LYS B 311 12.77 -2.76 -27.70
CA LYS B 311 13.86 -2.84 -26.72
C LYS B 311 15.15 -2.22 -27.21
N ALA B 312 15.23 -1.91 -28.51
CA ALA B 312 16.29 -1.07 -28.98
C ALA B 312 15.91 0.40 -28.95
N GLU B 313 14.62 0.70 -29.04
CA GLU B 313 14.10 2.06 -29.04
C GLU B 313 13.62 2.50 -27.64
N THR B 314 14.44 2.27 -26.59
CA THR B 314 14.18 2.77 -25.25
C THR B 314 15.46 3.24 -24.60
N LEU B 315 15.36 4.25 -23.74
CA LEU B 315 16.50 4.71 -22.95
C LEU B 315 16.53 4.12 -21.53
N VAL B 316 15.55 3.29 -21.18
CA VAL B 316 15.50 2.65 -19.87
C VAL B 316 16.38 1.40 -19.91
N GLN B 317 17.40 1.37 -19.04
CA GLN B 317 18.39 0.29 -19.06
C GLN B 317 17.78 -1.06 -18.67
N SER B 318 16.84 -1.08 -17.74
CA SER B 318 16.28 -2.36 -17.33
C SER B 318 15.44 -3.01 -18.43
N GLU B 319 15.01 -2.21 -19.41
CA GLU B 319 14.30 -2.71 -20.58
C GLU B 319 15.22 -2.98 -21.74
N ALA B 320 16.28 -2.17 -21.86
CA ALA B 320 17.01 -2.06 -23.12
C ALA B 320 17.58 -3.41 -23.54
N GLY B 321 17.70 -3.60 -24.85
CA GLY B 321 18.42 -4.72 -25.41
C GLY B 321 19.83 -4.35 -25.79
N TYR B 322 20.30 -3.20 -25.33
CA TYR B 322 21.62 -2.69 -25.61
C TYR B 322 22.09 -1.97 -24.36
N THR B 323 23.32 -1.49 -24.40
CA THR B 323 23.91 -0.76 -23.28
C THR B 323 23.66 0.74 -23.40
N VAL B 324 22.83 1.28 -22.52
CA VAL B 324 22.51 2.70 -22.68
C VAL B 324 23.70 3.54 -22.22
N PRO B 325 24.18 4.45 -23.06
CA PRO B 325 25.30 5.31 -22.70
C PRO B 325 24.90 6.33 -21.64
N VAL B 326 25.89 6.71 -20.83
CA VAL B 326 25.66 7.65 -19.74
C VAL B 326 26.48 8.93 -19.91
N PRO B 327 25.97 9.92 -20.65
CA PRO B 327 26.74 11.17 -20.83
C PRO B 327 27.01 11.90 -19.52
N LYS B 328 28.22 12.43 -19.43
CA LYS B 328 28.66 13.09 -18.21
C LYS B 328 28.36 14.58 -18.21
N PHE B 329 28.27 15.22 -19.37
CA PHE B 329 28.16 16.68 -19.40
C PHE B 329 26.92 17.14 -18.63
N PRO B 330 26.87 18.42 -18.24
CA PRO B 330 25.73 18.93 -17.49
C PRO B 330 24.40 18.64 -18.17
N ARG B 331 23.43 18.17 -17.40
CA ARG B 331 22.07 17.95 -17.86
C ARG B 331 21.10 18.59 -16.90
N PHE B 332 20.10 19.26 -17.45
CA PHE B 332 18.98 19.78 -16.69
C PHE B 332 17.72 19.05 -17.13
N MET B 333 17.01 18.46 -16.19
CA MET B 333 15.83 17.69 -16.57
C MET B 333 14.70 17.96 -15.59
N TRP B 334 13.48 18.04 -16.12
CA TRP B 334 12.27 18.23 -15.34
C TRP B 334 11.20 17.28 -15.88
N HIS B 335 10.02 17.31 -15.26
CA HIS B 335 8.91 16.42 -15.56
C HIS B 335 7.75 16.67 -14.60
N ALA B 336 6.53 16.61 -15.13
CA ALA B 336 5.35 16.66 -14.28
C ALA B 336 5.22 15.35 -13.52
N LEU B 337 5.19 15.42 -12.19
CA LEU B 337 4.88 14.23 -11.43
C LEU B 337 3.57 13.64 -11.91
N GLU B 338 2.58 14.51 -12.08
CA GLU B 338 1.19 14.23 -12.47
C GLU B 338 1.01 14.17 -13.97
N ASP B 339 1.94 13.60 -14.73
CA ASP B 339 1.90 13.71 -16.19
C ASP B 339 0.83 12.76 -16.76
N GLU B 340 -0.02 13.29 -17.65
CA GLU B 340 -1.17 12.56 -18.19
C GLU B 340 -0.98 12.09 -19.61
N ILE B 341 0.16 12.44 -20.23
CA ILE B 341 0.50 12.15 -21.62
C ILE B 341 1.77 11.30 -21.66
N VAL B 342 2.87 11.86 -21.15
CA VAL B 342 4.16 11.20 -21.05
C VAL B 342 4.34 10.66 -19.62
N PRO B 343 4.40 9.34 -19.42
CA PRO B 343 4.50 8.82 -18.05
C PRO B 343 5.74 9.32 -17.31
N PHE B 344 5.55 9.54 -16.01
CA PHE B 344 6.63 9.96 -15.11
C PHE B 344 7.50 8.80 -14.67
N GLN B 345 6.96 7.58 -14.62
CA GLN B 345 7.73 6.47 -14.06
C GLN B 345 8.97 6.20 -14.88
N PRO B 346 8.90 6.01 -16.21
CA PRO B 346 10.12 5.80 -17.00
C PRO B 346 11.09 6.95 -16.96
N ASP B 347 10.65 8.20 -17.05
CA ASP B 347 11.64 9.29 -17.02
C ASP B 347 12.42 9.29 -15.71
N ALA B 348 11.71 9.20 -14.58
CA ALA B 348 12.38 9.11 -13.28
C ALA B 348 13.37 7.94 -13.23
N GLN B 349 12.95 6.77 -13.74
CA GLN B 349 13.80 5.58 -13.81
C GLN B 349 15.09 5.82 -14.57
N TYR B 350 14.99 6.42 -15.76
CA TYR B 350 16.19 6.76 -16.52
C TYR B 350 17.09 7.67 -15.70
N VAL B 351 16.52 8.69 -15.07
CA VAL B 351 17.35 9.62 -14.32
C VAL B 351 18.12 8.87 -13.23
N LYS B 352 17.41 8.03 -12.46
CA LYS B 352 18.07 7.19 -11.43
C LYS B 352 19.20 6.36 -12.01
N GLU B 353 18.90 5.59 -13.08
CA GLU B 353 19.90 4.72 -13.69
C GLU B 353 21.11 5.53 -14.14
N GLN B 354 20.88 6.69 -14.76
CA GLN B 354 22.00 7.51 -15.22
C GLN B 354 22.77 8.09 -14.04
N CYS B 355 22.06 8.48 -12.97
CA CYS B 355 22.79 8.95 -11.79
C CYS B 355 23.60 7.82 -11.16
N SER B 356 23.05 6.60 -11.14
CA SER B 356 23.76 5.49 -10.51
C SER B 356 25.07 5.18 -11.19
N LYS B 357 25.21 5.57 -12.45
CA LYS B 357 26.44 5.44 -13.22
C LYS B 357 27.14 6.78 -13.41
N GLY B 358 26.97 7.72 -12.49
CA GLY B 358 27.75 8.93 -12.52
C GLY B 358 27.32 10.03 -13.47
N ALA B 359 26.02 10.21 -13.68
CA ALA B 359 25.55 11.31 -14.49
C ALA B 359 25.66 12.63 -13.74
N ASP B 360 25.40 13.72 -14.43
CA ASP B 360 25.33 15.04 -13.82
C ASP B 360 23.97 15.66 -14.13
N ILE B 361 22.93 15.14 -13.48
CA ILE B 361 21.53 15.46 -13.79
C ILE B 361 20.96 16.36 -12.70
N ASN B 362 20.64 17.60 -13.06
CA ASN B 362 19.85 18.43 -12.17
C ASN B 362 18.40 18.04 -12.42
N TRP B 363 17.80 17.38 -11.44
CA TRP B 363 16.51 16.75 -11.59
C TRP B 363 15.49 17.63 -10.90
N ASN B 364 14.43 18.01 -11.59
CA ASN B 364 13.38 18.84 -11.02
C ASN B 364 12.04 18.15 -11.21
N ILE B 365 11.31 17.95 -10.11
CA ILE B 365 10.00 17.32 -10.15
C ILE B 365 8.98 18.40 -9.80
N TYR B 366 7.87 18.40 -10.55
CA TYR B 366 6.78 19.34 -10.32
C TYR B 366 5.58 18.61 -9.74
N PRO B 367 5.22 18.93 -8.53
CA PRO B 367 4.20 18.17 -7.81
C PRO B 367 2.83 18.50 -8.32
N VAL B 368 2.57 19.79 -8.47
CA VAL B 368 1.35 20.31 -9.05
C VAL B 368 1.71 20.60 -10.50
N ALA B 369 1.40 19.66 -11.40
CA ALA B 369 1.80 19.84 -12.76
C ALA B 369 0.92 19.04 -13.69
N GLU B 370 0.86 19.54 -14.92
CA GLU B 370 0.17 18.92 -16.03
C GLU B 370 1.19 18.91 -17.15
N HIS B 371 1.02 18.01 -18.12
CA HIS B 371 1.99 17.99 -19.21
C HIS B 371 2.11 19.37 -19.82
N ILE B 372 0.97 20.05 -19.94
CA ILE B 372 0.93 21.42 -20.46
C ILE B 372 1.59 22.39 -19.48
N SER B 373 1.22 22.27 -18.19
CA SER B 373 1.70 23.21 -17.17
C SER B 373 3.20 23.09 -16.96
N ALA B 374 3.73 21.86 -17.06
CA ALA B 374 5.17 21.66 -16.88
C ALA B 374 5.98 22.26 -18.03
N GLU B 375 5.43 22.29 -19.24
CA GLU B 375 6.13 22.90 -20.37
C GLU B 375 6.56 24.32 -20.03
N LEU B 376 5.73 25.06 -19.31
CA LEU B 376 6.12 26.42 -19.03
C LEU B 376 6.90 26.52 -17.74
N LEU B 377 6.46 25.78 -16.71
CA LEU B 377 7.22 25.62 -15.47
C LEU B 377 8.70 25.35 -15.73
N GLY B 378 9.00 24.41 -16.63
CA GLY B 378 10.37 24.06 -16.89
C GLY B 378 11.13 24.99 -17.80
N LEU B 379 10.45 25.90 -18.51
CA LEU B 379 11.14 26.71 -19.51
C LEU B 379 12.09 27.71 -18.86
N VAL B 380 11.60 28.51 -17.91
CA VAL B 380 12.40 29.59 -17.32
C VAL B 380 13.53 29.06 -16.45
N PRO B 381 13.35 27.97 -15.70
CA PRO B 381 14.51 27.35 -15.05
C PRO B 381 15.54 26.81 -16.03
N ALA B 382 15.10 26.04 -17.04
CA ALA B 382 16.03 25.45 -18.00
C ALA B 382 16.80 26.52 -18.76
N LEU B 383 16.11 27.54 -19.27
CA LEU B 383 16.82 28.60 -19.96
C LEU B 383 17.81 29.31 -19.04
N ALA B 384 17.42 29.56 -17.79
CA ALA B 384 18.36 30.08 -16.81
C ALA B 384 19.55 29.15 -16.66
N TRP B 385 19.28 27.85 -16.53
CA TRP B 385 20.33 26.87 -16.37
C TRP B 385 21.27 26.85 -17.56
N LEU B 386 20.73 26.88 -18.77
CA LEU B 386 21.60 26.79 -19.95
C LEU B 386 22.54 27.98 -20.01
N GLU B 387 22.11 29.18 -19.65
CA GLU B 387 23.05 30.29 -19.79
C GLU B 387 24.28 30.08 -18.94
N THR B 388 24.08 29.51 -17.76
CA THR B 388 25.22 29.21 -16.91
C THR B 388 26.13 28.16 -17.55
N ALA B 389 25.54 27.11 -18.12
CA ALA B 389 26.34 26.04 -18.70
C ALA B 389 27.14 26.50 -19.91
N TYR B 390 26.69 27.56 -20.59
CA TYR B 390 27.52 28.12 -21.65
C TYR B 390 28.73 28.83 -21.07
N ALA B 391 28.56 29.42 -19.88
CA ALA B 391 29.66 30.00 -19.12
C ALA B 391 30.42 28.95 -18.33
N GLY B 392 30.09 27.67 -18.51
CA GLY B 392 30.79 26.60 -17.82
C GLY B 392 30.61 26.62 -16.32
N GLN B 393 29.47 27.11 -15.84
CA GLN B 393 29.23 27.35 -14.42
C GLN B 393 27.83 26.94 -14.04
N ALA B 394 27.37 25.81 -14.59
CA ALA B 394 26.13 25.22 -14.14
C ALA B 394 26.33 24.67 -12.73
N PRO B 395 25.33 24.81 -11.87
CA PRO B 395 25.53 24.56 -10.43
C PRO B 395 25.83 23.10 -10.12
N ARG B 396 26.89 22.89 -9.32
CA ARG B 396 27.18 21.59 -8.72
C ARG B 396 26.01 21.30 -7.80
N VAL B 397 25.14 20.36 -8.16
CA VAL B 397 24.03 20.00 -7.28
C VAL B 397 23.97 18.49 -7.23
N LEU B 398 23.16 18.01 -6.32
CA LEU B 398 23.07 16.59 -6.10
C LEU B 398 22.31 15.92 -7.23
N CYS B 399 22.93 14.92 -7.81
CA CYS B 399 22.31 14.20 -8.91
C CYS B 399 21.14 13.36 -8.40
N GLY B 400 20.01 13.47 -9.09
CA GLY B 400 18.93 12.54 -8.90
C GLY B 400 17.98 12.89 -7.81
N VAL B 401 18.02 14.10 -7.32
CA VAL B 401 17.11 14.57 -6.28
C VAL B 401 16.01 15.32 -7.01
N GLY B 402 14.76 15.14 -6.57
CA GLY B 402 13.69 15.90 -7.19
C GLY B 402 13.91 17.40 -7.16
N VAL B 403 14.74 17.88 -6.24
CA VAL B 403 15.00 19.29 -5.97
C VAL B 403 16.48 19.62 -6.16
N PRO B 404 16.85 20.84 -6.55
CA PRO B 404 18.27 21.21 -6.60
C PRO B 404 18.89 21.30 -5.20
N VAL B 405 19.97 20.55 -4.98
CA VAL B 405 20.68 20.55 -3.70
C VAL B 405 22.16 20.86 -3.85
N PRO B 406 22.57 22.07 -3.56
CA PRO B 406 23.97 22.50 -3.84
C PRO B 406 25.08 21.93 -2.97
N GLN B 407 25.79 20.90 -3.48
CA GLN B 407 26.96 20.20 -2.94
C GLN B 407 28.26 20.99 -3.19
N PRO B 408 29.22 20.98 -2.25
CA PRO B 408 30.47 21.71 -2.46
C PRO B 408 31.38 21.02 -3.46
N SER B 409 32.47 21.70 -3.82
CA SER B 409 33.44 21.18 -4.78
C SER B 409 34.62 20.51 -4.10
N ALA B 410 35.10 19.41 -4.68
CA ALA B 410 36.26 18.73 -4.11
C ALA B 410 37.51 19.60 -4.20
N PHE B 411 37.75 20.20 -5.37
CA PHE B 411 38.90 21.08 -5.55
C PHE B 411 38.79 22.36 -4.74
N THR B 412 37.62 22.60 -4.16
CA THR B 412 37.46 23.66 -3.19
C THR B 412 37.75 23.15 -1.79
N VAL B 413 37.06 22.09 -1.40
CA VAL B 413 37.08 21.60 -0.02
C VAL B 413 38.40 20.90 0.28
N LEU B 414 38.81 20.00 -0.61
CA LEU B 414 39.95 19.16 -0.32
C LEU B 414 41.24 19.77 -0.81
N GLY B 415 41.15 20.65 -1.80
CA GLY B 415 42.32 20.96 -2.58
C GLY B 415 42.54 19.87 -3.61
N ASP B 416 43.56 20.11 -4.43
CA ASP B 416 43.72 19.45 -5.72
C ASP B 416 44.20 18.01 -5.58
N LYS B 417 45.28 17.81 -4.83
CA LYS B 417 45.86 16.48 -4.69
C LYS B 417 44.85 15.52 -4.08
N LEU B 418 44.20 15.96 -3.01
CA LEU B 418 43.18 15.16 -2.36
C LEU B 418 41.96 14.99 -3.24
N ALA B 419 41.59 16.05 -3.98
CA ALA B 419 40.47 15.93 -4.90
C ALA B 419 40.76 14.86 -5.93
N GLN B 420 41.93 14.94 -6.55
CA GLN B 420 42.32 13.96 -7.57
C GLN B 420 42.52 12.59 -6.95
N GLN B 421 43.07 12.56 -5.73
CA GLN B 421 43.15 11.32 -4.98
C GLN B 421 41.77 10.79 -4.64
N PHE B 422 40.85 11.70 -4.28
CA PHE B 422 39.45 11.32 -4.06
C PHE B 422 38.79 10.81 -5.34
N LYS B 423 39.00 11.52 -6.45
CA LYS B 423 38.27 11.15 -7.66
C LYS B 423 38.75 9.79 -8.16
N SER B 424 40.04 9.53 -8.02
CA SER B 424 40.64 8.28 -8.47
C SER B 424 40.14 7.04 -7.70
N LEU B 425 39.32 7.22 -6.67
CA LEU B 425 38.75 6.06 -5.98
C LEU B 425 37.78 5.30 -6.87
N ALA B 426 37.06 6.02 -7.75
CA ALA B 426 36.03 5.42 -8.59
C ALA B 426 36.59 4.28 -9.42
N GLY B 427 35.87 3.16 -9.45
CA GLY B 427 36.35 1.98 -10.14
C GLY B 427 36.93 0.95 -9.20
N GLN B 428 37.65 1.38 -8.16
CA GLN B 428 38.26 0.46 -7.21
C GLN B 428 37.23 -0.09 -6.23
N GLN B 429 37.69 -0.91 -5.28
CA GLN B 429 36.80 -1.53 -4.30
C GLN B 429 36.90 -0.90 -2.91
N SER B 430 35.74 -0.76 -2.25
CA SER B 430 35.76 -0.38 -0.85
C SER B 430 36.10 -1.61 -0.03
N ALA B 431 36.20 -1.41 1.28
CA ALA B 431 36.50 -2.56 2.13
C ALA B 431 35.43 -3.65 2.04
N PHE B 432 34.27 -3.38 1.44
CA PHE B 432 33.19 -4.35 1.44
C PHE B 432 33.21 -5.29 0.24
N GLY B 433 34.16 -5.17 -0.64
CA GLY B 433 34.14 -6.09 -1.76
C GLY B 433 33.46 -5.48 -2.95
N LYS B 434 32.29 -4.87 -2.73
CA LYS B 434 31.66 -4.14 -3.81
C LYS B 434 32.56 -3.01 -4.26
N THR B 435 32.34 -2.55 -5.48
CA THR B 435 33.25 -1.62 -6.13
C THR B 435 32.72 -0.20 -6.04
N PHE B 436 33.61 0.75 -5.77
CA PHE B 436 33.23 2.16 -5.75
C PHE B 436 32.71 2.63 -7.11
N PRO B 437 31.54 3.27 -7.16
CA PRO B 437 31.03 3.84 -8.40
C PRO B 437 31.59 5.24 -8.63
N SER B 438 31.14 5.84 -9.73
CA SER B 438 31.35 7.26 -10.01
C SER B 438 30.46 8.17 -9.13
N ILE B 439 31.10 9.17 -8.55
CA ILE B 439 30.64 9.90 -7.37
C ILE B 439 30.57 11.41 -7.62
N GLN C 16 -9.53 45.19 33.88
CA GLN C 16 -9.74 46.61 33.55
C GLN C 16 -11.17 47.04 33.15
N TYR C 17 -11.80 46.29 32.27
CA TYR C 17 -13.20 46.44 31.88
C TYR C 17 -14.02 45.30 32.43
N PRO C 18 -15.34 45.35 32.32
CA PRO C 18 -16.15 44.24 32.78
C PRO C 18 -16.13 43.14 31.73
N ASP C 19 -16.62 41.98 32.15
CA ASP C 19 -16.95 40.89 31.26
C ASP C 19 -17.60 41.48 30.03
N PRO C 20 -17.15 41.16 28.83
CA PRO C 20 -17.72 41.81 27.63
C PRO C 20 -19.19 41.53 27.44
N ASN C 21 -19.68 40.39 27.91
CA ASN C 21 -21.11 40.11 27.91
C ASN C 21 -21.89 41.21 28.61
N ASP C 22 -21.31 41.80 29.67
CA ASP C 22 -21.93 42.88 30.41
C ASP C 22 -21.46 44.25 29.95
N ASP C 23 -20.42 44.32 29.10
CA ASP C 23 -19.90 45.61 28.68
C ASP C 23 -20.81 46.20 27.62
N PRO C 24 -21.22 47.46 27.77
CA PRO C 24 -22.00 48.11 26.70
C PRO C 24 -21.21 48.33 25.43
N PHE C 25 -19.88 48.29 25.49
CA PHE C 25 -19.04 48.46 24.31
C PHE C 25 -19.29 47.36 23.29
N TYR C 26 -19.50 46.14 23.76
CA TYR C 26 -19.67 44.97 22.90
C TYR C 26 -21.14 44.83 22.49
N ARG C 27 -21.64 45.88 21.85
CA ARG C 27 -23.04 45.93 21.41
C ARG C 27 -23.16 46.54 20.03
N VAL C 28 -24.06 45.96 19.25
CA VAL C 28 -24.30 46.40 17.89
C VAL C 28 -25.24 47.60 17.99
N PRO C 29 -24.81 48.81 17.61
CA PRO C 29 -25.70 49.97 17.72
C PRO C 29 -26.91 49.79 16.82
N ALA C 30 -27.95 50.53 17.17
CA ALA C 30 -29.22 50.48 16.45
C ALA C 30 -29.12 51.12 15.07
N ASN C 31 -28.30 52.17 14.95
CA ASN C 31 -28.05 52.89 13.70
C ASN C 31 -26.96 52.23 12.86
N ILE C 32 -26.84 50.89 12.95
CA ILE C 32 -25.73 50.16 12.36
C ILE C 32 -25.61 50.40 10.86
N ASN C 33 -26.75 50.66 10.18
CA ASN C 33 -26.73 50.75 8.72
C ASN C 33 -26.28 52.11 8.24
N THR C 34 -26.19 53.09 9.13
CA THR C 34 -25.61 54.38 8.74
C THR C 34 -24.10 54.25 8.51
N TYR C 35 -23.47 53.29 9.17
CA TYR C 35 -22.04 53.12 9.06
C TYR C 35 -21.69 52.26 7.85
N ALA C 36 -20.60 52.64 7.18
CA ALA C 36 -20.07 51.84 6.10
C ALA C 36 -19.28 50.66 6.66
N ASN C 37 -18.99 49.69 5.80
CA ASN C 37 -18.15 48.56 6.18
C ASN C 37 -16.73 49.04 6.47
N GLY C 38 -16.27 48.79 7.70
CA GLY C 38 -15.00 49.29 8.16
C GLY C 38 -15.00 50.71 8.69
N GLN C 39 -16.12 51.22 9.15
CA GLN C 39 -16.19 52.54 9.77
C GLN C 39 -16.26 52.38 11.29
N VAL C 40 -15.58 53.27 12.01
CA VAL C 40 -15.54 53.15 13.46
C VAL C 40 -16.79 53.77 14.10
N ILE C 41 -17.45 52.98 14.93
CA ILE C 41 -18.60 53.42 15.69
C ILE C 41 -18.15 54.22 16.93
N GLN C 42 -17.29 53.63 17.77
CA GLN C 42 -16.63 54.37 18.84
C GLN C 42 -15.39 53.59 19.28
N SER C 43 -14.50 54.30 19.98
CA SER C 43 -13.21 53.79 20.39
C SER C 43 -13.06 53.87 21.90
N ARG C 44 -12.04 53.18 22.43
CA ARG C 44 -11.74 53.35 23.85
C ARG C 44 -10.33 52.84 24.17
N SER C 45 -9.78 53.40 25.24
CA SER C 45 -8.48 52.98 25.74
C SER C 45 -8.49 51.52 26.12
N ALA C 46 -7.36 50.86 25.89
CA ALA C 46 -7.16 49.51 26.33
C ALA C 46 -5.75 49.50 26.86
N THR C 47 -5.59 49.18 28.13
CA THR C 47 -4.27 48.98 28.68
C THR C 47 -4.02 47.47 28.61
N THR C 48 -3.13 47.10 27.70
CA THR C 48 -2.83 45.73 27.37
C THR C 48 -1.40 45.40 27.76
N ASP C 49 -1.16 44.12 28.04
CA ASP C 49 0.22 43.74 28.29
C ASP C 49 1.08 43.94 27.05
N ILE C 50 0.53 43.64 25.87
CA ILE C 50 1.35 43.76 24.67
C ILE C 50 1.70 45.22 24.42
N GLY C 51 0.75 46.11 24.67
CA GLY C 51 1.05 47.51 24.48
C GLY C 51 2.13 48.00 25.42
N THR C 52 2.02 47.64 26.71
CA THR C 52 3.00 48.10 27.70
C THR C 52 4.39 47.56 27.38
N GLN C 53 4.46 46.32 26.88
CA GLN C 53 5.75 45.69 26.62
C GLN C 53 6.51 46.43 25.53
N ASN C 54 5.80 46.91 24.51
CA ASN C 54 6.42 47.48 23.33
C ASN C 54 6.42 49.00 23.30
N ASN C 55 5.84 49.66 24.31
CA ASN C 55 5.73 51.12 24.37
C ASN C 55 4.88 51.66 23.20
N ALA C 56 3.69 51.08 23.03
CA ALA C 56 2.83 51.38 21.90
C ALA C 56 1.38 51.45 22.35
N ALA C 57 0.76 52.64 22.25
CA ALA C 57 -0.60 52.83 22.76
C ALA C 57 -1.61 51.93 22.05
N SER C 58 -2.55 51.39 22.81
CA SER C 58 -3.51 50.45 22.27
C SER C 58 -4.93 50.88 22.58
N PHE C 59 -5.84 50.63 21.64
CA PHE C 59 -7.24 51.00 21.78
C PHE C 59 -8.11 49.90 21.20
N GLN C 60 -9.29 49.74 21.80
CA GLN C 60 -10.31 48.84 21.26
C GLN C 60 -11.17 49.65 20.32
N LEU C 61 -11.36 49.11 19.13
CA LEU C 61 -12.15 49.76 18.09
C LEU C 61 -13.40 48.95 17.87
N LEU C 62 -14.54 49.51 18.28
CA LEU C 62 -15.85 49.03 17.85
C LEU C 62 -16.08 49.60 16.47
N TYR C 63 -16.26 48.72 15.50
CA TYR C 63 -16.35 49.12 14.11
C TYR C 63 -17.48 48.32 13.51
N ARG C 64 -17.88 48.71 12.31
CA ARG C 64 -19.02 48.13 11.63
C ARG C 64 -18.51 47.10 10.62
N THR C 65 -19.14 45.94 10.61
CA THR C 65 -18.83 44.86 9.68
C THR C 65 -20.12 44.26 9.12
N THR C 66 -19.96 43.18 8.36
CA THR C 66 -21.06 42.40 7.82
C THR C 66 -20.92 40.97 8.29
N ASP C 67 -22.01 40.21 8.23
CA ASP C 67 -21.96 38.85 8.76
C ASP C 67 -22.27 37.77 7.75
N THR C 68 -22.58 36.57 8.25
CA THR C 68 -22.81 35.42 7.39
C THR C 68 -24.16 35.51 6.66
N GLN C 69 -25.07 36.37 7.07
CA GLN C 69 -26.31 36.56 6.33
C GLN C 69 -26.40 37.93 5.69
N ASN C 70 -25.28 38.61 5.53
CA ASN C 70 -25.21 39.95 4.96
C ASN C 70 -26.02 40.97 5.75
N ASN C 71 -26.50 40.62 6.93
CA ASN C 71 -27.11 41.63 7.78
C ASN C 71 -25.97 42.40 8.43
N ALA C 72 -26.17 43.70 8.64
CA ALA C 72 -25.13 44.61 9.08
C ALA C 72 -24.91 44.56 10.58
N THR C 73 -23.71 44.21 11.01
CA THR C 73 -23.40 43.99 12.42
C THR C 73 -22.18 44.81 12.84
N ALA C 74 -21.58 44.40 13.96
CA ALA C 74 -20.38 45.03 14.49
C ALA C 74 -19.51 43.99 15.15
N SER C 75 -18.23 44.37 15.32
CA SER C 75 -17.29 43.65 16.17
C SER C 75 -16.23 44.62 16.66
N VAL C 76 -15.32 44.11 17.50
CA VAL C 76 -14.25 44.88 18.11
C VAL C 76 -12.92 44.32 17.60
N ALA C 77 -11.93 45.20 17.51
CA ALA C 77 -10.58 44.79 17.19
C ALA C 77 -9.63 45.68 17.99
N THR C 78 -8.67 45.07 18.69
CA THR C 78 -7.67 45.87 19.40
C THR C 78 -6.63 46.33 18.40
N VAL C 79 -6.12 47.54 18.59
CA VAL C 79 -5.07 48.01 17.70
C VAL C 79 -3.92 48.55 18.55
N TRP C 80 -2.70 48.52 17.98
CA TRP C 80 -1.49 48.99 18.65
C TRP C 80 -0.74 49.92 17.71
N ILE C 81 -0.52 51.15 18.16
CA ILE C 81 0.07 52.21 17.36
C ILE C 81 1.53 52.34 17.78
N PRO C 82 2.50 52.06 16.90
CA PRO C 82 3.90 52.09 17.28
C PRO C 82 4.42 53.49 17.54
N SER C 83 5.39 53.59 18.46
CA SER C 83 5.88 54.89 18.90
C SER C 83 6.71 55.60 17.85
N LYS C 84 7.30 54.84 16.92
CA LYS C 84 8.10 55.39 15.81
C LYS C 84 7.66 54.62 14.58
N PRO C 85 6.52 55.01 13.96
CA PRO C 85 5.90 54.15 12.96
C PRO C 85 6.68 54.12 11.66
N ALA C 86 6.60 52.99 10.97
CA ALA C 86 7.33 52.80 9.74
C ALA C 86 6.69 53.56 8.59
N SER C 87 7.54 54.06 7.68
CA SER C 87 7.16 54.83 6.50
C SER C 87 7.68 54.16 5.23
N PRO C 88 6.83 53.91 4.23
CA PRO C 88 5.41 54.21 4.18
C PRO C 88 4.66 53.27 5.10
N PRO C 89 3.50 53.71 5.56
CA PRO C 89 2.76 52.92 6.56
C PRO C 89 2.54 51.49 6.12
N LYS C 90 2.67 50.60 7.09
CA LYS C 90 2.47 49.18 6.92
C LYS C 90 1.67 48.70 8.12
N ILE C 91 0.81 47.71 7.90
CA ILE C 91 -0.16 47.28 8.90
C ILE C 91 0.00 45.78 9.08
N PHE C 92 0.03 45.33 10.34
CA PHE C 92 0.13 43.92 10.67
C PHE C 92 -1.14 43.49 11.38
N SER C 93 -1.76 42.39 10.92
CA SER C 93 -3.03 41.90 11.44
C SER C 93 -2.89 40.46 11.91
N TYR C 94 -2.78 40.30 13.23
CA TYR C 94 -2.67 38.99 13.87
C TYR C 94 -4.07 38.39 14.07
N GLN C 95 -4.24 37.13 13.70
CA GLN C 95 -5.50 36.44 13.90
C GLN C 95 -5.30 35.41 14.99
N VAL C 96 -5.89 35.66 16.16
CA VAL C 96 -5.70 34.82 17.33
C VAL C 96 -6.55 33.57 17.19
N TYR C 97 -6.15 32.50 17.83
CA TYR C 97 -6.91 31.25 17.76
C TYR C 97 -7.83 31.12 18.97
N GLU C 98 -8.90 31.92 18.97
CA GLU C 98 -9.91 31.88 20.03
C GLU C 98 -10.35 30.44 20.29
N ASP C 99 -10.76 29.75 19.22
CA ASP C 99 -11.13 28.33 19.28
C ASP C 99 -12.18 28.07 20.36
N ALA C 100 -13.06 29.05 20.59
CA ALA C 100 -14.12 29.00 21.60
C ALA C 100 -15.36 29.73 21.11
N THR C 101 -16.51 29.28 21.59
CA THR C 101 -17.80 29.92 21.33
C THR C 101 -18.25 30.64 22.61
N GLN C 102 -17.52 31.68 23.01
CA GLN C 102 -17.94 32.49 24.13
C GLN C 102 -17.39 33.90 23.98
N LEU C 103 -18.22 34.88 24.31
CA LEU C 103 -17.73 36.24 24.14
C LEU C 103 -16.63 36.57 25.14
N ASP C 104 -16.64 35.97 26.35
CA ASP C 104 -15.56 36.34 27.29
C ASP C 104 -14.25 35.62 27.00
N CYS C 105 -14.17 34.82 25.93
CA CYS C 105 -12.92 34.34 25.35
C CYS C 105 -12.49 35.19 24.16
N ALA C 106 -13.17 36.30 23.89
CA ALA C 106 -12.82 37.10 22.72
C ALA C 106 -11.51 37.84 22.94
N PRO C 107 -10.67 37.92 21.93
CA PRO C 107 -9.34 38.54 22.05
C PRO C 107 -9.26 39.89 22.74
N SER C 108 -10.03 40.87 22.24
CA SER C 108 -10.00 42.24 22.72
C SER C 108 -9.92 42.29 24.22
N TYR C 109 -10.72 41.45 24.88
CA TYR C 109 -10.84 41.45 26.34
C TYR C 109 -9.60 40.87 27.02
N ASN C 110 -9.09 39.74 26.53
CA ASN C 110 -7.97 39.10 27.18
C ASN C 110 -6.68 39.78 26.86
N TYR C 111 -6.65 40.58 25.80
CA TYR C 111 -5.49 41.43 25.55
C TYR C 111 -5.28 42.39 26.72
N LEU C 112 -6.36 42.78 27.39
CA LEU C 112 -6.29 43.76 28.46
C LEU C 112 -5.41 43.27 29.58
N SER C 113 -4.56 44.17 30.07
CA SER C 113 -3.78 43.89 31.27
C SER C 113 -4.71 43.37 32.37
N GLY C 114 -4.38 42.20 32.90
CA GLY C 114 -5.17 41.59 33.95
C GLY C 114 -5.09 40.08 33.87
N PHE C 115 -5.46 39.43 34.97
CA PHE C 115 -5.34 37.98 35.09
C PHE C 115 -6.65 37.28 35.43
N ASP C 116 -7.76 37.99 35.38
CA ASP C 116 -9.06 37.44 35.78
C ASP C 116 -9.98 37.08 34.62
N GLN C 117 -9.56 37.25 33.35
CA GLN C 117 -10.33 36.85 32.17
C GLN C 117 -10.03 35.41 31.77
N PRO C 118 -11.04 34.61 31.42
CA PRO C 118 -10.78 33.16 31.24
C PRO C 118 -9.95 32.80 30.02
N GLY C 119 -10.19 33.41 28.86
CA GLY C 119 -9.42 33.05 27.67
C GLY C 119 -8.12 33.79 27.55
N LYS C 120 -7.34 33.82 28.65
CA LYS C 120 -6.09 34.58 28.71
C LYS C 120 -4.95 33.91 27.96
N GLY C 121 -5.04 32.59 27.71
CA GLY C 121 -3.90 31.84 27.20
C GLY C 121 -3.53 32.07 25.74
N THR C 122 -4.51 32.36 24.89
CA THR C 122 -4.24 32.48 23.47
C THR C 122 -3.29 33.63 23.14
N VAL C 123 -3.35 34.72 23.91
CA VAL C 123 -2.58 35.91 23.56
C VAL C 123 -1.29 36.05 24.37
N ILE C 124 -0.87 35.02 25.08
CA ILE C 124 0.32 35.11 25.92
C ILE C 124 1.44 34.17 25.47
N THR C 125 1.15 33.15 24.65
CA THR C 125 2.24 32.24 24.29
C THR C 125 3.07 32.88 23.18
N ASP C 126 2.71 32.60 21.94
CA ASP C 126 3.47 33.06 20.80
C ASP C 126 2.97 34.37 20.23
N THR C 127 1.67 34.64 20.40
CA THR C 127 1.06 35.87 19.89
C THR C 127 1.79 37.13 20.31
N PRO C 128 2.16 37.35 21.59
CA PRO C 128 2.83 38.61 21.94
C PRO C 128 4.17 38.79 21.26
N ILE C 129 4.81 37.69 20.85
CA ILE C 129 6.07 37.79 20.12
C ILE C 129 5.81 38.32 18.71
N ALA C 130 4.76 37.80 18.06
CA ALA C 130 4.40 38.22 16.70
C ALA C 130 4.13 39.72 16.64
N ILE C 131 3.20 40.18 17.48
CA ILE C 131 2.81 41.59 17.45
C ILE C 131 3.95 42.48 17.91
N SER C 132 4.78 41.98 18.85
CA SER C 132 5.96 42.73 19.27
C SER C 132 6.93 42.89 18.11
N TRP C 133 7.17 41.80 17.38
CA TRP C 133 7.96 41.86 16.15
C TRP C 133 7.51 43.02 15.27
N ALA C 134 6.22 43.04 14.90
CA ALA C 134 5.70 44.06 14.00
C ALA C 134 5.85 45.45 14.59
N LEU C 135 5.54 45.61 15.88
CA LEU C 135 5.61 46.92 16.50
C LEU C 135 7.04 47.41 16.51
N GLN C 136 7.98 46.53 16.85
CA GLN C 136 9.38 46.92 16.84
C GLN C 136 9.89 47.13 15.43
N GLN C 137 9.24 46.52 14.44
CA GLN C 137 9.49 46.86 13.05
C GLN C 137 8.93 48.23 12.69
N GLY C 138 8.15 48.86 13.59
CA GLY C 138 7.50 50.10 13.28
C GLY C 138 6.14 49.95 12.64
N TYR C 139 5.55 48.75 12.66
CA TYR C 139 4.30 48.47 11.97
C TYR C 139 3.10 48.75 12.87
N TYR C 140 1.96 49.07 12.25
CA TYR C 140 0.69 49.21 12.95
C TYR C 140 0.07 47.83 13.17
N ALA C 141 -0.34 47.56 14.40
CA ALA C 141 -0.80 46.24 14.81
C ALA C 141 -2.27 46.27 15.18
N VAL C 142 -3.02 45.29 14.70
CA VAL C 142 -4.44 45.13 14.97
C VAL C 142 -4.76 43.65 15.09
N SER C 143 -5.65 43.29 16.01
CA SER C 143 -6.14 41.91 16.02
C SER C 143 -7.64 41.93 16.29
N SER C 144 -8.41 41.46 15.32
CA SER C 144 -9.86 41.54 15.34
C SER C 144 -10.47 40.29 15.96
N ASP C 145 -11.53 40.52 16.74
CA ASP C 145 -12.31 39.41 17.30
C ASP C 145 -13.05 38.75 16.14
N HIS C 146 -12.26 38.04 15.33
CA HIS C 146 -12.75 37.52 14.07
C HIS C 146 -14.02 36.70 14.22
N GLU C 147 -14.24 36.18 15.43
CA GLU C 147 -15.45 35.35 15.68
C GLU C 147 -16.65 36.29 15.87
N GLY C 148 -16.41 37.53 16.29
CA GLY C 148 -17.50 38.51 16.42
C GLY C 148 -18.27 38.43 17.73
N PHE C 149 -19.33 39.24 17.86
CA PHE C 149 -20.19 39.23 19.07
C PHE C 149 -20.82 37.84 19.14
N ARG C 150 -21.16 37.30 17.98
CA ARG C 150 -21.72 35.92 17.89
C ARG C 150 -20.65 34.97 18.45
N SER C 151 -19.37 35.27 18.20
CA SER C 151 -18.26 34.36 18.61
C SER C 151 -18.42 33.03 17.88
N ALA C 152 -18.90 33.09 16.64
CA ALA C 152 -18.98 31.86 15.82
C ALA C 152 -17.55 31.36 15.59
N PHE C 153 -17.36 30.04 15.70
CA PHE C 153 -16.01 29.45 15.54
C PHE C 153 -16.05 28.51 14.36
N ILE C 154 -15.08 28.63 13.44
CA ILE C 154 -14.99 27.74 12.23
C ILE C 154 -15.96 28.25 11.16
N ALA C 155 -16.61 29.40 11.39
CA ALA C 155 -17.43 29.97 10.30
C ALA C 155 -16.55 30.97 9.58
N GLY C 156 -16.08 30.61 8.39
CA GLY C 156 -15.13 31.47 7.67
C GLY C 156 -15.67 32.82 7.24
N TYR C 157 -16.91 32.87 6.74
CA TYR C 157 -17.39 34.14 6.15
C TYR C 157 -17.45 35.26 7.18
N GLU C 158 -17.95 34.98 8.39
CA GLU C 158 -17.94 36.05 9.42
C GLU C 158 -16.49 36.42 9.75
N GLU C 159 -15.63 35.42 9.90
CA GLU C 159 -14.22 35.70 10.27
C GLU C 159 -13.54 36.52 9.17
N GLY C 160 -13.78 36.16 7.91
CA GLY C 160 -13.07 36.85 6.82
C GLY C 160 -13.45 38.31 6.76
N MET C 161 -14.75 38.62 6.92
CA MET C 161 -15.19 40.02 6.78
C MET C 161 -14.73 40.78 8.02
N ALA C 162 -14.86 40.16 9.19
CA ALA C 162 -14.49 40.84 10.43
C ALA C 162 -13.05 41.30 10.39
N ILE C 163 -12.16 40.47 9.84
CA ILE C 163 -10.75 40.79 9.81
C ILE C 163 -10.47 41.92 8.84
N LEU C 164 -11.03 41.80 7.62
CA LEU C 164 -10.81 42.81 6.59
C LEU C 164 -11.29 44.18 7.05
N ASP C 165 -12.47 44.23 7.67
CA ASP C 165 -12.97 45.48 8.21
C ASP C 165 -12.07 45.99 9.34
N GLY C 166 -11.52 45.08 10.15
CA GLY C 166 -10.50 45.46 11.11
C GLY C 166 -9.35 46.21 10.49
N VAL C 167 -8.89 45.75 9.32
CA VAL C 167 -7.82 46.45 8.62
C VAL C 167 -8.31 47.80 8.14
N ARG C 168 -9.49 47.79 7.51
CA ARG C 168 -10.18 49.02 7.09
C ARG C 168 -10.31 49.98 8.26
N ALA C 169 -10.94 49.51 9.34
CA ALA C 169 -11.15 50.33 10.52
C ALA C 169 -9.83 50.85 11.08
N LEU C 170 -8.78 50.03 11.04
CA LEU C 170 -7.49 50.50 11.54
C LEU C 170 -6.99 51.65 10.68
N LYS C 171 -7.14 51.52 9.36
CA LYS C 171 -6.82 52.60 8.44
C LYS C 171 -7.67 53.84 8.70
N ASN C 172 -8.98 53.66 8.91
CA ASN C 172 -9.83 54.79 9.25
C ASN C 172 -9.36 55.44 10.54
N TYR C 173 -9.26 54.66 11.62
CA TYR C 173 -8.95 55.23 12.94
C TYR C 173 -7.70 56.09 12.90
N LYS C 174 -6.71 55.71 12.09
CA LYS C 174 -5.46 56.43 12.06
C LYS C 174 -5.24 57.27 10.80
N SER C 175 -6.20 57.28 9.86
CA SER C 175 -6.09 58.08 8.62
C SER C 175 -4.89 57.62 7.79
N LEU C 176 -4.71 56.33 7.69
CA LEU C 176 -3.64 55.64 6.99
C LEU C 176 -3.88 55.69 5.49
N PRO C 177 -2.82 55.88 4.70
CA PRO C 177 -2.99 55.85 3.25
C PRO C 177 -3.74 54.61 2.79
N SER C 178 -4.53 54.78 1.73
CA SER C 178 -5.44 53.74 1.33
C SER C 178 -4.73 52.57 0.69
N ASN C 179 -3.49 52.78 0.23
CA ASN C 179 -2.63 51.71 -0.26
C ASN C 179 -1.67 51.20 0.81
N SER C 180 -1.97 51.44 2.08
CA SER C 180 -1.06 51.05 3.15
C SER C 180 -0.86 49.54 3.15
N ALA C 181 0.41 49.13 3.28
CA ALA C 181 0.77 47.73 3.06
C ALA C 181 0.28 46.84 4.18
N VAL C 182 -0.31 45.70 3.81
CA VAL C 182 -1.06 44.87 4.75
C VAL C 182 -0.56 43.44 4.70
N GLY C 183 -0.08 42.95 5.84
CA GLY C 183 0.35 41.56 5.99
C GLY C 183 -0.42 40.82 7.07
N PHE C 184 -0.50 39.50 6.93
CA PHE C 184 -1.33 38.68 7.80
C PHE C 184 -0.53 37.54 8.41
N TYR C 185 -0.74 37.28 9.73
CA TYR C 185 -0.18 36.13 10.43
C TYR C 185 -1.31 35.39 11.14
N GLY C 186 -1.21 34.06 11.18
CA GLY C 186 -2.13 33.27 11.98
C GLY C 186 -1.82 31.79 12.05
N TYR C 187 -1.89 31.20 13.24
CA TYR C 187 -1.72 29.76 13.37
C TYR C 187 -2.97 29.13 13.95
N SER C 188 -3.23 27.90 13.50
CA SER C 188 -4.34 27.03 13.93
C SER C 188 -5.67 27.74 13.65
N GLY C 189 -6.54 27.94 14.65
CA GLY C 189 -7.76 28.66 14.39
C GLY C 189 -7.52 30.06 13.86
N GLY C 190 -6.40 30.67 14.23
CA GLY C 190 -6.01 31.94 13.66
C GLY C 190 -5.67 31.83 12.19
N ALA C 191 -5.15 30.67 11.78
CA ALA C 191 -4.96 30.41 10.36
C ALA C 191 -6.29 30.43 9.63
N HIS C 192 -7.22 29.56 10.07
CA HIS C 192 -8.57 29.53 9.52
C HIS C 192 -9.24 30.92 9.49
N ALA C 193 -9.03 31.72 10.52
CA ALA C 193 -9.41 33.11 10.43
C ALA C 193 -8.67 33.80 9.28
N THR C 194 -7.34 33.76 9.32
CA THR C 194 -6.53 34.41 8.29
C THR C 194 -6.76 33.82 6.90
N GLY C 195 -7.03 32.52 6.81
CA GLY C 195 -7.18 31.91 5.50
C GLY C 195 -8.46 32.29 4.79
N TRP C 196 -9.49 32.69 5.54
CA TRP C 196 -10.72 33.18 4.94
C TRP C 196 -10.63 34.65 4.64
N ALA C 197 -9.95 35.42 5.49
CA ALA C 197 -9.71 36.81 5.16
C ALA C 197 -9.10 36.93 3.78
N VAL C 198 -8.29 35.94 3.35
CA VAL C 198 -7.63 36.04 2.05
C VAL C 198 -8.59 35.66 0.91
N SER C 199 -9.39 34.59 1.06
CA SER C 199 -10.35 34.27 0.01
C SER C 199 -11.23 35.46 -0.29
N LEU C 200 -11.82 36.04 0.75
CA LEU C 200 -12.75 37.15 0.57
C LEU C 200 -12.05 38.42 0.13
N SER C 201 -10.75 38.53 0.40
CA SER C 201 -10.03 39.77 0.18
C SER C 201 -10.29 40.33 -1.22
N GLY C 202 -10.38 39.45 -2.22
CA GLY C 202 -10.64 39.85 -3.59
C GLY C 202 -11.93 40.62 -3.78
N ALA C 203 -13.05 39.95 -3.51
CA ALA C 203 -14.35 40.61 -3.59
C ALA C 203 -14.48 41.67 -2.51
N TYR C 204 -14.36 41.26 -1.24
CA TYR C 204 -14.82 42.09 -0.15
C TYR C 204 -13.86 43.23 0.19
N ALA C 205 -12.56 43.09 -0.09
CA ALA C 205 -11.61 44.10 0.38
C ALA C 205 -10.43 44.22 -0.59
N SER C 206 -10.80 44.51 -1.84
CA SER C 206 -9.86 44.84 -2.89
C SER C 206 -9.28 46.24 -2.73
N ASP C 207 -9.77 46.97 -1.73
CA ASP C 207 -9.21 48.25 -1.35
C ASP C 207 -7.94 48.09 -0.55
N LEU C 208 -7.71 46.89 -0.03
CA LEU C 208 -6.58 46.59 0.82
C LEU C 208 -5.38 46.16 0.02
N ASN C 209 -4.24 46.82 0.27
CA ASN C 209 -2.96 46.53 -0.36
C ASN C 209 -2.31 45.37 0.40
N ILE C 210 -2.67 44.16 -0.01
CA ILE C 210 -2.36 42.95 0.75
C ILE C 210 -0.98 42.51 0.31
N ILE C 211 0.04 42.76 1.13
CA ILE C 211 1.41 42.50 0.68
C ILE C 211 1.85 41.07 0.94
N GLY C 212 1.15 40.33 1.78
CA GLY C 212 1.51 38.96 2.11
C GLY C 212 0.71 38.38 3.26
N ALA C 213 0.64 37.05 3.31
CA ALA C 213 -0.16 36.37 4.31
C ALA C 213 0.57 35.08 4.71
N ALA C 214 1.08 35.04 5.94
CA ALA C 214 1.79 33.89 6.47
C ALA C 214 0.84 33.12 7.39
N TYR C 215 0.58 31.86 7.07
CA TYR C 215 -0.29 31.11 7.97
C TYR C 215 -0.07 29.61 7.84
N GLY C 216 0.02 28.94 9.00
CA GLY C 216 0.26 27.52 9.06
C GLY C 216 -0.84 26.80 9.86
N GLY C 217 -0.83 25.48 9.72
CA GLY C 217 -1.76 24.63 10.44
C GLY C 217 -3.20 24.90 10.07
N LEU C 218 -3.47 25.13 8.80
CA LEU C 218 -4.78 25.59 8.38
C LEU C 218 -5.83 24.48 8.47
N PRO C 219 -6.99 24.74 9.11
CA PRO C 219 -8.11 23.79 8.97
C PRO C 219 -8.94 24.19 7.75
N ALA C 220 -8.41 23.84 6.57
CA ALA C 220 -8.97 24.32 5.31
C ALA C 220 -10.42 23.89 5.14
N SER C 221 -10.70 22.60 5.33
CA SER C 221 -12.06 22.06 5.25
C SER C 221 -12.70 21.96 6.64
N ALA C 222 -13.91 22.51 6.80
CA ALA C 222 -14.65 22.34 8.05
C ALA C 222 -14.90 20.87 8.33
N LYS C 223 -15.69 20.22 7.47
CA LYS C 223 -16.09 18.83 7.65
C LYS C 223 -14.90 17.93 7.95
N ASP C 224 -13.80 18.14 7.24
CA ASP C 224 -12.63 17.29 7.38
C ASP C 224 -11.99 17.49 8.75
N THR C 225 -11.68 18.74 9.11
CA THR C 225 -11.15 19.01 10.45
C THR C 225 -12.07 18.45 11.53
N PHE C 226 -13.38 18.44 11.27
CA PHE C 226 -14.32 17.83 12.21
C PHE C 226 -14.13 16.31 12.29
N LEU C 227 -14.15 15.63 11.15
CA LEU C 227 -14.06 14.18 11.14
C LEU C 227 -12.80 13.67 11.84
N PHE C 228 -11.70 14.44 11.71
CA PHE C 228 -10.41 14.06 12.27
C PHE C 228 -10.43 14.02 13.80
N LEU C 229 -11.04 15.03 14.43
CA LEU C 229 -11.08 15.14 15.88
C LEU C 229 -12.21 14.36 16.50
N ASN C 230 -13.35 14.30 15.83
CA ASN C 230 -14.55 13.64 16.37
C ASN C 230 -14.31 12.22 16.83
N ALA C 231 -14.64 11.96 18.10
CA ALA C 231 -14.76 10.61 18.67
C ALA C 231 -13.46 9.86 18.71
N LYS C 232 -12.40 10.45 18.20
CA LYS C 232 -11.15 9.75 18.02
C LYS C 232 -9.98 10.52 18.60
N SER C 233 -10.20 11.68 19.19
CA SER C 233 -9.09 12.46 19.71
C SER C 233 -9.34 12.97 21.11
N PRO C 234 -8.29 13.12 21.90
CA PRO C 234 -8.44 13.80 23.18
C PRO C 234 -8.84 15.25 23.03
N PHE C 235 -8.82 15.80 21.82
CA PHE C 235 -9.27 17.16 21.57
C PHE C 235 -10.62 17.19 20.88
N ALA C 236 -11.44 16.15 21.07
CA ALA C 236 -12.76 16.08 20.44
C ALA C 236 -13.60 17.31 20.73
N GLY C 237 -13.19 18.11 21.71
CA GLY C 237 -13.87 19.35 22.00
C GLY C 237 -13.92 20.31 20.83
N PHE C 238 -12.90 20.31 20.00
CA PHE C 238 -12.98 21.20 18.86
C PHE C 238 -14.05 20.75 17.88
N ALA C 239 -14.43 19.47 17.87
CA ALA C 239 -15.54 18.99 17.04
C ALA C 239 -16.85 19.67 17.43
N ILE C 240 -17.17 19.68 18.73
CA ILE C 240 -18.41 20.30 19.19
C ILE C 240 -18.31 21.82 19.14
N ALA C 241 -17.22 22.37 19.67
CA ALA C 241 -16.97 23.80 19.54
C ALA C 241 -17.07 24.26 18.10
N GLY C 242 -16.73 23.39 17.15
CA GLY C 242 -16.99 23.69 15.75
C GLY C 242 -18.47 23.71 15.40
N VAL C 243 -19.19 22.64 15.78
CA VAL C 243 -20.63 22.56 15.49
C VAL C 243 -21.32 23.80 16.05
N SER C 244 -21.00 24.14 17.30
CA SER C 244 -21.48 25.34 17.96
C SER C 244 -21.24 26.58 17.10
N GLY C 245 -19.99 26.81 16.71
CA GLY C 245 -19.64 28.01 15.97
C GLY C 245 -20.35 28.16 14.64
N LEU C 246 -20.61 27.05 13.95
CA LEU C 246 -21.35 27.13 12.69
C LEU C 246 -22.81 27.43 12.94
N ALA C 247 -23.41 26.78 13.94
CA ALA C 247 -24.80 27.05 14.30
C ALA C 247 -25.00 28.45 14.87
N LEU C 248 -23.98 29.03 15.53
CA LEU C 248 -24.12 30.42 16.00
C LEU C 248 -24.20 31.40 14.85
N ALA C 249 -23.58 31.07 13.70
CA ALA C 249 -23.55 31.93 12.51
C ALA C 249 -24.56 31.52 11.45
N HIS C 250 -25.13 30.32 11.54
CA HIS C 250 -26.09 29.80 10.57
C HIS C 250 -27.38 29.41 11.29
N PRO C 251 -28.33 30.32 11.41
CA PRO C 251 -29.50 30.06 12.26
C PRO C 251 -30.33 28.88 11.80
N ASP C 252 -30.31 28.54 10.52
CA ASP C 252 -31.07 27.36 10.12
C ASP C 252 -30.39 26.09 10.57
N MET C 253 -29.06 26.12 10.74
CA MET C 253 -28.38 24.98 11.35
C MET C 253 -28.72 24.87 12.82
N GLU C 254 -28.72 26.02 13.53
CA GLU C 254 -29.21 26.10 14.91
C GLU C 254 -30.57 25.43 15.05
N ALA C 255 -31.54 25.87 14.23
CA ALA C 255 -32.89 25.31 14.27
C ALA C 255 -32.92 23.83 13.96
N PHE C 256 -31.94 23.35 13.20
CA PHE C 256 -31.90 21.92 12.86
C PHE C 256 -31.39 21.09 14.02
N ILE C 257 -30.39 21.62 14.74
CA ILE C 257 -29.75 20.90 15.84
C ILE C 257 -30.62 20.89 17.10
N GLN C 258 -31.27 22.03 17.42
CA GLN C 258 -31.89 22.20 18.73
C GLN C 258 -32.89 21.11 19.06
N PRO C 259 -33.88 20.81 18.21
CA PRO C 259 -34.77 19.69 18.53
C PRO C 259 -34.14 18.32 18.42
N ARG C 260 -33.01 18.17 17.76
CA ARG C 260 -32.37 16.87 17.67
C ARG C 260 -31.45 16.56 18.84
N LEU C 261 -30.97 17.59 19.55
CA LEU C 261 -30.14 17.41 20.72
C LEU C 261 -30.86 16.59 21.77
N ASN C 262 -30.16 15.63 22.38
CA ASN C 262 -30.78 15.02 23.55
C ASN C 262 -30.36 15.79 24.80
N ALA C 263 -30.96 15.40 25.93
CA ALA C 263 -30.67 16.07 27.20
C ALA C 263 -29.17 16.13 27.43
N ARG C 264 -28.50 14.99 27.33
CA ARG C 264 -27.05 14.95 27.46
C ARG C 264 -26.37 15.89 26.48
N GLY C 265 -26.90 15.98 25.26
CA GLY C 265 -26.36 16.89 24.27
C GLY C 265 -26.54 18.35 24.67
N ARG C 266 -27.76 18.70 25.10
CA ARG C 266 -27.99 20.07 25.52
C ARG C 266 -27.02 20.49 26.61
N GLN C 267 -26.67 19.57 27.52
CA GLN C 267 -25.71 19.88 28.57
C GLN C 267 -24.36 20.26 27.99
N VAL C 268 -23.93 19.50 26.98
CA VAL C 268 -22.61 19.71 26.39
C VAL C 268 -22.57 21.00 25.61
N LEU C 269 -23.66 21.29 24.88
CA LEU C 269 -23.72 22.53 24.11
C LEU C 269 -23.90 23.73 25.01
N GLN C 270 -24.72 23.60 26.07
CA GLN C 270 -24.81 24.68 27.04
C GLN C 270 -23.47 24.93 27.71
N GLN C 271 -22.75 23.85 28.07
CA GLN C 271 -21.46 24.02 28.73
C GLN C 271 -20.45 24.66 27.78
N ILE C 272 -20.33 24.13 26.56
CA ILE C 272 -19.33 24.60 25.61
C ILE C 272 -19.58 26.05 25.21
N ARG C 273 -20.79 26.56 25.43
CA ARG C 273 -21.16 27.94 25.16
C ARG C 273 -21.13 28.82 26.41
N SER C 274 -21.05 28.23 27.61
CA SER C 274 -21.14 28.94 28.88
C SER C 274 -20.03 29.97 29.06
N ARG C 275 -20.04 30.71 30.17
CA ARG C 275 -18.96 31.66 30.38
C ARG C 275 -17.69 30.88 30.67
N GLY C 276 -16.55 31.47 30.33
CA GLY C 276 -15.28 30.86 30.70
C GLY C 276 -14.93 29.53 30.04
N GLN C 277 -15.74 29.06 29.09
CA GLN C 277 -15.41 27.86 28.29
C GLN C 277 -14.64 28.32 27.06
N CYS C 278 -13.35 28.58 27.30
CA CYS C 278 -12.39 29.04 26.32
C CYS C 278 -11.55 27.88 25.80
N ILE C 279 -10.49 28.20 25.05
CA ILE C 279 -9.78 27.17 24.31
C ILE C 279 -9.21 26.11 25.24
N GLY C 280 -8.67 26.54 26.39
CA GLY C 280 -8.12 25.58 27.33
C GLY C 280 -9.16 24.62 27.87
N GLN C 281 -10.32 25.15 28.25
CA GLN C 281 -11.38 24.32 28.82
C GLN C 281 -11.98 23.42 27.75
N VAL C 282 -11.99 23.88 26.49
CA VAL C 282 -12.62 23.14 25.40
C VAL C 282 -11.78 21.94 24.97
N SER C 283 -10.52 22.19 24.56
CA SER C 283 -9.56 21.15 24.23
C SER C 283 -9.63 19.99 25.22
N THR C 284 -9.44 20.33 26.50
CA THR C 284 -9.29 19.37 27.57
C THR C 284 -10.61 18.86 28.13
N GLY C 285 -11.69 19.62 27.96
CA GLY C 285 -12.97 19.27 28.56
C GLY C 285 -13.64 18.03 27.99
N TYR C 286 -13.43 17.74 26.72
CA TYR C 286 -14.21 16.69 26.05
C TYR C 286 -13.30 15.76 25.30
N PRO C 287 -12.74 14.75 25.98
CA PRO C 287 -11.88 13.78 25.31
C PRO C 287 -12.67 12.73 24.56
N PHE C 288 -12.32 12.51 23.29
CA PHE C 288 -12.88 11.43 22.46
C PHE C 288 -14.40 11.46 22.43
N LEU C 289 -15.02 12.62 22.65
CA LEU C 289 -16.48 12.72 22.69
C LEU C 289 -17.04 12.60 21.27
N ASP C 290 -17.99 11.69 21.11
CA ASP C 290 -18.68 11.50 19.85
C ASP C 290 -19.87 12.47 19.81
N THR C 291 -19.75 13.51 18.98
CA THR C 291 -20.85 14.46 18.85
C THR C 291 -22.12 13.78 18.33
N PHE C 292 -21.98 12.66 17.61
CA PHE C 292 -23.16 11.95 17.13
C PHE C 292 -24.03 11.37 18.23
N SER C 293 -23.45 11.04 19.39
CA SER C 293 -24.30 10.57 20.48
C SER C 293 -25.15 11.69 21.08
N LEU C 294 -24.60 12.91 21.13
CA LEU C 294 -25.29 14.01 21.81
C LEU C 294 -26.64 14.33 21.18
N VAL C 295 -26.75 14.18 19.88
CA VAL C 295 -27.98 14.55 19.18
C VAL C 295 -28.57 13.32 18.49
N ASN C 296 -29.89 13.35 18.35
CA ASN C 296 -30.64 12.38 17.59
C ASN C 296 -30.29 12.43 16.10
N ASP C 297 -30.43 11.29 15.40
CA ASP C 297 -30.16 11.18 13.96
C ASP C 297 -28.65 11.14 13.64
N THR C 298 -28.12 9.97 13.23
CA THR C 298 -26.68 9.85 12.97
C THR C 298 -26.29 10.40 11.60
N ASN C 299 -27.23 10.47 10.67
CA ASN C 299 -27.02 11.02 9.34
C ASN C 299 -27.17 12.52 9.31
N LEU C 300 -27.20 13.16 10.47
CA LEU C 300 -27.55 14.57 10.50
C LEU C 300 -26.59 15.44 9.68
N LEU C 301 -25.33 15.03 9.53
CA LEU C 301 -24.44 15.82 8.68
C LEU C 301 -24.84 15.79 7.20
N ASN C 302 -25.38 14.67 6.71
CA ASN C 302 -25.77 14.57 5.29
C ASN C 302 -27.09 15.28 5.00
N GLU C 303 -27.81 15.60 6.07
CA GLU C 303 -29.15 16.19 5.92
C GLU C 303 -29.09 17.72 5.89
N GLU C 304 -30.07 18.33 5.24
CA GLU C 304 -30.17 19.77 5.14
C GLU C 304 -30.54 20.37 6.48
N PRO C 305 -30.11 21.62 6.74
CA PRO C 305 -29.34 22.50 5.85
C PRO C 305 -27.85 22.35 6.09
N ILE C 306 -27.47 21.42 6.96
CA ILE C 306 -26.07 21.30 7.38
C ILE C 306 -25.17 20.92 6.20
N VAL C 307 -25.60 19.92 5.40
CA VAL C 307 -24.78 19.47 4.28
C VAL C 307 -24.42 20.62 3.35
N SER C 308 -25.36 21.53 3.11
CA SER C 308 -25.09 22.68 2.26
C SER C 308 -24.16 23.66 2.96
N ILE C 309 -24.36 23.86 4.27
CA ILE C 309 -23.51 24.79 4.99
C ILE C 309 -22.08 24.28 5.03
N LEU C 310 -21.91 22.96 5.19
CA LEU C 310 -20.57 22.39 5.16
C LEU C 310 -19.90 22.67 3.82
N LYS C 311 -20.58 22.34 2.72
CA LYS C 311 -19.95 22.47 1.42
C LYS C 311 -19.84 23.92 0.99
N ALA C 312 -20.43 24.85 1.74
CA ALA C 312 -20.13 26.27 1.58
C ALA C 312 -19.07 26.73 2.55
N GLU C 313 -18.91 26.05 3.68
CA GLU C 313 -17.87 26.34 4.67
C GLU C 313 -16.65 25.43 4.50
N THR C 314 -16.13 25.30 3.26
CA THR C 314 -14.84 24.63 3.02
C THR C 314 -14.08 25.39 1.93
N LEU C 315 -12.75 25.40 2.05
CA LEU C 315 -11.88 25.98 1.04
C LEU C 315 -11.34 24.95 0.07
N VAL C 316 -11.62 23.68 0.28
CA VAL C 316 -11.15 22.65 -0.62
C VAL C 316 -12.07 22.63 -1.83
N GLN C 317 -11.54 22.95 -2.99
CA GLN C 317 -12.38 23.17 -4.15
C GLN C 317 -13.12 21.90 -4.54
N SER C 318 -12.51 20.73 -4.31
CA SER C 318 -13.16 19.48 -4.67
C SER C 318 -14.40 19.20 -3.83
N GLU C 319 -14.54 19.84 -2.66
CA GLU C 319 -15.78 19.71 -1.89
C GLU C 319 -16.76 20.82 -2.15
N ALA C 320 -16.25 22.03 -2.36
CA ALA C 320 -17.07 23.22 -2.15
C ALA C 320 -18.30 23.25 -3.05
N GLY C 321 -19.31 23.97 -2.58
CA GLY C 321 -20.47 24.25 -3.39
C GLY C 321 -20.37 25.61 -4.03
N TYR C 322 -19.16 26.19 -4.06
CA TYR C 322 -18.95 27.49 -4.66
C TYR C 322 -17.59 27.47 -5.38
N THR C 323 -17.23 28.58 -6.05
CA THR C 323 -15.92 28.70 -6.72
C THR C 323 -14.90 29.36 -5.79
N VAL C 324 -13.90 28.60 -5.32
CA VAL C 324 -12.98 29.11 -4.30
C VAL C 324 -12.00 30.09 -4.93
N PRO C 325 -11.88 31.31 -4.39
CA PRO C 325 -10.95 32.29 -4.99
C PRO C 325 -9.49 31.93 -4.78
N VAL C 326 -8.67 32.29 -5.75
CA VAL C 326 -7.25 31.98 -5.71
C VAL C 326 -6.44 33.26 -5.68
N PRO C 327 -6.23 33.86 -4.52
CA PRO C 327 -5.50 35.13 -4.45
C PRO C 327 -4.07 35.02 -4.94
N LYS C 328 -3.65 36.06 -5.64
CA LYS C 328 -2.34 36.04 -6.26
C LYS C 328 -1.24 36.52 -5.33
N PHE C 329 -1.52 37.41 -4.39
CA PHE C 329 -0.45 38.06 -3.62
C PHE C 329 0.43 37.03 -2.90
N PRO C 330 1.64 37.44 -2.47
CA PRO C 330 2.56 36.50 -1.82
C PRO C 330 1.94 35.84 -0.60
N ARG C 331 2.11 34.52 -0.51
CA ARG C 331 1.61 33.76 0.62
C ARG C 331 2.69 32.83 1.16
N PHE C 332 2.80 32.75 2.48
CA PHE C 332 3.63 31.76 3.17
C PHE C 332 2.75 30.85 4.02
N MET C 333 2.90 29.54 3.87
CA MET C 333 2.09 28.57 4.59
C MET C 333 2.94 27.39 5.03
N TRP C 334 2.67 26.88 6.24
CA TRP C 334 3.34 25.69 6.77
C TRP C 334 2.31 24.76 7.40
N HIS C 335 2.78 23.64 7.94
CA HIS C 335 1.90 22.63 8.50
C HIS C 335 2.72 21.44 9.04
N ALA C 336 2.27 20.89 10.14
CA ALA C 336 2.83 19.64 10.62
C ALA C 336 2.38 18.50 9.72
N LEU C 337 3.32 17.81 9.10
CA LEU C 337 2.93 16.57 8.43
C LEU C 337 2.24 15.64 9.43
N GLU C 338 2.83 15.51 10.63
CA GLU C 338 2.39 14.68 11.76
C GLU C 338 1.39 15.42 12.67
N ASP C 339 0.49 16.23 12.10
CA ASP C 339 -0.37 17.09 12.92
C ASP C 339 -1.50 16.27 13.54
N GLU C 340 -1.74 16.48 14.84
CA GLU C 340 -2.70 15.68 15.60
C GLU C 340 -4.01 16.39 15.89
N ILE C 341 -4.13 17.66 15.48
CA ILE C 341 -5.33 18.43 15.76
C ILE C 341 -5.99 18.87 14.47
N VAL C 342 -5.25 19.62 13.66
CA VAL C 342 -5.70 20.01 12.32
C VAL C 342 -5.13 18.99 11.34
N PRO C 343 -5.97 18.23 10.62
CA PRO C 343 -5.42 17.25 9.68
C PRO C 343 -4.57 17.92 8.61
N PHE C 344 -3.48 17.25 8.22
CA PHE C 344 -2.62 17.78 7.17
C PHE C 344 -3.24 17.58 5.79
N GLN C 345 -4.06 16.55 5.61
CA GLN C 345 -4.49 16.22 4.25
C GLN C 345 -5.28 17.37 3.62
N PRO C 346 -6.33 17.93 4.26
CA PRO C 346 -7.06 19.05 3.61
C PRO C 346 -6.19 20.26 3.32
N ASP C 347 -5.36 20.70 4.28
CA ASP C 347 -4.49 21.84 4.01
C ASP C 347 -3.55 21.51 2.85
N ALA C 348 -2.99 20.31 2.84
CA ALA C 348 -2.17 19.89 1.72
C ALA C 348 -2.95 20.04 0.43
N GLN C 349 -4.18 19.52 0.42
CA GLN C 349 -5.07 19.59 -0.74
C GLN C 349 -5.37 21.03 -1.17
N TYR C 350 -5.72 21.90 -0.23
CA TYR C 350 -6.02 23.28 -0.58
C TYR C 350 -4.82 23.96 -1.24
N VAL C 351 -3.64 23.78 -0.66
CA VAL C 351 -2.45 24.44 -1.21
C VAL C 351 -2.16 23.95 -2.62
N LYS C 352 -2.20 22.62 -2.81
CA LYS C 352 -2.00 22.03 -4.14
C LYS C 352 -2.91 22.68 -5.17
N GLU C 353 -4.21 22.76 -4.86
CA GLU C 353 -5.22 23.29 -5.77
C GLU C 353 -4.93 24.74 -6.14
N GLN C 354 -4.65 25.59 -5.14
CA GLN C 354 -4.47 27.00 -5.41
C GLN C 354 -3.26 27.26 -6.28
N CYS C 355 -2.20 26.46 -6.13
CA CYS C 355 -1.04 26.64 -7.00
C CYS C 355 -1.39 26.37 -8.46
N SER C 356 -2.16 25.30 -8.73
CA SER C 356 -2.51 24.95 -10.11
C SER C 356 -3.34 26.02 -10.78
N LYS C 357 -4.05 26.84 -10.01
CA LYS C 357 -4.75 27.99 -10.55
C LYS C 357 -4.00 29.29 -10.29
N GLY C 358 -2.67 29.21 -10.24
CA GLY C 358 -1.85 30.41 -10.23
C GLY C 358 -1.72 31.13 -8.91
N ALA C 359 -1.74 30.41 -7.80
CA ALA C 359 -1.50 31.07 -6.52
C ALA C 359 -0.02 31.27 -6.30
N ASP C 360 0.31 32.05 -5.28
CA ASP C 360 1.68 32.35 -4.89
C ASP C 360 1.85 31.94 -3.43
N ILE C 361 1.94 30.61 -3.22
CA ILE C 361 1.98 30.00 -1.90
C ILE C 361 3.37 29.40 -1.68
N ASN C 362 4.12 29.97 -0.72
CA ASN C 362 5.38 29.38 -0.30
C ASN C 362 5.08 28.26 0.70
N TRP C 363 5.32 27.01 0.30
CA TRP C 363 4.81 25.86 1.05
C TRP C 363 5.96 25.20 1.81
N ASN C 364 5.73 24.98 3.11
CA ASN C 364 6.70 24.32 3.99
C ASN C 364 5.98 23.18 4.72
N ILE C 365 6.52 21.97 4.63
CA ILE C 365 5.95 20.81 5.32
C ILE C 365 6.95 20.43 6.40
N TYR C 366 6.45 20.14 7.60
CA TYR C 366 7.33 19.77 8.68
C TYR C 366 7.25 18.29 8.96
N PRO C 367 8.37 17.57 8.80
CA PRO C 367 8.36 16.10 8.83
C PRO C 367 8.21 15.53 10.22
N VAL C 368 9.00 16.07 11.13
CA VAL C 368 8.93 15.75 12.55
C VAL C 368 8.11 16.89 13.14
N ALA C 369 6.82 16.68 13.33
CA ALA C 369 6.09 17.85 13.79
C ALA C 369 4.88 17.46 14.61
N GLU C 370 4.54 18.37 15.53
CA GLU C 370 3.39 18.31 16.41
C GLU C 370 2.70 19.66 16.35
N HIS C 371 1.39 19.66 16.64
CA HIS C 371 0.65 20.90 16.48
C HIS C 371 1.24 22.02 17.32
N ILE C 372 1.59 21.72 18.57
CA ILE C 372 2.22 22.71 19.44
C ILE C 372 3.58 23.10 18.92
N SER C 373 4.35 22.08 18.52
CA SER C 373 5.71 22.27 18.03
C SER C 373 5.75 23.02 16.71
N ALA C 374 4.82 22.72 15.79
CA ALA C 374 4.78 23.39 14.49
C ALA C 374 4.39 24.84 14.65
N GLU C 375 3.58 25.15 15.66
CA GLU C 375 3.20 26.53 15.94
C GLU C 375 4.40 27.46 16.03
N LEU C 376 5.47 26.96 16.65
CA LEU C 376 6.67 27.71 16.95
C LEU C 376 7.74 27.54 15.87
N LEU C 377 7.87 26.31 15.38
CA LEU C 377 8.72 26.03 14.23
C LEU C 377 8.54 27.06 13.12
N GLY C 378 7.31 27.21 12.66
CA GLY C 378 6.98 28.08 11.53
C GLY C 378 6.91 29.54 11.85
N LEU C 379 6.88 29.89 13.14
CA LEU C 379 6.66 31.27 13.55
C LEU C 379 7.80 32.17 13.10
N VAL C 380 9.04 31.74 13.33
CA VAL C 380 10.24 32.54 13.09
C VAL C 380 10.55 32.67 11.61
N PRO C 381 10.42 31.61 10.78
CA PRO C 381 10.58 31.82 9.33
C PRO C 381 9.54 32.78 8.76
N ALA C 382 8.28 32.56 9.13
CA ALA C 382 7.19 33.35 8.57
C ALA C 382 7.39 34.82 8.87
N LEU C 383 7.73 35.16 10.10
CA LEU C 383 8.00 36.57 10.38
C LEU C 383 9.19 37.07 9.57
N ALA C 384 10.25 36.25 9.46
CA ALA C 384 11.37 36.62 8.61
C ALA C 384 10.91 36.83 7.19
N TRP C 385 10.07 35.91 6.70
CA TRP C 385 9.52 36.00 5.35
C TRP C 385 8.67 37.25 5.15
N LEU C 386 7.81 37.57 6.11
CA LEU C 386 6.97 38.74 5.97
C LEU C 386 7.81 40.01 5.84
N GLU C 387 8.91 40.10 6.56
CA GLU C 387 9.67 41.34 6.44
C GLU C 387 10.18 41.51 5.01
N THR C 388 10.49 40.40 4.33
CA THR C 388 10.80 40.50 2.90
C THR C 388 9.56 40.99 2.14
N ALA C 389 8.40 40.41 2.45
CA ALA C 389 7.16 40.76 1.76
C ALA C 389 6.74 42.20 2.03
N TYR C 390 7.13 42.79 3.14
CA TYR C 390 6.84 44.20 3.35
C TYR C 390 7.69 45.09 2.46
N ALA C 391 8.90 44.66 2.14
CA ALA C 391 9.81 45.30 1.18
C ALA C 391 9.51 44.89 -0.27
N GLY C 392 8.44 44.13 -0.47
CA GLY C 392 8.09 43.68 -1.80
C GLY C 392 9.03 42.67 -2.38
N GLN C 393 9.63 41.83 -1.55
CA GLN C 393 10.71 41.01 -2.05
C GLN C 393 10.57 39.62 -1.48
N ALA C 394 9.34 39.14 -1.44
CA ALA C 394 9.13 37.77 -1.04
C ALA C 394 9.77 36.86 -2.07
N PRO C 395 10.37 35.75 -1.66
CA PRO C 395 11.19 34.96 -2.58
C PRO C 395 10.38 34.34 -3.71
N ARG C 396 10.77 34.59 -4.97
CA ARG C 396 10.17 33.83 -6.06
C ARG C 396 10.57 32.37 -5.83
N VAL C 397 9.66 31.51 -5.38
CA VAL C 397 10.01 30.12 -5.16
C VAL C 397 8.97 29.24 -5.80
N LEU C 398 9.29 27.95 -5.89
CA LEU C 398 8.38 27.04 -6.56
C LEU C 398 7.19 26.81 -5.64
N CYS C 399 6.02 27.25 -6.11
CA CYS C 399 4.77 27.17 -5.37
C CYS C 399 4.29 25.73 -5.24
N GLY C 400 3.87 25.34 -4.04
CA GLY C 400 3.19 24.08 -3.85
C GLY C 400 4.09 22.89 -3.66
N VAL C 401 5.39 23.14 -3.44
CA VAL C 401 6.43 22.16 -3.17
C VAL C 401 6.69 22.20 -1.67
N GLY C 402 6.96 21.04 -1.07
CA GLY C 402 7.19 20.99 0.38
C GLY C 402 8.30 21.89 0.91
N VAL C 403 9.35 22.13 0.13
CA VAL C 403 10.49 22.93 0.58
C VAL C 403 10.71 24.12 -0.36
N PRO C 404 11.18 25.28 0.11
CA PRO C 404 11.43 26.39 -0.82
C PRO C 404 12.55 26.12 -1.80
N VAL C 405 12.26 26.29 -3.09
CA VAL C 405 13.19 26.14 -4.22
C VAL C 405 13.23 27.43 -5.01
N PRO C 406 14.24 28.21 -4.90
CA PRO C 406 14.23 29.52 -5.57
C PRO C 406 14.35 29.41 -7.09
N GLN C 407 13.23 29.43 -7.79
CA GLN C 407 13.16 29.50 -9.26
C GLN C 407 13.40 30.95 -9.71
N PRO C 408 14.14 31.17 -10.81
CA PRO C 408 14.47 32.55 -11.23
C PRO C 408 13.35 33.36 -11.88
N SER C 409 13.63 34.63 -12.20
CA SER C 409 12.62 35.57 -12.71
C SER C 409 12.57 35.65 -14.24
N ALA C 410 11.36 35.79 -14.79
CA ALA C 410 11.22 35.94 -16.23
C ALA C 410 11.79 37.26 -16.70
N PHE C 411 11.49 38.37 -16.02
CA PHE C 411 12.09 39.62 -16.46
C PHE C 411 13.60 39.62 -16.28
N THR C 412 14.14 38.58 -15.63
CA THR C 412 15.58 38.34 -15.58
C THR C 412 16.04 37.49 -16.76
N VAL C 413 15.43 36.32 -16.93
CA VAL C 413 15.93 35.34 -17.88
C VAL C 413 15.70 35.80 -19.32
N LEU C 414 14.51 36.35 -19.60
CA LEU C 414 14.06 36.64 -20.97
C LEU C 414 14.26 38.09 -21.41
N GLY C 415 14.35 39.06 -20.50
CA GLY C 415 14.24 40.46 -20.85
C GLY C 415 12.78 40.83 -21.07
N ASP C 416 12.50 42.12 -21.29
CA ASP C 416 11.12 42.58 -21.14
C ASP C 416 10.22 42.00 -22.22
N LYS C 417 10.60 42.20 -23.47
CA LYS C 417 9.74 41.83 -24.58
C LYS C 417 9.49 40.33 -24.60
N LEU C 418 10.55 39.54 -24.39
CA LEU C 418 10.36 38.10 -24.28
C LEU C 418 9.60 37.72 -23.01
N ALA C 419 9.77 38.50 -21.95
CA ALA C 419 9.02 38.24 -20.72
C ALA C 419 7.53 38.39 -20.97
N GLN C 420 7.13 39.52 -21.54
CA GLN C 420 5.70 39.73 -21.76
C GLN C 420 5.16 38.76 -22.79
N GLN C 421 5.95 38.45 -23.81
CA GLN C 421 5.54 37.42 -24.74
C GLN C 421 5.40 36.07 -24.04
N PHE C 422 6.34 35.74 -23.14
CA PHE C 422 6.17 34.51 -22.40
C PHE C 422 4.91 34.56 -21.55
N LYS C 423 4.65 35.70 -20.89
CA LYS C 423 3.58 35.73 -19.91
C LYS C 423 2.22 35.57 -20.57
N SER C 424 2.05 36.08 -21.78
CA SER C 424 0.78 35.97 -22.49
C SER C 424 0.42 34.53 -22.87
N LEU C 425 1.29 33.55 -22.62
CA LEU C 425 0.95 32.17 -22.95
C LEU C 425 -0.18 31.64 -22.07
N ALA C 426 -0.24 32.05 -20.79
CA ALA C 426 -1.25 31.55 -19.86
C ALA C 426 -2.66 31.86 -20.34
N GLY C 427 -3.52 30.84 -20.34
CA GLY C 427 -4.85 31.02 -20.89
C GLY C 427 -5.03 30.45 -22.28
N GLN C 428 -4.02 30.59 -23.14
CA GLN C 428 -4.10 30.12 -24.52
C GLN C 428 -3.98 28.60 -24.60
N GLN C 429 -3.93 28.09 -25.81
CA GLN C 429 -3.83 26.66 -26.05
C GLN C 429 -2.44 26.26 -26.50
N SER C 430 -1.97 25.13 -25.99
CA SER C 430 -0.78 24.48 -26.51
C SER C 430 -1.14 23.68 -27.75
N ALA C 431 -0.12 23.06 -28.34
CA ALA C 431 -0.33 22.15 -29.47
C ALA C 431 -1.15 20.92 -29.10
N PHE C 432 -1.35 20.65 -27.82
CA PHE C 432 -2.09 19.46 -27.40
C PHE C 432 -3.58 19.74 -27.20
N GLY C 433 -4.01 20.99 -27.40
CA GLY C 433 -5.42 21.34 -27.24
C GLY C 433 -5.78 21.95 -25.90
N LYS C 434 -5.38 21.31 -24.78
CA LYS C 434 -5.60 21.85 -23.45
C LYS C 434 -4.94 23.21 -23.28
N THR C 435 -5.35 23.93 -22.23
CA THR C 435 -4.99 25.33 -22.06
C THR C 435 -3.83 25.53 -21.10
N PHE C 436 -2.95 26.46 -21.45
CA PHE C 436 -1.88 26.88 -20.55
C PHE C 436 -2.52 27.50 -19.31
N PRO C 437 -2.20 27.02 -18.11
CA PRO C 437 -2.76 27.60 -16.88
C PRO C 437 -1.99 28.86 -16.48
N SER C 438 -2.42 29.47 -15.37
CA SER C 438 -1.59 30.49 -14.76
C SER C 438 -0.43 29.79 -14.06
N ILE C 439 0.78 30.27 -14.34
CA ILE C 439 2.00 29.50 -14.08
C ILE C 439 3.05 30.26 -13.25
N GLN D 16 -47.37 -5.53 -32.56
CA GLN D 16 -48.79 -5.73 -32.17
C GLN D 16 -49.56 -4.46 -31.80
N TYR D 17 -48.96 -3.68 -30.93
CA TYR D 17 -49.41 -2.37 -30.52
C TYR D 17 -48.46 -1.31 -31.07
N PRO D 18 -48.82 -0.04 -30.99
CA PRO D 18 -47.92 1.01 -31.46
C PRO D 18 -46.87 1.35 -30.41
N ASP D 19 -45.92 2.15 -30.86
CA ASP D 19 -45.00 2.93 -30.03
C ASP D 19 -45.78 3.49 -28.85
N PRO D 20 -45.32 3.23 -27.62
CA PRO D 20 -46.09 3.69 -26.46
C PRO D 20 -46.23 5.19 -26.39
N ASN D 21 -45.29 5.97 -26.95
CA ASN D 21 -45.48 7.41 -26.97
C ASN D 21 -46.82 7.77 -27.60
N ASP D 22 -47.25 6.98 -28.57
CA ASP D 22 -48.50 7.18 -29.30
C ASP D 22 -49.66 6.31 -28.81
N ASP D 23 -49.40 5.35 -27.94
CA ASP D 23 -50.47 4.49 -27.45
C ASP D 23 -51.31 5.22 -26.41
N PRO D 24 -52.65 5.18 -26.50
CA PRO D 24 -53.46 5.73 -25.42
C PRO D 24 -53.37 4.92 -24.15
N PHE D 25 -52.96 3.66 -24.26
CA PHE D 25 -52.82 2.81 -23.07
C PHE D 25 -51.81 3.40 -22.10
N TYR D 26 -50.72 3.95 -22.63
CA TYR D 26 -49.61 4.48 -21.82
C TYR D 26 -49.89 5.93 -21.43
N ARG D 27 -51.04 6.12 -20.77
CA ARG D 27 -51.48 7.43 -20.34
C ARG D 27 -52.12 7.30 -18.95
N VAL D 28 -51.88 8.28 -18.10
CA VAL D 28 -52.44 8.31 -16.76
C VAL D 28 -53.81 8.98 -16.81
N PRO D 29 -54.89 8.30 -16.41
CA PRO D 29 -56.19 8.97 -16.40
C PRO D 29 -56.20 10.10 -15.38
N ALA D 30 -57.11 11.06 -15.60
CA ALA D 30 -57.23 12.18 -14.66
C ALA D 30 -57.83 11.71 -13.34
N ASN D 31 -58.63 10.65 -13.39
CA ASN D 31 -59.20 10.08 -12.17
C ASN D 31 -58.19 9.16 -11.50
N ILE D 32 -56.89 9.45 -11.65
CA ILE D 32 -55.86 8.56 -11.13
C ILE D 32 -56.01 8.34 -9.61
N ASN D 33 -56.57 9.32 -8.92
CA ASN D 33 -56.63 9.28 -7.47
C ASN D 33 -57.76 8.45 -6.93
N THR D 34 -58.74 8.06 -7.75
CA THR D 34 -59.72 7.09 -7.27
C THR D 34 -59.09 5.73 -7.09
N TYR D 35 -58.02 5.46 -7.82
CA TYR D 35 -57.35 4.19 -7.77
C TYR D 35 -56.37 4.18 -6.60
N ALA D 36 -56.29 3.03 -5.92
CA ALA D 36 -55.32 2.80 -4.86
C ALA D 36 -53.96 2.49 -5.47
N ASN D 37 -52.94 2.57 -4.62
CA ASN D 37 -51.60 2.18 -5.03
C ASN D 37 -51.57 0.70 -5.40
N GLY D 38 -51.14 0.40 -6.62
CA GLY D 38 -51.07 -0.98 -7.06
C GLY D 38 -52.40 -1.56 -7.44
N GLN D 39 -53.37 -0.72 -7.77
CA GLN D 39 -54.69 -1.15 -8.17
C GLN D 39 -54.77 -1.15 -9.69
N VAL D 40 -55.52 -2.10 -10.23
CA VAL D 40 -55.57 -2.26 -11.68
C VAL D 40 -56.44 -1.16 -12.28
N ILE D 41 -55.88 -0.39 -13.21
CA ILE D 41 -56.72 0.51 -13.97
C ILE D 41 -57.38 -0.23 -15.12
N GLN D 42 -56.59 -0.90 -15.97
CA GLN D 42 -57.16 -1.75 -17.00
C GLN D 42 -56.12 -2.71 -17.54
N SER D 43 -56.62 -3.72 -18.23
CA SER D 43 -55.82 -4.78 -18.79
C SER D 43 -56.06 -4.85 -20.29
N ARG D 44 -55.19 -5.59 -20.95
CA ARG D 44 -55.37 -5.93 -22.35
C ARG D 44 -54.48 -7.12 -22.65
N SER D 45 -54.93 -7.97 -23.55
CA SER D 45 -54.11 -9.10 -23.94
C SER D 45 -52.82 -8.62 -24.55
N ALA D 46 -51.76 -9.40 -24.34
CA ALA D 46 -50.45 -9.12 -24.89
C ALA D 46 -49.90 -10.44 -25.43
N THR D 47 -49.57 -10.47 -26.71
CA THR D 47 -48.89 -11.64 -27.25
C THR D 47 -47.39 -11.37 -27.19
N THR D 48 -46.70 -12.13 -26.35
CA THR D 48 -45.27 -12.03 -26.11
C THR D 48 -44.55 -13.29 -26.59
N ASP D 49 -43.27 -13.12 -26.95
CA ASP D 49 -42.47 -14.29 -27.26
C ASP D 49 -42.34 -15.17 -26.03
N ILE D 50 -42.17 -14.56 -24.86
CA ILE D 50 -41.92 -15.32 -23.65
C ILE D 50 -43.12 -16.17 -23.30
N GLY D 51 -44.32 -15.58 -23.41
CA GLY D 51 -45.53 -16.34 -23.14
C GLY D 51 -45.79 -17.43 -24.15
N THR D 52 -45.64 -17.12 -25.45
CA THR D 52 -45.92 -18.12 -26.47
C THR D 52 -45.05 -19.35 -26.27
N GLN D 53 -43.79 -19.15 -25.88
CA GLN D 53 -42.84 -20.26 -25.67
C GLN D 53 -43.24 -21.17 -24.52
N ASN D 54 -43.88 -20.62 -23.49
CA ASN D 54 -44.20 -21.39 -22.30
C ASN D 54 -45.65 -21.83 -22.31
N ASN D 55 -46.40 -21.43 -23.34
CA ASN D 55 -47.83 -21.69 -23.41
C ASN D 55 -48.53 -21.06 -22.23
N ALA D 56 -48.30 -19.76 -22.04
CA ALA D 56 -48.78 -19.03 -20.87
C ALA D 56 -49.29 -17.66 -21.30
N ALA D 57 -50.60 -17.44 -21.17
CA ALA D 57 -51.20 -16.20 -21.64
C ALA D 57 -50.61 -15.01 -20.92
N SER D 58 -50.43 -13.93 -21.64
CA SER D 58 -49.79 -12.76 -21.08
C SER D 58 -50.64 -11.53 -21.33
N PHE D 59 -50.59 -10.59 -20.39
CA PHE D 59 -51.41 -9.39 -20.43
C PHE D 59 -50.59 -8.19 -19.98
N GLN D 60 -50.86 -7.03 -20.59
CA GLN D 60 -50.30 -5.76 -20.15
C GLN D 60 -51.26 -5.15 -19.14
N LEU D 61 -50.76 -4.77 -17.96
CA LEU D 61 -51.63 -4.21 -16.92
C LEU D 61 -51.26 -2.76 -16.66
N LEU D 62 -52.11 -1.83 -17.07
CA LEU D 62 -51.96 -0.44 -16.64
C LEU D 62 -52.46 -0.38 -15.21
N TYR D 63 -51.59 0.04 -14.30
CA TYR D 63 -51.93 0.00 -12.88
C TYR D 63 -51.50 1.31 -12.26
N ARG D 64 -52.03 1.59 -11.06
CA ARG D 64 -51.80 2.85 -10.40
C ARG D 64 -50.69 2.72 -9.39
N THR D 65 -49.75 3.67 -9.42
CA THR D 65 -48.59 3.68 -8.54
C THR D 65 -48.38 5.13 -8.06
N THR D 66 -47.24 5.37 -7.39
CA THR D 66 -46.81 6.69 -6.92
C THR D 66 -45.48 7.02 -7.59
N ASP D 67 -45.09 8.29 -7.56
CA ASP D 67 -43.83 8.66 -8.18
C ASP D 67 -42.90 9.24 -7.11
N THR D 68 -41.84 9.90 -7.59
CA THR D 68 -40.77 10.42 -6.76
C THR D 68 -41.18 11.67 -5.98
N GLN D 69 -42.33 12.27 -6.25
CA GLN D 69 -42.79 13.40 -5.45
C GLN D 69 -44.07 13.15 -4.66
N ASN D 70 -44.43 11.89 -4.42
CA ASN D 70 -45.65 11.53 -3.70
C ASN D 70 -46.90 11.99 -4.43
N ASN D 71 -46.77 12.40 -5.69
CA ASN D 71 -47.91 12.62 -6.56
C ASN D 71 -48.34 11.25 -7.14
N ALA D 72 -49.63 11.09 -7.37
CA ALA D 72 -50.23 9.80 -7.75
C ALA D 72 -50.18 9.60 -9.26
N THR D 73 -49.55 8.50 -9.70
CA THR D 73 -49.35 8.26 -11.12
C THR D 73 -49.78 6.83 -11.47
N ALA D 74 -49.31 6.37 -12.63
CA ALA D 74 -49.58 5.04 -13.17
C ALA D 74 -48.37 4.54 -13.97
N SER D 75 -48.37 3.22 -14.19
CA SER D 75 -47.43 2.60 -15.11
C SER D 75 -48.05 1.30 -15.63
N VAL D 76 -47.30 0.62 -16.48
CA VAL D 76 -47.74 -0.61 -17.11
C VAL D 76 -46.82 -1.73 -16.61
N ALA D 77 -47.37 -2.94 -16.56
CA ALA D 77 -46.60 -4.13 -16.25
C ALA D 77 -47.10 -5.29 -17.07
N THR D 78 -46.19 -5.99 -17.73
CA THR D 78 -46.60 -7.20 -18.44
C THR D 78 -46.68 -8.30 -17.40
N VAL D 79 -47.64 -9.21 -17.55
CA VAL D 79 -47.73 -10.33 -16.62
C VAL D 79 -47.91 -11.61 -17.43
N TRP D 80 -47.59 -12.73 -16.80
CA TRP D 80 -47.65 -14.07 -17.39
C TRP D 80 -48.30 -15.07 -16.45
N ILE D 81 -49.32 -15.79 -16.92
CA ILE D 81 -50.08 -16.74 -16.10
C ILE D 81 -49.58 -18.15 -16.43
N PRO D 82 -49.00 -18.89 -15.45
CA PRO D 82 -48.43 -20.21 -15.77
C PRO D 82 -49.52 -21.24 -16.03
N SER D 83 -49.26 -22.12 -17.00
CA SER D 83 -50.35 -23.03 -17.37
C SER D 83 -50.60 -24.09 -16.31
N LYS D 84 -49.61 -24.39 -15.47
CA LYS D 84 -49.73 -25.36 -14.37
C LYS D 84 -49.12 -24.76 -13.09
N PRO D 85 -49.87 -23.91 -12.41
CA PRO D 85 -49.31 -23.07 -11.36
C PRO D 85 -49.09 -23.76 -10.03
N ALA D 86 -48.11 -23.24 -9.30
CA ALA D 86 -47.77 -23.78 -8.00
C ALA D 86 -48.84 -23.44 -6.99
N SER D 87 -49.11 -24.40 -6.09
CA SER D 87 -50.11 -24.26 -5.04
C SER D 87 -49.40 -24.43 -3.71
N PRO D 88 -49.47 -23.46 -2.80
CA PRO D 88 -50.18 -22.18 -2.88
C PRO D 88 -49.48 -21.22 -3.81
N PRO D 89 -50.22 -20.24 -4.33
CA PRO D 89 -49.67 -19.29 -5.30
C PRO D 89 -48.38 -18.64 -4.84
N LYS D 90 -47.48 -18.48 -5.81
CA LYS D 90 -46.18 -17.87 -5.63
C LYS D 90 -45.95 -16.91 -6.80
N ILE D 91 -45.20 -15.83 -6.55
CA ILE D 91 -45.06 -14.70 -7.48
C ILE D 91 -43.58 -14.45 -7.79
N PHE D 92 -43.25 -14.32 -9.08
CA PHE D 92 -41.90 -14.00 -9.53
C PHE D 92 -41.92 -12.64 -10.24
N SER D 93 -40.99 -11.76 -9.85
CA SER D 93 -40.88 -10.37 -10.29
C SER D 93 -39.54 -10.12 -10.99
N TYR D 94 -39.47 -10.26 -12.33
CA TYR D 94 -38.22 -9.99 -13.05
C TYR D 94 -38.09 -8.50 -13.35
N GLN D 95 -36.93 -7.94 -13.02
CA GLN D 95 -36.68 -6.52 -13.24
C GLN D 95 -35.73 -6.39 -14.40
N VAL D 96 -36.20 -5.87 -15.53
CA VAL D 96 -35.34 -5.79 -16.75
C VAL D 96 -34.37 -4.60 -16.65
N TYR D 97 -33.16 -4.74 -17.18
CA TYR D 97 -32.19 -3.61 -17.19
C TYR D 97 -32.47 -2.72 -18.39
N GLU D 98 -33.56 -1.95 -18.37
CA GLU D 98 -33.89 -1.16 -19.59
C GLU D 98 -32.74 -0.17 -19.82
N ASP D 99 -32.27 0.49 -18.76
CA ASP D 99 -31.08 1.38 -18.87
C ASP D 99 -31.31 2.42 -19.98
N ALA D 100 -32.53 2.94 -20.10
CA ALA D 100 -32.83 3.89 -21.20
C ALA D 100 -33.76 5.00 -20.72
N THR D 101 -33.73 6.16 -21.37
CA THR D 101 -34.55 7.32 -20.96
C THR D 101 -35.81 7.42 -21.80
N GLN D 102 -36.12 6.45 -22.66
CA GLN D 102 -37.25 6.60 -23.61
C GLN D 102 -38.33 5.51 -23.42
N LEU D 103 -39.61 5.87 -23.62
CA LEU D 103 -40.75 4.94 -23.42
C LEU D 103 -40.68 3.73 -24.38
N ASP D 104 -40.27 3.94 -25.63
CA ASP D 104 -40.26 2.81 -26.61
C ASP D 104 -39.28 1.77 -26.05
N CYS D 105 -38.20 2.23 -25.43
CA CYS D 105 -37.19 1.34 -24.79
C CYS D 105 -37.82 0.54 -23.65
N ALA D 106 -38.87 1.06 -23.01
CA ALA D 106 -39.43 0.39 -21.81
C ALA D 106 -39.90 -1.01 -22.19
N PRO D 107 -39.80 -1.99 -21.28
CA PRO D 107 -40.02 -3.40 -21.62
C PRO D 107 -41.36 -3.89 -22.16
N SER D 108 -42.48 -3.38 -21.68
CA SER D 108 -43.78 -3.97 -22.08
C SER D 108 -43.94 -3.88 -23.61
N TYR D 109 -43.55 -2.76 -24.21
CA TYR D 109 -43.62 -2.64 -25.69
C TYR D 109 -42.72 -3.67 -26.34
N ASN D 110 -41.53 -3.90 -25.76
CA ASN D 110 -40.55 -4.83 -26.39
C ASN D 110 -40.97 -6.28 -26.15
N TYR D 111 -41.46 -6.60 -24.94
CA TYR D 111 -41.83 -7.98 -24.64
C TYR D 111 -42.72 -8.57 -25.73
N LEU D 112 -43.50 -7.71 -26.40
CA LEU D 112 -44.49 -8.11 -27.38
C LEU D 112 -43.86 -8.85 -28.55
N SER D 113 -44.47 -9.97 -28.96
CA SER D 113 -43.99 -10.66 -30.16
C SER D 113 -43.84 -9.64 -31.26
N GLY D 114 -42.65 -9.56 -31.79
CA GLY D 114 -42.27 -8.65 -32.85
C GLY D 114 -40.83 -8.27 -32.67
N PHE D 115 -40.22 -7.78 -33.76
CA PHE D 115 -38.79 -7.43 -33.76
C PHE D 115 -38.55 -5.99 -34.19
N ASP D 116 -39.60 -5.17 -34.26
CA ASP D 116 -39.54 -3.82 -34.80
C ASP D 116 -39.51 -2.71 -33.74
N GLN D 117 -39.40 -3.07 -32.44
CA GLN D 117 -39.23 -2.20 -31.27
C GLN D 117 -37.76 -1.92 -30.98
N PRO D 118 -37.37 -0.68 -30.67
CA PRO D 118 -35.93 -0.38 -30.53
C PRO D 118 -35.27 -1.00 -29.29
N GLY D 119 -35.91 -0.98 -28.11
CA GLY D 119 -35.30 -1.57 -26.92
C GLY D 119 -35.61 -3.05 -26.76
N LYS D 120 -35.48 -3.78 -27.87
CA LYS D 120 -35.82 -5.20 -27.96
C LYS D 120 -34.77 -6.12 -27.32
N GLY D 121 -33.51 -5.69 -27.20
CA GLY D 121 -32.44 -6.58 -26.79
C GLY D 121 -32.50 -6.99 -25.33
N THR D 122 -33.00 -6.10 -24.47
CA THR D 122 -33.03 -6.37 -23.05
C THR D 122 -33.91 -7.55 -22.70
N VAL D 123 -34.98 -7.78 -23.47
CA VAL D 123 -35.93 -8.86 -23.17
C VAL D 123 -35.66 -10.13 -23.97
N ILE D 124 -34.54 -10.21 -24.68
CA ILE D 124 -34.26 -11.36 -25.54
C ILE D 124 -33.03 -12.17 -25.12
N THR D 125 -32.19 -11.64 -24.21
CA THR D 125 -30.97 -12.35 -23.83
C THR D 125 -31.21 -13.40 -22.74
N ASP D 126 -30.99 -13.01 -21.47
CA ASP D 126 -31.15 -13.86 -20.30
C ASP D 126 -32.51 -13.69 -19.65
N THR D 127 -33.14 -12.53 -19.87
CA THR D 127 -34.46 -12.23 -19.35
C THR D 127 -35.48 -13.30 -19.68
N PRO D 128 -35.60 -13.79 -20.92
CA PRO D 128 -36.58 -14.86 -21.17
C PRO D 128 -36.31 -16.15 -20.42
N ILE D 129 -35.05 -16.46 -20.09
CA ILE D 129 -34.78 -17.69 -19.34
C ILE D 129 -35.29 -17.59 -17.91
N ALA D 130 -35.12 -16.42 -17.30
CA ALA D 130 -35.57 -16.26 -15.89
C ALA D 130 -37.09 -16.41 -15.84
N ILE D 131 -37.81 -15.64 -16.65
CA ILE D 131 -39.30 -15.67 -16.62
C ILE D 131 -39.78 -17.08 -17.00
N SER D 132 -39.17 -17.67 -18.03
CA SER D 132 -39.61 -19.00 -18.49
C SER D 132 -39.46 -20.00 -17.34
N TRP D 133 -38.37 -19.89 -16.58
CA TRP D 133 -38.13 -20.86 -15.48
C TRP D 133 -39.26 -20.75 -14.48
N ALA D 134 -39.67 -19.53 -14.16
CA ALA D 134 -40.76 -19.32 -13.17
C ALA D 134 -42.05 -19.94 -13.67
N LEU D 135 -42.35 -19.77 -14.96
CA LEU D 135 -43.58 -20.37 -15.54
C LEU D 135 -43.52 -21.90 -15.45
N GLN D 136 -42.34 -22.48 -15.72
CA GLN D 136 -42.17 -23.95 -15.57
C GLN D 136 -42.38 -24.30 -14.10
N GLN D 137 -41.87 -23.46 -13.20
CA GLN D 137 -42.09 -23.64 -11.73
C GLN D 137 -43.60 -23.52 -11.48
N GLY D 138 -44.29 -22.65 -12.24
CA GLY D 138 -45.70 -22.35 -11.97
C GLY D 138 -45.83 -21.13 -11.11
N TYR D 139 -44.70 -20.49 -10.78
CA TYR D 139 -44.79 -19.19 -10.07
C TYR D 139 -45.43 -18.21 -11.04
N TYR D 140 -46.32 -17.34 -10.55
CA TYR D 140 -46.89 -16.28 -11.43
C TYR D 140 -45.76 -15.30 -11.77
N ALA D 141 -45.73 -14.79 -13.00
CA ALA D 141 -44.60 -13.92 -13.40
C ALA D 141 -45.09 -12.51 -13.69
N VAL D 142 -44.47 -11.51 -13.06
CA VAL D 142 -44.82 -10.09 -13.37
C VAL D 142 -43.55 -9.33 -13.80
N SER D 143 -43.62 -8.62 -14.93
CA SER D 143 -42.48 -7.75 -15.31
C SER D 143 -43.05 -6.33 -15.43
N SER D 144 -42.39 -5.35 -14.83
CA SER D 144 -42.98 -3.99 -14.81
C SER D 144 -42.01 -2.99 -15.45
N ASP D 145 -42.56 -1.93 -16.05
CA ASP D 145 -41.67 -0.89 -16.63
C ASP D 145 -41.31 0.01 -15.46
N HIS D 146 -40.44 -0.50 -14.58
CA HIS D 146 -40.06 0.26 -13.35
C HIS D 146 -39.74 1.70 -13.71
N GLU D 147 -39.33 1.95 -14.95
CA GLU D 147 -38.92 3.36 -15.23
C GLU D 147 -40.19 4.23 -15.33
N GLY D 148 -41.31 3.65 -15.78
CA GLY D 148 -42.59 4.38 -15.82
C GLY D 148 -42.76 5.23 -17.06
N PHE D 149 -43.87 5.98 -17.14
CA PHE D 149 -44.16 6.88 -18.29
C PHE D 149 -43.05 7.92 -18.32
N ARG D 150 -42.62 8.37 -17.15
CA ARG D 150 -41.50 9.34 -17.05
C ARG D 150 -40.29 8.66 -17.68
N SER D 151 -40.13 7.35 -17.46
CA SER D 151 -38.95 6.60 -17.97
C SER D 151 -37.69 7.14 -17.31
N ALA D 152 -37.80 7.57 -16.06
CA ALA D 152 -36.60 8.00 -15.31
C ALA D 152 -35.71 6.78 -15.13
N PHE D 153 -34.40 6.97 -15.28
CA PHE D 153 -33.44 5.83 -15.16
C PHE D 153 -32.53 6.13 -13.99
N ILE D 154 -32.34 5.17 -13.09
CA ILE D 154 -31.42 5.30 -11.92
C ILE D 154 -32.11 6.09 -10.79
N ALA D 155 -33.41 6.41 -10.96
CA ALA D 155 -34.12 7.04 -9.83
C ALA D 155 -34.79 5.91 -9.06
N GLY D 156 -34.25 5.58 -7.89
CA GLY D 156 -34.77 4.43 -7.12
C GLY D 156 -36.19 4.58 -6.63
N TYR D 157 -36.55 5.76 -6.12
CA TYR D 157 -37.88 5.87 -5.49
C TYR D 157 -39.02 5.62 -6.47
N GLU D 158 -38.92 6.18 -7.68
CA GLU D 158 -39.98 5.88 -8.68
C GLU D 158 -39.94 4.38 -9.01
N GLU D 159 -38.73 3.85 -9.19
CA GLU D 159 -38.62 2.42 -9.57
C GLU D 159 -39.16 1.54 -8.44
N GLY D 160 -38.83 1.88 -7.19
CA GLY D 160 -39.22 0.98 -6.08
C GLY D 160 -40.72 0.84 -5.96
N MET D 161 -41.44 1.94 -6.10
CA MET D 161 -42.92 1.89 -5.93
C MET D 161 -43.50 1.18 -7.16
N ALA D 162 -42.99 1.51 -8.34
CA ALA D 162 -43.50 0.92 -9.56
C ALA D 162 -43.39 -0.61 -9.53
N ILE D 163 -42.27 -1.10 -9.00
CA ILE D 163 -41.99 -2.54 -8.97
C ILE D 163 -42.93 -3.24 -8.01
N LEU D 164 -43.05 -2.69 -6.81
CA LEU D 164 -43.91 -3.30 -5.81
C LEU D 164 -45.35 -3.35 -6.28
N ASP D 165 -45.86 -2.23 -6.79
CA ASP D 165 -47.25 -2.15 -7.21
C ASP D 165 -47.55 -3.08 -8.37
N GLY D 166 -46.59 -3.24 -9.28
CA GLY D 166 -46.71 -4.27 -10.30
C GLY D 166 -47.05 -5.62 -9.71
N VAL D 167 -46.45 -5.94 -8.56
CA VAL D 167 -46.77 -7.20 -7.88
C VAL D 167 -48.20 -7.15 -7.35
N ARG D 168 -48.56 -6.03 -6.74
CA ARG D 168 -49.94 -5.83 -6.33
C ARG D 168 -50.90 -6.05 -7.47
N ALA D 169 -50.73 -5.26 -8.55
CA ALA D 169 -51.64 -5.36 -9.69
C ALA D 169 -51.77 -6.79 -10.15
N LEU D 170 -50.65 -7.53 -10.11
CA LEU D 170 -50.69 -8.95 -10.48
C LEU D 170 -51.50 -9.76 -9.49
N LYS D 171 -51.32 -9.50 -8.18
CA LYS D 171 -52.17 -10.17 -7.21
C LYS D 171 -53.62 -9.80 -7.42
N ASN D 172 -53.87 -8.52 -7.70
CA ASN D 172 -55.21 -8.05 -8.01
C ASN D 172 -55.76 -8.73 -9.26
N TYR D 173 -55.06 -8.59 -10.38
CA TYR D 173 -55.62 -9.05 -11.65
C TYR D 173 -56.07 -10.50 -11.55
N LYS D 174 -55.38 -11.30 -10.76
CA LYS D 174 -55.67 -12.73 -10.66
C LYS D 174 -56.34 -13.09 -9.34
N SER D 175 -56.52 -12.15 -8.42
CA SER D 175 -57.14 -12.41 -7.12
C SER D 175 -56.35 -13.44 -6.32
N LEU D 176 -55.05 -13.22 -6.24
CA LEU D 176 -54.12 -14.06 -5.48
C LEU D 176 -54.24 -13.77 -3.99
N PRO D 177 -54.18 -14.81 -3.13
CA PRO D 177 -54.18 -14.55 -1.68
C PRO D 177 -53.11 -13.54 -1.30
N SER D 178 -53.39 -12.76 -0.27
CA SER D 178 -52.55 -11.61 0.03
C SER D 178 -51.21 -12.02 0.61
N ASN D 179 -51.09 -13.25 1.09
CA ASN D 179 -49.84 -13.77 1.60
C ASN D 179 -49.04 -14.50 0.55
N SER D 180 -49.36 -14.31 -0.72
CA SER D 180 -48.68 -15.07 -1.76
C SER D 180 -47.19 -14.75 -1.72
N ALA D 181 -46.38 -15.81 -1.80
CA ALA D 181 -44.95 -15.68 -1.64
C ALA D 181 -44.38 -14.98 -2.87
N VAL D 182 -43.49 -14.02 -2.64
CA VAL D 182 -43.05 -13.12 -3.70
C VAL D 182 -41.53 -13.13 -3.80
N GLY D 183 -41.02 -13.57 -4.94
CA GLY D 183 -39.58 -13.60 -5.19
C GLY D 183 -39.20 -12.68 -6.33
N PHE D 184 -37.96 -12.19 -6.28
CA PHE D 184 -37.42 -11.15 -7.15
C PHE D 184 -36.10 -11.59 -7.80
N TYR D 185 -35.91 -11.22 -9.07
CA TYR D 185 -34.62 -11.32 -9.77
C TYR D 185 -34.32 -9.97 -10.40
N GLY D 186 -33.04 -9.63 -10.50
CA GLY D 186 -32.70 -8.47 -11.30
C GLY D 186 -31.22 -8.26 -11.51
N TYR D 187 -30.78 -7.99 -12.74
CA TYR D 187 -29.37 -7.76 -12.99
C TYR D 187 -29.13 -6.37 -13.54
N SER D 188 -27.96 -5.82 -13.20
CA SER D 188 -27.46 -4.53 -13.68
C SER D 188 -28.49 -3.49 -13.29
N GLY D 189 -29.00 -2.67 -14.22
CA GLY D 189 -30.03 -1.72 -13.87
C GLY D 189 -31.27 -2.38 -13.32
N GLY D 190 -31.57 -3.60 -13.77
CA GLY D 190 -32.68 -4.32 -13.18
C GLY D 190 -32.46 -4.66 -11.73
N ALA D 191 -31.20 -4.90 -11.33
CA ALA D 191 -30.87 -5.06 -9.91
C ALA D 191 -31.16 -3.80 -9.11
N HIS D 192 -30.60 -2.66 -9.54
CA HIS D 192 -30.89 -1.37 -8.92
C HIS D 192 -32.39 -1.19 -8.69
N ALA D 193 -33.21 -1.56 -9.67
CA ALA D 193 -34.64 -1.65 -9.41
C ALA D 193 -34.93 -2.62 -8.27
N THR D 194 -34.54 -3.89 -8.45
CA THR D 194 -34.82 -4.88 -7.40
C THR D 194 -34.21 -4.46 -6.08
N GLY D 195 -33.07 -3.75 -6.12
CA GLY D 195 -32.37 -3.33 -4.94
C GLY D 195 -33.01 -2.15 -4.22
N TRP D 196 -33.79 -1.34 -4.96
CA TRP D 196 -34.64 -0.32 -4.37
C TRP D 196 -36.02 -0.85 -4.03
N ALA D 197 -36.56 -1.77 -4.84
CA ALA D 197 -37.83 -2.38 -4.49
C ALA D 197 -37.78 -2.91 -3.07
N VAL D 198 -36.63 -3.47 -2.68
CA VAL D 198 -36.50 -4.09 -1.36
C VAL D 198 -36.29 -3.05 -0.26
N SER D 199 -35.51 -2.00 -0.53
CA SER D 199 -35.41 -0.93 0.47
C SER D 199 -36.79 -0.42 0.83
N LEU D 200 -37.57 -0.06 -0.19
CA LEU D 200 -38.87 0.53 0.06
C LEU D 200 -39.88 -0.48 0.58
N SER D 201 -39.66 -1.76 0.30
CA SER D 201 -40.63 -2.81 0.65
C SER D 201 -41.12 -2.69 2.09
N GLY D 202 -40.26 -2.29 3.01
CA GLY D 202 -40.66 -2.20 4.40
C GLY D 202 -41.84 -1.28 4.63
N ALA D 203 -41.63 0.01 4.44
CA ALA D 203 -42.72 0.97 4.62
C ALA D 203 -43.80 0.77 3.57
N TYR D 204 -43.40 0.78 2.29
CA TYR D 204 -44.30 0.98 1.17
C TYR D 204 -45.18 -0.23 0.84
N ALA D 205 -44.77 -1.45 1.15
CA ALA D 205 -45.54 -2.59 0.67
C ALA D 205 -45.43 -3.76 1.64
N SER D 206 -45.86 -3.50 2.87
CA SER D 206 -45.90 -4.48 3.96
C SER D 206 -46.98 -5.56 3.78
N ASP D 207 -47.81 -5.47 2.73
CA ASP D 207 -48.73 -6.58 2.42
C ASP D 207 -48.04 -7.71 1.66
N LEU D 208 -46.85 -7.45 1.11
CA LEU D 208 -46.18 -8.43 0.27
C LEU D 208 -45.34 -9.41 1.08
N ASN D 209 -45.60 -10.69 0.85
CA ASN D 209 -44.91 -11.80 1.46
C ASN D 209 -43.65 -12.09 0.64
N ILE D 210 -42.57 -11.38 0.93
CA ILE D 210 -41.35 -11.42 0.12
C ILE D 210 -40.43 -12.52 0.67
N ILE D 211 -40.38 -13.66 -0.03
CA ILE D 211 -39.63 -14.80 0.50
C ILE D 211 -38.15 -14.73 0.19
N GLY D 212 -37.76 -13.83 -0.69
CA GLY D 212 -36.38 -13.69 -1.10
C GLY D 212 -36.25 -12.76 -2.29
N ALA D 213 -35.07 -12.17 -2.46
CA ALA D 213 -34.85 -11.21 -3.52
C ALA D 213 -33.43 -11.39 -3.99
N ALA D 214 -33.26 -11.97 -5.18
CA ALA D 214 -31.96 -12.29 -5.73
C ALA D 214 -31.57 -11.24 -6.76
N TYR D 215 -30.45 -10.56 -6.54
CA TYR D 215 -30.02 -9.55 -7.50
C TYR D 215 -28.52 -9.34 -7.41
N GLY D 216 -27.87 -9.26 -8.57
CA GLY D 216 -26.45 -9.06 -8.65
C GLY D 216 -26.10 -7.80 -9.42
N GLY D 217 -24.84 -7.39 -9.26
CA GLY D 217 -24.38 -6.19 -9.93
C GLY D 217 -25.06 -4.91 -9.47
N LEU D 218 -25.27 -4.78 -8.19
CA LEU D 218 -26.06 -3.66 -7.72
C LEU D 218 -25.26 -2.36 -7.84
N PRO D 219 -25.79 -1.34 -8.49
CA PRO D 219 -25.18 -0.01 -8.44
C PRO D 219 -25.73 0.74 -7.23
N ALA D 220 -25.22 0.41 -6.05
CA ALA D 220 -25.87 0.89 -4.83
C ALA D 220 -25.93 2.41 -4.79
N SER D 221 -24.81 3.08 -4.99
CA SER D 221 -24.77 4.52 -4.97
C SER D 221 -24.86 5.09 -6.38
N ALA D 222 -25.79 6.02 -6.58
CA ALA D 222 -25.88 6.73 -7.84
C ALA D 222 -24.61 7.51 -8.12
N LYS D 223 -24.30 8.50 -7.26
CA LYS D 223 -23.16 9.37 -7.52
C LYS D 223 -21.90 8.54 -7.76
N ASP D 224 -21.76 7.43 -7.04
CA ASP D 224 -20.60 6.58 -7.22
C ASP D 224 -20.57 6.02 -8.64
N THR D 225 -21.67 5.38 -9.05
CA THR D 225 -21.75 4.80 -10.39
C THR D 225 -21.49 5.83 -11.48
N PHE D 226 -21.88 7.08 -11.24
CA PHE D 226 -21.62 8.13 -12.22
C PHE D 226 -20.14 8.41 -12.36
N LEU D 227 -19.51 8.81 -11.25
CA LEU D 227 -18.10 9.18 -11.31
C LEU D 227 -17.24 8.05 -11.85
N PHE D 228 -17.67 6.81 -11.62
CA PHE D 228 -16.92 5.65 -12.09
C PHE D 228 -16.87 5.58 -13.61
N LEU D 229 -18.02 5.82 -14.28
CA LEU D 229 -18.13 5.70 -15.74
C LEU D 229 -17.83 6.98 -16.51
N ASN D 230 -18.24 8.12 -15.98
CA ASN D 230 -18.09 9.39 -16.71
C ASN D 230 -16.64 9.63 -17.09
N ALA D 231 -16.41 9.86 -18.38
CA ALA D 231 -15.14 10.29 -18.96
C ALA D 231 -14.09 9.21 -18.82
N LYS D 232 -14.41 8.07 -18.25
CA LYS D 232 -13.41 7.07 -17.95
C LYS D 232 -13.78 5.70 -18.50
N SER D 233 -14.94 5.57 -19.15
CA SER D 233 -15.36 4.31 -19.72
C SER D 233 -15.95 4.52 -21.11
N PRO D 234 -15.85 3.52 -21.99
CA PRO D 234 -16.59 3.56 -23.24
C PRO D 234 -18.10 3.46 -23.06
N PHE D 235 -18.59 3.17 -21.85
CA PHE D 235 -20.02 3.19 -21.58
C PHE D 235 -20.46 4.46 -20.87
N ALA D 236 -19.67 5.52 -20.99
CA ALA D 236 -19.99 6.83 -20.41
C ALA D 236 -21.34 7.36 -20.86
N GLY D 237 -21.96 6.76 -21.89
CA GLY D 237 -23.32 7.11 -22.23
C GLY D 237 -24.26 6.89 -21.06
N PHE D 238 -23.95 5.89 -20.22
CA PHE D 238 -24.72 5.67 -19.01
C PHE D 238 -24.55 6.80 -18.02
N ALA D 239 -23.42 7.50 -18.05
CA ALA D 239 -23.28 8.67 -17.19
C ALA D 239 -24.37 9.68 -17.49
N ILE D 240 -24.59 9.95 -18.77
CA ILE D 240 -25.62 10.89 -19.18
C ILE D 240 -26.99 10.27 -19.03
N ALA D 241 -27.18 9.04 -19.55
CA ALA D 241 -28.44 8.33 -19.39
C ALA D 241 -28.88 8.26 -17.94
N GLY D 242 -27.93 8.13 -17.03
CA GLY D 242 -28.30 8.26 -15.64
C GLY D 242 -28.77 9.66 -15.32
N VAL D 243 -27.98 10.66 -15.70
CA VAL D 243 -28.35 12.04 -15.41
C VAL D 243 -29.72 12.35 -16.00
N SER D 244 -29.94 11.99 -17.26
CA SER D 244 -31.23 12.22 -17.89
C SER D 244 -32.38 11.73 -17.02
N GLY D 245 -32.35 10.44 -16.66
CA GLY D 245 -33.43 9.87 -15.86
C GLY D 245 -33.61 10.56 -14.51
N LEU D 246 -32.53 11.05 -13.92
CA LEU D 246 -32.66 11.75 -12.64
C LEU D 246 -33.32 13.10 -12.84
N ALA D 247 -32.90 13.85 -13.86
CA ALA D 247 -33.55 15.13 -14.13
C ALA D 247 -34.99 14.92 -14.54
N LEU D 248 -35.30 13.77 -15.14
CA LEU D 248 -36.69 13.46 -15.44
C LEU D 248 -37.50 13.24 -14.19
N ALA D 249 -36.88 12.74 -13.14
CA ALA D 249 -37.62 12.41 -11.94
C ALA D 249 -37.57 13.49 -10.87
N HIS D 250 -36.69 14.47 -11.00
CA HIS D 250 -36.58 15.55 -10.03
C HIS D 250 -36.75 16.88 -10.73
N PRO D 251 -37.98 17.42 -10.77
CA PRO D 251 -38.22 18.62 -11.58
C PRO D 251 -37.40 19.82 -11.15
N ASP D 252 -36.97 19.92 -9.91
CA ASP D 252 -36.08 21.03 -9.61
C ASP D 252 -34.67 20.79 -10.16
N MET D 253 -34.25 19.52 -10.30
CA MET D 253 -32.98 19.22 -10.98
C MET D 253 -33.07 19.47 -12.47
N GLU D 254 -34.16 19.03 -13.10
CA GLU D 254 -34.44 19.38 -14.49
C GLU D 254 -34.30 20.86 -14.73
N ALA D 255 -34.92 21.68 -13.86
CA ALA D 255 -34.82 23.13 -13.95
C ALA D 255 -33.40 23.64 -13.75
N PHE D 256 -32.58 22.90 -12.99
CA PHE D 256 -31.20 23.32 -12.71
C PHE D 256 -30.23 23.02 -13.87
N ILE D 257 -30.40 21.89 -14.53
CA ILE D 257 -29.48 21.50 -15.59
C ILE D 257 -29.69 22.36 -16.84
N GLN D 258 -30.95 22.67 -17.18
CA GLN D 258 -31.26 23.24 -18.48
C GLN D 258 -30.55 24.55 -18.78
N PRO D 259 -30.63 25.59 -17.96
CA PRO D 259 -29.94 26.84 -18.33
C PRO D 259 -28.43 26.71 -18.34
N ARG D 260 -27.88 25.71 -17.65
CA ARG D 260 -26.45 25.48 -17.61
C ARG D 260 -25.94 24.64 -18.78
N LEU D 261 -26.83 23.90 -19.45
CA LEU D 261 -26.42 23.16 -20.64
C LEU D 261 -25.91 24.13 -21.69
N ASN D 262 -24.75 23.82 -22.27
CA ASN D 262 -24.22 24.59 -23.39
C ASN D 262 -24.75 23.98 -24.68
N ALA D 263 -24.33 24.57 -25.80
CA ALA D 263 -24.82 24.13 -27.09
C ALA D 263 -24.70 22.62 -27.22
N ARG D 264 -23.48 22.11 -27.07
CA ARG D 264 -23.26 20.67 -27.19
C ARG D 264 -24.09 19.93 -26.17
N GLY D 265 -24.27 20.52 -24.99
CA GLY D 265 -25.04 19.87 -23.94
C GLY D 265 -26.49 19.67 -24.33
N ARG D 266 -27.12 20.70 -24.88
CA ARG D 266 -28.51 20.52 -25.28
C ARG D 266 -28.64 19.41 -26.30
N GLN D 267 -27.68 19.31 -27.21
CA GLN D 267 -27.74 18.28 -28.24
C GLN D 267 -27.67 16.88 -27.66
N VAL D 268 -26.77 16.66 -26.71
CA VAL D 268 -26.60 15.31 -26.19
C VAL D 268 -27.79 14.92 -25.33
N LEU D 269 -28.29 15.86 -24.52
CA LEU D 269 -29.41 15.52 -23.64
C LEU D 269 -30.69 15.35 -24.45
N GLN D 270 -30.88 16.18 -25.47
CA GLN D 270 -32.00 15.98 -26.38
C GLN D 270 -31.96 14.59 -27.01
N GLN D 271 -30.80 14.22 -27.54
CA GLN D 271 -30.72 12.95 -28.25
C GLN D 271 -30.91 11.78 -27.29
N ILE D 272 -30.24 11.82 -26.14
CA ILE D 272 -30.27 10.66 -25.23
C ILE D 272 -31.68 10.37 -24.71
N ARG D 273 -32.58 11.37 -24.78
CA ARG D 273 -33.99 11.22 -24.40
C ARG D 273 -34.89 10.95 -25.59
N SER D 274 -34.36 11.11 -26.81
CA SER D 274 -35.12 10.97 -28.05
C SER D 274 -35.63 9.55 -28.22
N ARG D 275 -36.36 9.32 -29.31
CA ARG D 275 -36.90 8.00 -29.57
C ARG D 275 -35.79 7.06 -29.98
N GLY D 276 -36.01 5.75 -29.75
CA GLY D 276 -35.09 4.74 -30.24
C GLY D 276 -33.70 4.84 -29.66
N GLN D 277 -33.50 5.74 -28.71
CA GLN D 277 -32.26 5.83 -27.94
C GLN D 277 -32.36 4.94 -26.71
N CYS D 278 -32.24 3.62 -26.97
CA CYS D 278 -32.34 2.58 -25.95
C CYS D 278 -30.96 2.15 -25.46
N ILE D 279 -30.91 1.03 -24.72
CA ILE D 279 -29.68 0.66 -24.02
C ILE D 279 -28.53 0.45 -24.99
N GLY D 280 -28.83 -0.16 -26.15
CA GLY D 280 -27.78 -0.36 -27.14
C GLY D 280 -27.18 0.94 -27.64
N GLN D 281 -28.03 1.93 -27.90
CA GLN D 281 -27.55 3.22 -28.37
C GLN D 281 -26.85 4.00 -27.26
N VAL D 282 -27.33 3.87 -26.02
CA VAL D 282 -26.74 4.61 -24.91
C VAL D 282 -25.36 4.07 -24.58
N SER D 283 -25.29 2.75 -24.35
CA SER D 283 -24.03 2.05 -24.14
C SER D 283 -22.91 2.58 -25.04
N THR D 284 -23.08 2.38 -26.33
CA THR D 284 -22.01 2.59 -27.30
C THR D 284 -21.97 4.01 -27.84
N GLY D 285 -23.10 4.71 -27.77
CA GLY D 285 -23.22 5.99 -28.45
C GLY D 285 -22.30 7.07 -27.90
N TYR D 286 -21.98 7.02 -26.62
CA TYR D 286 -21.23 8.11 -26.02
C TYR D 286 -20.07 7.55 -25.24
N PRO D 287 -19.01 7.18 -25.92
CA PRO D 287 -17.85 6.68 -25.20
C PRO D 287 -17.02 7.83 -24.67
N PHE D 288 -16.60 7.68 -23.41
CA PHE D 288 -15.67 8.59 -22.75
C PHE D 288 -16.16 10.02 -22.78
N LEU D 289 -17.47 10.17 -22.85
CA LEU D 289 -18.06 11.49 -22.84
C LEU D 289 -18.04 12.02 -21.42
N ASP D 290 -17.51 13.23 -21.26
CA ASP D 290 -17.55 13.89 -19.92
C ASP D 290 -18.87 14.67 -19.83
N THR D 291 -19.70 14.36 -18.84
CA THR D 291 -20.99 15.05 -18.64
C THR D 291 -20.70 16.51 -18.36
N PHE D 292 -19.63 16.78 -17.62
CA PHE D 292 -19.31 18.19 -17.21
C PHE D 292 -19.09 19.01 -18.48
N SER D 293 -18.48 18.45 -19.52
CA SER D 293 -18.20 19.27 -20.72
C SER D 293 -19.54 19.77 -21.28
N LEU D 294 -20.57 18.93 -21.28
CA LEU D 294 -21.93 19.31 -21.77
C LEU D 294 -22.54 20.44 -20.93
N VAL D 295 -22.37 20.44 -19.61
CA VAL D 295 -23.08 21.45 -18.75
C VAL D 295 -22.09 22.47 -18.17
N ASN D 296 -22.40 23.77 -18.26
CA ASN D 296 -21.42 24.80 -17.83
C ASN D 296 -21.14 24.65 -16.33
N ASP D 297 -19.86 24.75 -15.92
CA ASP D 297 -19.41 24.67 -14.49
C ASP D 297 -19.05 23.22 -14.15
N THR D 298 -18.13 23.01 -13.20
CA THR D 298 -17.79 21.64 -12.72
C THR D 298 -18.30 21.42 -11.32
N ASN D 299 -19.05 22.36 -10.76
CA ASN D 299 -19.50 22.27 -9.34
C ASN D 299 -20.94 21.77 -9.28
N LEU D 300 -21.50 21.32 -10.41
CA LEU D 300 -22.94 20.98 -10.42
C LEU D 300 -23.21 19.86 -9.42
N LEU D 301 -22.33 18.86 -9.32
CA LEU D 301 -22.66 17.75 -8.38
C LEU D 301 -22.71 18.34 -6.97
N ASN D 302 -21.76 19.21 -6.63
CA ASN D 302 -21.77 19.92 -5.32
C ASN D 302 -22.99 20.85 -5.22
N GLU D 303 -23.35 21.53 -6.31
CA GLU D 303 -24.44 22.53 -6.28
C GLU D 303 -25.82 21.88 -6.00
N GLU D 304 -26.68 22.59 -5.28
CA GLU D 304 -28.06 22.10 -5.01
C GLU D 304 -28.93 22.33 -6.24
N PRO D 305 -29.94 21.47 -6.53
CA PRO D 305 -30.47 20.51 -5.56
C PRO D 305 -29.74 19.19 -5.68
N ILE D 306 -28.78 19.18 -6.60
CA ILE D 306 -28.16 17.95 -7.08
C ILE D 306 -27.40 17.25 -5.97
N VAL D 307 -26.63 18.00 -5.17
CA VAL D 307 -25.90 17.40 -4.05
C VAL D 307 -26.85 16.65 -3.14
N SER D 308 -28.03 17.22 -2.90
CA SER D 308 -29.03 16.60 -2.05
C SER D 308 -29.72 15.45 -2.76
N ILE D 309 -30.01 15.61 -4.05
CA ILE D 309 -30.71 14.57 -4.79
C ILE D 309 -29.84 13.32 -4.88
N LEU D 310 -28.53 13.52 -5.07
CA LEU D 310 -27.59 12.39 -5.10
C LEU D 310 -27.60 11.62 -3.79
N LYS D 311 -27.59 12.33 -2.65
CA LYS D 311 -27.51 11.71 -1.33
C LYS D 311 -28.84 11.13 -0.89
N ALA D 312 -29.91 11.37 -1.64
CA ALA D 312 -31.12 10.57 -1.47
C ALA D 312 -31.16 9.40 -2.42
N GLU D 313 -30.50 9.52 -3.56
CA GLU D 313 -30.45 8.47 -4.58
C GLU D 313 -29.19 7.62 -4.40
N THR D 314 -28.94 7.16 -3.16
CA THR D 314 -27.89 6.19 -2.84
C THR D 314 -28.41 5.21 -1.79
N LEU D 315 -28.00 3.95 -1.90
CA LEU D 315 -28.32 2.96 -0.89
C LEU D 315 -27.18 2.76 0.11
N VAL D 316 -26.08 3.47 -0.09
CA VAL D 316 -24.91 3.41 0.79
C VAL D 316 -25.18 4.29 2.01
N GLN D 317 -25.22 3.67 3.18
CA GLN D 317 -25.65 4.40 4.36
C GLN D 317 -24.70 5.53 4.74
N SER D 318 -23.39 5.38 4.54
CA SER D 318 -22.51 6.48 4.94
C SER D 318 -22.70 7.72 4.07
N GLU D 319 -23.31 7.57 2.90
CA GLU D 319 -23.61 8.71 2.04
C GLU D 319 -24.96 9.33 2.30
N ALA D 320 -25.94 8.50 2.63
CA ALA D 320 -27.33 8.87 2.51
C ALA D 320 -27.67 10.06 3.39
N GLY D 321 -28.69 10.80 2.96
CA GLY D 321 -29.31 11.78 3.80
C GLY D 321 -30.53 11.22 4.49
N TYR D 322 -30.69 9.89 4.47
CA TYR D 322 -31.80 9.19 5.10
C TYR D 322 -31.27 7.88 5.67
N THR D 323 -32.12 7.17 6.39
CA THR D 323 -31.77 5.89 7.01
C THR D 323 -32.11 4.73 6.06
N VAL D 324 -31.09 4.03 5.56
CA VAL D 324 -31.37 2.96 4.59
C VAL D 324 -32.06 1.80 5.29
N PRO D 325 -33.20 1.35 4.82
CA PRO D 325 -33.89 0.24 5.50
C PRO D 325 -33.07 -1.02 5.35
N VAL D 326 -33.16 -1.88 6.35
CA VAL D 326 -32.41 -3.13 6.35
C VAL D 326 -33.34 -4.34 6.35
N PRO D 327 -33.77 -4.82 5.20
CA PRO D 327 -34.71 -5.96 5.15
C PRO D 327 -34.11 -7.23 5.74
N LYS D 328 -34.91 -7.93 6.54
CA LYS D 328 -34.40 -9.13 7.19
C LYS D 328 -34.52 -10.36 6.29
N PHE D 329 -35.51 -10.38 5.40
CA PHE D 329 -35.80 -11.58 4.63
C PHE D 329 -34.58 -11.99 3.79
N PRO D 330 -34.56 -13.23 3.30
CA PRO D 330 -33.43 -13.70 2.49
C PRO D 330 -33.15 -12.82 1.29
N ARG D 331 -31.88 -12.53 1.09
CA ARG D 331 -31.39 -11.84 -0.08
C ARG D 331 -30.19 -12.61 -0.60
N PHE D 332 -30.14 -12.77 -1.91
CA PHE D 332 -29.00 -13.34 -2.61
C PHE D 332 -28.37 -12.29 -3.50
N MET D 333 -27.06 -12.09 -3.37
CA MET D 333 -26.42 -11.04 -4.14
C MET D 333 -25.05 -11.49 -4.65
N TRP D 334 -24.71 -11.02 -5.84
CA TRP D 334 -23.39 -11.25 -6.42
C TRP D 334 -22.91 -9.95 -7.06
N HIS D 335 -21.73 -10.05 -7.67
CA HIS D 335 -21.08 -8.92 -8.29
C HIS D 335 -19.71 -9.34 -8.82
N ALA D 336 -19.35 -8.84 -9.98
CA ALA D 336 -18.02 -9.03 -10.53
C ALA D 336 -17.01 -8.22 -9.73
N LEU D 337 -16.00 -8.89 -9.16
CA LEU D 337 -14.94 -8.18 -8.48
C LEU D 337 -14.28 -7.18 -9.43
N GLU D 338 -13.99 -7.65 -10.66
CA GLU D 338 -13.38 -6.88 -11.75
C GLU D 338 -14.43 -6.12 -12.56
N ASP D 339 -15.44 -5.53 -11.92
CA ASP D 339 -16.52 -4.91 -12.67
C ASP D 339 -16.02 -3.59 -13.25
N GLU D 340 -16.29 -3.39 -14.54
CA GLU D 340 -15.84 -2.23 -15.33
C GLU D 340 -16.98 -1.28 -15.64
N ILE D 341 -18.20 -1.61 -15.23
CA ILE D 341 -19.36 -0.80 -15.54
C ILE D 341 -19.95 -0.30 -14.22
N VAL D 342 -20.42 -1.22 -13.39
CA VAL D 342 -20.94 -0.89 -12.06
C VAL D 342 -19.82 -1.10 -11.04
N PRO D 343 -19.32 -0.06 -10.38
CA PRO D 343 -18.18 -0.26 -9.50
C PRO D 343 -18.54 -1.30 -8.45
N PHE D 344 -17.54 -2.10 -8.09
CA PHE D 344 -17.75 -3.14 -7.10
C PHE D 344 -17.86 -2.55 -5.71
N GLN D 345 -17.18 -1.43 -5.46
CA GLN D 345 -17.03 -0.91 -4.10
C GLN D 345 -18.36 -0.52 -3.45
N PRO D 346 -19.24 0.24 -4.10
CA PRO D 346 -20.53 0.53 -3.45
C PRO D 346 -21.31 -0.72 -3.08
N ASP D 347 -21.41 -1.71 -3.98
CA ASP D 347 -22.25 -2.88 -3.69
C ASP D 347 -21.80 -3.58 -2.42
N ALA D 348 -20.51 -3.93 -2.34
CA ALA D 348 -19.98 -4.57 -1.15
C ALA D 348 -20.20 -3.69 0.07
N GLN D 349 -19.87 -2.40 -0.04
CA GLN D 349 -20.05 -1.48 1.09
C GLN D 349 -21.49 -1.54 1.61
N TYR D 350 -22.46 -1.47 0.71
CA TYR D 350 -23.85 -1.64 1.10
C TYR D 350 -24.06 -3.00 1.77
N VAL D 351 -23.58 -4.08 1.16
CA VAL D 351 -23.79 -5.41 1.71
C VAL D 351 -23.16 -5.48 3.10
N LYS D 352 -21.94 -4.99 3.22
CA LYS D 352 -21.30 -4.91 4.54
C LYS D 352 -22.21 -4.20 5.52
N GLU D 353 -22.71 -3.02 5.13
CA GLU D 353 -23.54 -2.21 6.03
C GLU D 353 -24.80 -2.95 6.48
N GLN D 354 -25.47 -3.63 5.57
CA GLN D 354 -26.74 -4.30 5.90
C GLN D 354 -26.52 -5.52 6.79
N CYS D 355 -25.43 -6.27 6.58
CA CYS D 355 -25.16 -7.43 7.42
C CYS D 355 -24.89 -7.03 8.87
N SER D 356 -24.15 -5.93 9.07
CA SER D 356 -23.86 -5.48 10.42
C SER D 356 -25.13 -5.10 11.14
N LYS D 357 -26.20 -4.79 10.41
CA LYS D 357 -27.48 -4.52 11.02
C LYS D 357 -28.46 -5.68 10.87
N GLY D 358 -27.96 -6.89 10.72
CA GLY D 358 -28.79 -8.08 10.73
C GLY D 358 -29.50 -8.43 9.45
N ALA D 359 -28.91 -8.12 8.29
CA ALA D 359 -29.50 -8.55 7.04
C ALA D 359 -29.23 -10.04 6.86
N ASP D 360 -29.84 -10.65 5.85
CA ASP D 360 -29.59 -12.05 5.52
C ASP D 360 -29.17 -12.13 4.06
N ILE D 361 -27.95 -11.69 3.78
CA ILE D 361 -27.45 -11.56 2.41
C ILE D 361 -26.51 -12.72 2.16
N ASN D 362 -26.91 -13.61 1.28
CA ASN D 362 -26.00 -14.65 0.78
C ASN D 362 -25.12 -13.99 -0.27
N TRP D 363 -23.84 -13.79 0.06
CA TRP D 363 -22.99 -12.89 -0.70
C TRP D 363 -22.05 -13.72 -1.55
N ASN D 364 -21.93 -13.36 -2.82
CA ASN D 364 -21.01 -14.06 -3.71
C ASN D 364 -20.15 -13.04 -4.44
N ILE D 365 -18.83 -13.24 -4.42
CA ILE D 365 -17.91 -12.38 -5.17
C ILE D 365 -17.34 -13.24 -6.28
N TYR D 366 -17.23 -12.66 -7.46
CA TYR D 366 -16.68 -13.35 -8.62
C TYR D 366 -15.30 -12.81 -8.96
N PRO D 367 -14.28 -13.63 -8.82
CA PRO D 367 -12.90 -13.13 -8.91
C PRO D 367 -12.45 -12.82 -10.32
N VAL D 368 -12.65 -13.77 -11.25
CA VAL D 368 -12.36 -13.56 -12.67
C VAL D 368 -13.73 -13.23 -13.27
N ALA D 369 -14.05 -11.95 -13.41
CA ALA D 369 -15.41 -11.63 -13.77
C ALA D 369 -15.49 -10.31 -14.53
N GLU D 370 -16.55 -10.21 -15.35
CA GLU D 370 -16.86 -9.04 -16.15
C GLU D 370 -18.33 -8.73 -15.91
N HIS D 371 -18.70 -7.46 -16.13
CA HIS D 371 -20.11 -7.09 -15.89
C HIS D 371 -21.03 -7.94 -16.74
N ILE D 372 -20.65 -8.17 -17.99
CA ILE D 372 -21.40 -9.06 -18.86
C ILE D 372 -21.28 -10.48 -18.38
N SER D 373 -20.06 -10.88 -18.00
CA SER D 373 -19.82 -12.25 -17.58
C SER D 373 -20.57 -12.57 -16.30
N ALA D 374 -20.61 -11.62 -15.36
CA ALA D 374 -21.32 -11.91 -14.12
C ALA D 374 -22.81 -12.09 -14.37
N GLU D 375 -23.35 -11.45 -15.41
CA GLU D 375 -24.76 -11.63 -15.75
C GLU D 375 -25.15 -13.09 -15.89
N LEU D 376 -24.29 -13.91 -16.51
CA LEU D 376 -24.67 -15.30 -16.71
C LEU D 376 -24.19 -16.19 -15.58
N LEU D 377 -22.96 -15.95 -15.15
CA LEU D 377 -22.42 -16.58 -13.95
C LEU D 377 -23.43 -16.59 -12.81
N GLY D 378 -24.00 -15.41 -12.50
CA GLY D 378 -24.91 -15.17 -11.38
C GLY D 378 -26.33 -15.59 -11.57
N LEU D 379 -26.74 -15.91 -12.80
CA LEU D 379 -28.14 -16.21 -13.05
C LEU D 379 -28.54 -17.58 -12.50
N VAL D 380 -27.86 -18.65 -12.92
CA VAL D 380 -28.28 -20.02 -12.61
C VAL D 380 -28.10 -20.36 -11.13
N PRO D 381 -27.06 -19.87 -10.44
CA PRO D 381 -27.07 -20.02 -8.98
C PRO D 381 -28.27 -19.35 -8.36
N ALA D 382 -28.58 -18.13 -8.83
CA ALA D 382 -29.67 -17.37 -8.26
C ALA D 382 -30.99 -18.11 -8.37
N LEU D 383 -31.31 -18.62 -9.56
CA LEU D 383 -32.57 -19.34 -9.73
C LEU D 383 -32.63 -20.60 -8.87
N ALA D 384 -31.53 -21.33 -8.76
CA ALA D 384 -31.51 -22.46 -7.84
C ALA D 384 -31.81 -21.99 -6.40
N TRP D 385 -31.12 -20.93 -5.97
CA TRP D 385 -31.31 -20.37 -4.63
C TRP D 385 -32.75 -19.99 -4.44
N LEU D 386 -33.33 -19.35 -5.46
CA LEU D 386 -34.70 -18.90 -5.37
C LEU D 386 -35.66 -20.07 -5.19
N GLU D 387 -35.42 -21.21 -5.85
CA GLU D 387 -36.32 -22.34 -5.67
C GLU D 387 -36.35 -22.81 -4.21
N THR D 388 -35.20 -22.74 -3.54
CA THR D 388 -35.16 -23.07 -2.11
C THR D 388 -35.95 -22.06 -1.29
N ALA D 389 -35.84 -20.77 -1.62
CA ALA D 389 -36.51 -19.73 -0.85
C ALA D 389 -38.03 -19.84 -0.94
N TYR D 390 -38.54 -20.33 -2.07
CA TYR D 390 -39.97 -20.60 -2.25
C TYR D 390 -40.43 -21.80 -1.43
N ALA D 391 -39.53 -22.76 -1.21
CA ALA D 391 -39.83 -23.89 -0.33
C ALA D 391 -39.61 -23.54 1.13
N GLY D 392 -39.27 -22.29 1.42
CA GLY D 392 -39.05 -21.88 2.80
C GLY D 392 -37.85 -22.53 3.45
N GLN D 393 -36.83 -22.84 2.66
CA GLN D 393 -35.66 -23.53 3.12
C GLN D 393 -34.46 -22.94 2.44
N ALA D 394 -34.42 -21.62 2.39
CA ALA D 394 -33.23 -20.93 1.92
C ALA D 394 -32.10 -21.19 2.91
N PRO D 395 -30.88 -21.38 2.41
CA PRO D 395 -29.78 -21.84 3.27
C PRO D 395 -29.34 -20.81 4.29
N ARG D 396 -29.29 -21.25 5.56
CA ARG D 396 -28.64 -20.51 6.63
C ARG D 396 -27.17 -20.45 6.27
N VAL D 397 -26.68 -19.27 5.93
CA VAL D 397 -25.28 -19.10 5.57
C VAL D 397 -24.73 -17.88 6.28
N LEU D 398 -23.42 -17.74 6.19
CA LEU D 398 -22.75 -16.62 6.84
C LEU D 398 -22.98 -15.36 6.03
N CYS D 399 -23.56 -14.36 6.67
CA CYS D 399 -23.88 -13.11 6.01
C CYS D 399 -22.62 -12.33 5.71
N GLY D 400 -22.52 -11.83 4.48
CA GLY D 400 -21.50 -10.87 4.13
C GLY D 400 -20.18 -11.45 3.73
N VAL D 401 -20.09 -12.75 3.48
CA VAL D 401 -18.86 -13.40 3.06
C VAL D 401 -18.95 -13.66 1.58
N GLY D 402 -17.86 -13.47 0.85
CA GLY D 402 -17.83 -13.72 -0.59
C GLY D 402 -18.29 -15.11 -1.01
N VAL D 403 -18.23 -16.08 -0.12
CA VAL D 403 -18.53 -17.50 -0.35
C VAL D 403 -19.65 -17.96 0.58
N PRO D 404 -20.48 -18.93 0.18
CA PRO D 404 -21.48 -19.46 1.13
C PRO D 404 -20.81 -20.25 2.25
N VAL D 405 -21.10 -19.87 3.49
CA VAL D 405 -20.59 -20.57 4.65
C VAL D 405 -21.77 -21.03 5.49
N PRO D 406 -22.19 -22.27 5.34
CA PRO D 406 -23.41 -22.74 6.02
C PRO D 406 -23.27 -22.92 7.54
N GLN D 407 -23.68 -21.89 8.28
CA GLN D 407 -23.74 -21.97 9.74
C GLN D 407 -24.94 -22.81 10.18
N PRO D 408 -24.83 -23.61 11.25
CA PRO D 408 -25.98 -24.43 11.68
C PRO D 408 -27.06 -23.57 12.33
N SER D 409 -28.21 -24.19 12.64
CA SER D 409 -29.36 -23.45 13.15
C SER D 409 -29.36 -23.42 14.67
N ALA D 410 -29.76 -22.27 15.23
CA ALA D 410 -29.77 -22.11 16.67
C ALA D 410 -30.72 -23.10 17.32
N PHE D 411 -31.88 -23.29 16.72
CA PHE D 411 -32.87 -24.22 17.22
C PHE D 411 -32.43 -25.68 17.05
N THR D 412 -31.35 -25.91 16.29
CA THR D 412 -30.81 -27.25 16.06
C THR D 412 -29.86 -27.68 17.17
N VAL D 413 -28.89 -26.83 17.48
CA VAL D 413 -27.79 -27.18 18.39
C VAL D 413 -28.22 -27.11 19.85
N LEU D 414 -28.95 -26.05 20.23
CA LEU D 414 -29.22 -25.79 21.63
C LEU D 414 -30.58 -26.32 22.11
N GLY D 415 -31.53 -26.56 21.22
CA GLY D 415 -32.90 -26.72 21.65
C GLY D 415 -33.61 -25.39 21.87
N ASP D 416 -34.91 -25.50 22.17
CA ASP D 416 -35.80 -24.35 22.07
C ASP D 416 -35.56 -23.33 23.16
N LYS D 417 -35.57 -23.80 24.41
CA LYS D 417 -35.43 -22.87 25.53
C LYS D 417 -34.10 -22.14 25.44
N LEU D 418 -33.04 -22.89 25.16
CA LEU D 418 -31.72 -22.30 24.99
C LEU D 418 -31.63 -21.42 23.74
N ALA D 419 -32.33 -21.79 22.67
CA ALA D 419 -32.33 -20.97 21.47
C ALA D 419 -32.92 -19.60 21.75
N GLN D 420 -34.11 -19.59 22.39
CA GLN D 420 -34.81 -18.34 22.66
C GLN D 420 -34.09 -17.51 23.72
N GLN D 421 -33.50 -18.17 24.71
CA GLN D 421 -32.63 -17.46 25.64
C GLN D 421 -31.42 -16.90 24.92
N PHE D 422 -30.86 -17.68 23.98
CA PHE D 422 -29.80 -17.19 23.12
C PHE D 422 -30.30 -16.03 22.29
N LYS D 423 -31.50 -16.18 21.70
CA LYS D 423 -32.00 -15.15 20.79
C LYS D 423 -32.37 -13.86 21.52
N SER D 424 -32.87 -13.96 22.76
CA SER D 424 -33.23 -12.76 23.49
C SER D 424 -32.03 -11.91 23.88
N LEU D 425 -30.79 -12.39 23.69
CA LEU D 425 -29.64 -11.55 24.01
C LEU D 425 -29.55 -10.34 23.08
N ALA D 426 -29.99 -10.48 21.83
CA ALA D 426 -29.95 -9.34 20.91
C ALA D 426 -30.73 -8.17 21.51
N GLY D 427 -30.12 -6.99 21.48
CA GLY D 427 -30.69 -5.82 22.12
C GLY D 427 -30.07 -5.51 23.47
N GLN D 428 -29.75 -6.55 24.25
CA GLN D 428 -29.19 -6.45 25.60
C GLN D 428 -27.69 -6.14 25.58
N GLN D 429 -27.10 -6.05 26.77
CA GLN D 429 -25.69 -5.75 26.92
C GLN D 429 -24.88 -6.96 27.39
N SER D 430 -23.70 -7.14 26.79
CA SER D 430 -22.74 -8.10 27.31
C SER D 430 -22.02 -7.46 28.48
N ALA D 431 -21.12 -8.21 29.08
CA ALA D 431 -20.35 -7.65 30.17
C ALA D 431 -19.49 -6.45 29.76
N PHE D 432 -19.27 -6.23 28.47
CA PHE D 432 -18.37 -5.17 28.01
C PHE D 432 -19.06 -3.84 27.77
N GLY D 433 -20.37 -3.75 28.00
CA GLY D 433 -21.08 -2.50 27.82
C GLY D 433 -21.81 -2.31 26.52
N LYS D 434 -21.17 -2.51 25.36
CA LYS D 434 -21.90 -2.43 24.10
C LYS D 434 -23.01 -3.48 24.05
N THR D 435 -23.89 -3.31 23.06
CA THR D 435 -25.14 -4.04 22.96
C THR D 435 -25.03 -5.22 22.00
N PHE D 436 -25.60 -6.36 22.41
CA PHE D 436 -25.70 -7.52 21.54
C PHE D 436 -26.54 -7.14 20.32
N PRO D 437 -26.04 -7.35 19.10
CA PRO D 437 -26.84 -7.07 17.91
C PRO D 437 -27.72 -8.25 17.48
N SER D 438 -28.54 -8.00 16.47
CA SER D 438 -29.15 -9.07 15.70
C SER D 438 -28.13 -9.64 14.74
N ILE D 439 -28.00 -10.97 14.73
CA ILE D 439 -26.82 -11.68 14.23
C ILE D 439 -27.19 -12.64 13.09
N GLN E 16 -25.91 -16.42 48.75
CA GLN E 16 -25.77 -17.65 49.57
C GLN E 16 -24.60 -17.76 50.56
N TYR E 17 -23.38 -17.51 50.09
CA TYR E 17 -22.19 -17.44 50.93
C TYR E 17 -21.71 -15.99 51.00
N PRO E 18 -20.77 -15.67 51.89
CA PRO E 18 -20.29 -14.29 51.97
C PRO E 18 -19.33 -13.97 50.83
N ASP E 19 -18.96 -12.69 50.77
CA ASP E 19 -17.81 -12.24 49.96
C ASP E 19 -16.67 -13.25 50.13
N PRO E 20 -16.08 -13.74 49.04
CA PRO E 20 -15.00 -14.73 49.17
C PRO E 20 -13.80 -14.20 49.92
N ASN E 21 -13.57 -12.88 49.95
CA ASN E 21 -12.51 -12.33 50.80
C ASN E 21 -12.67 -12.81 52.25
N ASP E 22 -13.92 -12.90 52.71
CA ASP E 22 -14.30 -13.28 54.06
C ASP E 22 -14.67 -14.73 54.23
N ASP E 23 -14.87 -15.46 53.16
CA ASP E 23 -15.18 -16.86 53.33
C ASP E 23 -13.89 -17.58 53.68
N PRO E 24 -13.87 -18.40 54.73
CA PRO E 24 -12.67 -19.23 54.98
C PRO E 24 -12.47 -20.28 53.91
N PHE E 25 -13.50 -20.58 53.10
CA PHE E 25 -13.36 -21.52 51.99
C PHE E 25 -12.37 -21.01 50.96
N TYR E 26 -12.37 -19.69 50.72
CA TYR E 26 -11.43 -19.05 49.80
C TYR E 26 -10.13 -18.71 50.54
N ARG E 27 -9.50 -19.74 51.09
CA ARG E 27 -8.27 -19.63 51.85
C ARG E 27 -7.36 -20.82 51.57
N VAL E 28 -6.07 -20.57 51.47
CA VAL E 28 -5.11 -21.64 51.23
C VAL E 28 -4.73 -22.32 52.53
N PRO E 29 -4.95 -23.63 52.65
CA PRO E 29 -4.54 -24.32 53.86
C PRO E 29 -3.04 -24.24 53.99
N ALA E 30 -2.56 -24.27 55.23
CA ALA E 30 -1.13 -24.16 55.46
C ALA E 30 -0.42 -25.45 55.05
N ASN E 31 -1.12 -26.57 55.10
CA ASN E 31 -0.57 -27.86 54.69
C ASN E 31 -0.69 -28.05 53.19
N ILE E 32 -0.65 -26.94 52.44
CA ILE E 32 -1.02 -26.98 51.03
C ILE E 32 -0.21 -28.01 50.25
N ASN E 33 1.02 -28.28 50.67
CA ASN E 33 1.92 -29.14 49.90
C ASN E 33 1.66 -30.62 50.08
N THR E 34 0.80 -31.02 51.03
CA THR E 34 0.45 -32.44 51.11
C THR E 34 -0.42 -32.88 49.95
N TYR E 35 -1.21 -31.95 49.39
CA TYR E 35 -2.15 -32.26 48.32
C TYR E 35 -1.47 -32.28 46.95
N ALA E 36 -1.90 -33.21 46.09
CA ALA E 36 -1.38 -33.28 44.73
C ALA E 36 -1.99 -32.19 43.86
N ASN E 37 -1.37 -31.96 42.71
CA ASN E 37 -1.95 -31.05 41.72
C ASN E 37 -3.26 -31.60 41.20
N GLY E 38 -4.32 -30.84 41.38
CA GLY E 38 -5.65 -31.27 40.97
C GLY E 38 -6.34 -32.17 41.97
N GLN E 39 -5.97 -32.10 43.24
CA GLN E 39 -6.60 -32.87 44.30
C GLN E 39 -7.55 -31.98 45.10
N VAL E 40 -8.67 -32.56 45.55
CA VAL E 40 -9.67 -31.78 46.27
C VAL E 40 -9.22 -31.58 47.71
N ILE E 41 -9.27 -30.33 48.18
CA ILE E 41 -9.03 -30.04 49.58
C ILE E 41 -10.31 -30.28 50.39
N GLN E 42 -11.38 -29.58 50.04
CA GLN E 42 -12.70 -29.85 50.61
C GLN E 42 -13.74 -29.27 49.67
N SER E 43 -14.97 -29.74 49.81
CA SER E 43 -16.09 -29.35 48.95
C SER E 43 -17.21 -28.78 49.80
N ARG E 44 -18.19 -28.21 49.11
CA ARG E 44 -19.40 -27.76 49.78
C ARG E 44 -20.46 -27.61 48.71
N SER E 45 -21.72 -27.92 49.05
CA SER E 45 -22.73 -27.80 48.02
C SER E 45 -22.91 -26.33 47.66
N ALA E 46 -23.27 -26.10 46.38
CA ALA E 46 -23.42 -24.76 45.81
C ALA E 46 -24.71 -24.68 45.01
N THR E 47 -25.56 -23.71 45.36
CA THR E 47 -26.82 -23.45 44.67
C THR E 47 -26.64 -22.43 43.55
N THR E 48 -26.79 -22.89 42.31
CA THR E 48 -26.57 -22.05 41.14
C THR E 48 -27.85 -21.83 40.35
N ASP E 49 -27.87 -20.72 39.62
CA ASP E 49 -28.92 -20.48 38.65
C ASP E 49 -28.86 -21.53 37.53
N ILE E 50 -27.64 -21.84 37.10
CA ILE E 50 -27.43 -22.77 36.01
C ILE E 50 -27.82 -24.18 36.42
N GLY E 51 -27.41 -24.58 37.64
CA GLY E 51 -27.73 -25.91 38.13
C GLY E 51 -29.22 -26.13 38.28
N THR E 52 -29.91 -25.16 38.85
CA THR E 52 -31.36 -25.29 39.00
C THR E 52 -32.03 -25.40 37.63
N GLN E 53 -31.60 -24.61 36.62
CA GLN E 53 -32.25 -24.70 35.31
C GLN E 53 -32.04 -26.05 34.65
N ASN E 54 -30.92 -26.70 34.92
CA ASN E 54 -30.60 -27.95 34.24
C ASN E 54 -30.93 -29.18 35.07
N ASN E 55 -31.41 -28.99 36.30
CA ASN E 55 -31.66 -30.10 37.20
C ASN E 55 -30.35 -30.85 37.44
N ALA E 56 -29.32 -30.11 37.84
CA ALA E 56 -27.97 -30.65 37.97
C ALA E 56 -27.31 -30.06 39.21
N ALA E 57 -27.01 -30.90 40.20
CA ALA E 57 -26.45 -30.41 41.45
C ALA E 57 -25.08 -29.78 41.23
N SER E 58 -24.79 -28.74 42.00
CA SER E 58 -23.56 -27.99 41.86
C SER E 58 -22.81 -27.89 43.19
N PHE E 59 -21.49 -27.90 43.09
CA PHE E 59 -20.58 -27.83 44.22
C PHE E 59 -19.39 -26.96 43.89
N GLN E 60 -18.91 -26.21 44.87
CA GLN E 60 -17.65 -25.50 44.76
C GLN E 60 -16.56 -26.40 45.34
N LEU E 61 -15.47 -26.57 44.60
CA LEU E 61 -14.37 -27.43 45.03
C LEU E 61 -13.17 -26.55 45.30
N LEU E 62 -12.74 -26.54 46.55
CA LEU E 62 -11.44 -26.00 46.92
C LEU E 62 -10.42 -27.04 46.50
N TYR E 63 -9.57 -26.70 45.54
CA TYR E 63 -8.65 -27.69 45.00
C TYR E 63 -7.27 -27.07 44.86
N ARG E 64 -6.26 -27.93 44.85
CA ARG E 64 -4.88 -27.51 44.89
C ARG E 64 -4.25 -27.51 43.51
N THR E 65 -3.61 -26.38 43.19
CA THR E 65 -2.97 -26.14 41.91
C THR E 65 -1.58 -25.51 42.14
N THR E 66 -0.93 -25.07 41.07
CA THR E 66 0.36 -24.40 41.18
C THR E 66 0.23 -23.01 40.58
N ASP E 67 1.17 -22.11 40.89
CA ASP E 67 0.99 -20.75 40.39
C ASP E 67 2.09 -20.37 39.39
N THR E 68 2.25 -19.06 39.16
CA THR E 68 3.20 -18.56 38.18
C THR E 68 4.65 -18.70 38.65
N GLN E 69 4.88 -18.91 39.96
CA GLN E 69 6.23 -19.09 40.50
C GLN E 69 6.48 -20.49 41.04
N ASN E 70 5.65 -21.47 40.68
CA ASN E 70 5.79 -22.85 41.12
C ASN E 70 5.73 -23.03 42.64
N ASN E 71 5.34 -21.99 43.37
CA ASN E 71 4.96 -22.17 44.76
C ASN E 71 3.54 -22.77 44.72
N ALA E 72 3.25 -23.70 45.62
CA ALA E 72 2.02 -24.50 45.52
C ALA E 72 0.82 -23.78 46.13
N THR E 73 -0.25 -23.61 45.36
CA THR E 73 -1.42 -22.85 45.85
C THR E 73 -2.73 -23.60 45.67
N ALA E 74 -3.84 -22.87 45.76
CA ALA E 74 -5.13 -23.47 45.54
C ALA E 74 -6.06 -22.45 44.93
N SER E 75 -7.14 -22.95 44.32
CA SER E 75 -8.22 -22.11 43.85
C SER E 75 -9.51 -22.92 43.93
N VAL E 76 -10.62 -22.27 43.59
CA VAL E 76 -11.95 -22.87 43.67
C VAL E 76 -12.50 -22.94 42.27
N ALA E 77 -13.31 -23.97 42.02
CA ALA E 77 -14.03 -24.07 40.75
C ALA E 77 -15.40 -24.67 41.00
N THR E 78 -16.44 -24.05 40.48
CA THR E 78 -17.78 -24.60 40.58
C THR E 78 -17.92 -25.76 39.61
N VAL E 79 -18.64 -26.81 40.00
CA VAL E 79 -18.87 -27.95 39.10
C VAL E 79 -20.36 -28.25 39.06
N TRP E 80 -20.81 -28.87 37.96
CA TRP E 80 -22.23 -29.19 37.76
C TRP E 80 -22.37 -30.63 37.32
N ILE E 81 -23.05 -31.43 38.12
CA ILE E 81 -23.18 -32.86 37.87
C ILE E 81 -24.55 -33.11 37.25
N PRO E 82 -24.62 -33.55 36.00
CA PRO E 82 -25.92 -33.65 35.32
C PRO E 82 -26.78 -34.77 35.87
N SER E 83 -28.09 -34.54 35.80
CA SER E 83 -29.06 -35.49 36.36
C SER E 83 -29.15 -36.76 35.54
N LYS E 84 -28.78 -36.70 34.26
CA LYS E 84 -28.80 -37.84 33.34
C LYS E 84 -27.46 -37.83 32.62
N PRO E 85 -26.40 -38.34 33.27
CA PRO E 85 -25.04 -38.13 32.73
C PRO E 85 -24.72 -38.99 31.50
N ALA E 86 -23.87 -38.44 30.63
CA ALA E 86 -23.51 -39.06 29.37
C ALA E 86 -22.54 -40.23 29.55
N SER E 87 -22.68 -41.25 28.71
CA SER E 87 -21.86 -42.45 28.77
C SER E 87 -21.13 -42.71 27.46
N PRO E 88 -19.79 -42.90 27.48
CA PRO E 88 -18.85 -42.84 28.61
C PRO E 88 -18.60 -41.39 29.01
N PRO E 89 -18.17 -41.16 30.25
CA PRO E 89 -18.13 -39.79 30.80
C PRO E 89 -17.41 -38.77 29.92
N LYS E 90 -17.97 -37.55 29.88
CA LYS E 90 -17.40 -36.44 29.13
C LYS E 90 -17.46 -35.16 29.95
N ILE E 91 -16.46 -34.30 29.76
CA ILE E 91 -16.22 -33.14 30.60
C ILE E 91 -16.20 -31.89 29.73
N PHE E 92 -16.90 -30.85 30.17
CA PHE E 92 -16.97 -29.56 29.51
C PHE E 92 -16.31 -28.56 30.45
N SER E 93 -15.41 -27.74 29.95
CA SER E 93 -14.76 -26.74 30.79
C SER E 93 -14.96 -25.35 30.19
N TYR E 94 -16.00 -24.63 30.67
CA TYR E 94 -16.27 -23.27 30.23
C TYR E 94 -15.43 -22.28 31.01
N GLN E 95 -14.77 -21.39 30.32
CA GLN E 95 -13.92 -20.38 30.94
C GLN E 95 -14.60 -19.02 30.82
N VAL E 96 -14.99 -18.44 31.94
CA VAL E 96 -15.70 -17.18 31.93
C VAL E 96 -14.71 -16.05 31.70
N TYR E 97 -15.19 -14.98 31.09
CA TYR E 97 -14.35 -13.82 30.81
C TYR E 97 -14.47 -12.86 31.99
N GLU E 98 -13.88 -13.29 33.11
CA GLU E 98 -13.87 -12.51 34.33
C GLU E 98 -13.37 -11.08 34.10
N ASP E 99 -12.19 -10.95 33.50
CA ASP E 99 -11.64 -9.67 33.06
C ASP E 99 -11.58 -8.61 34.16
N ALA E 100 -11.26 -9.03 35.40
CA ALA E 100 -11.11 -8.13 36.54
C ALA E 100 -10.07 -8.65 37.52
N THR E 101 -9.43 -7.75 38.23
CA THR E 101 -8.45 -8.12 39.26
C THR E 101 -9.02 -7.90 40.66
N GLN E 102 -10.07 -8.69 40.94
CA GLN E 102 -10.68 -8.65 42.25
C GLN E 102 -11.28 -10.02 42.55
N LEU E 103 -11.10 -10.44 43.81
CA LEU E 103 -11.52 -11.77 44.18
C LEU E 103 -13.03 -11.91 44.20
N ASP E 104 -13.76 -10.85 44.54
CA ASP E 104 -15.21 -10.99 44.60
C ASP E 104 -15.86 -10.94 43.22
N CYS E 105 -15.07 -10.88 42.14
CA CYS E 105 -15.56 -11.08 40.78
C CYS E 105 -15.33 -12.51 40.29
N ALA E 106 -14.91 -13.42 41.14
CA ALA E 106 -14.55 -14.75 40.68
C ALA E 106 -15.79 -15.50 40.19
N PRO E 107 -15.65 -16.27 39.10
CA PRO E 107 -16.81 -17.03 38.59
C PRO E 107 -17.54 -17.81 39.64
N SER E 108 -16.82 -18.65 40.40
CA SER E 108 -17.43 -19.50 41.41
C SER E 108 -18.48 -18.76 42.25
N TYR E 109 -18.12 -17.55 42.70
CA TYR E 109 -18.99 -16.77 43.57
C TYR E 109 -20.20 -16.23 42.82
N ASN E 110 -20.00 -15.73 41.61
CA ASN E 110 -21.08 -15.15 40.82
C ASN E 110 -21.95 -16.21 40.18
N TYR E 111 -21.45 -17.43 40.07
CA TYR E 111 -22.29 -18.55 39.65
C TYR E 111 -23.41 -18.82 40.65
N LEU E 112 -23.18 -18.56 41.94
CA LEU E 112 -24.17 -18.84 42.97
C LEU E 112 -25.45 -18.07 42.70
N SER E 113 -26.59 -18.75 42.85
CA SER E 113 -27.89 -18.09 42.75
C SER E 113 -27.90 -16.83 43.60
N GLY E 114 -28.20 -15.70 42.99
CA GLY E 114 -28.19 -14.44 43.70
C GLY E 114 -27.93 -13.25 42.81
N PHE E 115 -28.29 -12.07 43.32
CA PHE E 115 -28.22 -10.81 42.60
C PHE E 115 -27.35 -9.77 43.28
N ASP E 116 -26.65 -10.12 44.37
CA ASP E 116 -25.91 -9.09 45.10
C ASP E 116 -24.41 -9.17 44.87
N GLN E 117 -23.94 -10.08 43.99
CA GLN E 117 -22.53 -10.09 43.62
C GLN E 117 -22.31 -9.19 42.40
N PRO E 118 -21.23 -8.39 42.42
CA PRO E 118 -21.05 -7.40 41.34
C PRO E 118 -20.72 -7.99 39.98
N GLY E 119 -19.84 -8.99 39.91
CA GLY E 119 -19.49 -9.57 38.64
C GLY E 119 -20.48 -10.64 38.25
N LYS E 120 -21.75 -10.32 38.43
CA LYS E 120 -22.78 -11.28 38.11
C LYS E 120 -22.96 -11.42 36.60
N GLY E 121 -22.57 -10.40 35.82
CA GLY E 121 -22.93 -10.35 34.41
C GLY E 121 -22.20 -11.34 33.52
N THR E 122 -20.97 -11.71 33.86
CA THR E 122 -20.18 -12.60 33.03
C THR E 122 -20.78 -13.99 32.94
N VAL E 123 -21.52 -14.41 33.95
CA VAL E 123 -22.05 -15.76 33.99
C VAL E 123 -23.51 -15.83 33.54
N ILE E 124 -24.09 -14.73 33.05
CA ILE E 124 -25.52 -14.69 32.76
C ILE E 124 -25.87 -14.56 31.28
N THR E 125 -24.96 -14.06 30.44
CA THR E 125 -25.32 -13.82 29.05
C THR E 125 -25.23 -15.10 28.23
N ASP E 126 -24.03 -15.40 27.76
CA ASP E 126 -23.78 -16.57 26.96
C ASP E 126 -23.30 -17.75 27.78
N THR E 127 -22.68 -17.47 28.93
CA THR E 127 -22.16 -18.53 29.81
C THR E 127 -23.19 -19.58 30.17
N PRO E 128 -24.40 -19.23 30.64
CA PRO E 128 -25.35 -20.28 31.03
C PRO E 128 -25.80 -21.16 29.88
N ILE E 129 -25.83 -20.61 28.66
CA ILE E 129 -26.26 -21.39 27.50
C ILE E 129 -25.24 -22.48 27.19
N ALA E 130 -23.94 -22.13 27.21
CA ALA E 130 -22.88 -23.09 26.96
C ALA E 130 -22.92 -24.25 27.95
N ILE E 131 -22.92 -23.92 29.25
CA ILE E 131 -22.87 -24.97 30.26
C ILE E 131 -24.16 -25.79 30.22
N SER E 132 -25.30 -25.12 30.01
CA SER E 132 -26.59 -25.82 29.95
C SER E 132 -26.60 -26.79 28.81
N TRP E 133 -26.09 -26.34 27.66
CA TRP E 133 -25.86 -27.24 26.53
C TRP E 133 -25.16 -28.51 27.03
N ALA E 134 -24.00 -28.34 27.65
CA ALA E 134 -23.22 -29.49 28.08
C ALA E 134 -24.01 -30.36 29.05
N LEU E 135 -24.67 -29.72 30.02
CA LEU E 135 -25.36 -30.51 31.04
C LEU E 135 -26.49 -31.33 30.43
N GLN E 136 -27.30 -30.70 29.57
CA GLN E 136 -28.36 -31.46 28.88
C GLN E 136 -27.78 -32.40 27.85
N GLN E 137 -26.57 -32.11 27.37
CA GLN E 137 -25.80 -33.08 26.63
C GLN E 137 -25.30 -34.21 27.53
N GLY E 138 -25.45 -34.08 28.85
CA GLY E 138 -25.00 -35.10 29.77
C GLY E 138 -23.57 -34.97 30.21
N TYR E 139 -22.93 -33.84 29.95
CA TYR E 139 -21.53 -33.68 30.24
C TYR E 139 -21.32 -33.12 31.63
N TYR E 140 -20.20 -33.48 32.25
CA TYR E 140 -19.84 -32.88 33.52
C TYR E 140 -19.23 -31.52 33.23
N ALA E 141 -19.73 -30.50 33.89
CA ALA E 141 -19.34 -29.14 33.56
C ALA E 141 -18.54 -28.55 34.71
N VAL E 142 -17.48 -27.82 34.38
CA VAL E 142 -16.64 -27.19 35.39
C VAL E 142 -16.27 -25.81 34.88
N SER E 143 -16.22 -24.84 35.77
CA SER E 143 -15.76 -23.51 35.41
C SER E 143 -14.86 -23.01 36.51
N SER E 144 -13.58 -22.92 36.19
CA SER E 144 -12.56 -22.67 37.18
C SER E 144 -12.27 -21.18 37.28
N ASP E 145 -12.09 -20.69 38.51
CA ASP E 145 -11.72 -19.30 38.71
C ASP E 145 -10.33 -19.08 38.16
N HIS E 146 -10.21 -19.05 36.82
CA HIS E 146 -8.91 -19.14 36.17
C HIS E 146 -7.91 -18.13 36.73
N GLU E 147 -8.42 -17.02 37.26
CA GLU E 147 -7.54 -15.95 37.81
C GLU E 147 -6.99 -16.38 39.18
N GLY E 148 -7.75 -17.20 39.91
CA GLY E 148 -7.26 -17.74 41.21
C GLY E 148 -7.46 -16.79 42.38
N PHE E 149 -6.93 -17.17 43.55
CA PHE E 149 -7.02 -16.32 44.77
C PHE E 149 -6.30 -15.03 44.47
N ARG E 150 -5.20 -15.14 43.73
CA ARG E 150 -4.41 -13.95 43.31
C ARG E 150 -5.34 -13.09 42.46
N SER E 151 -6.21 -13.72 41.65
CA SER E 151 -7.10 -12.97 40.72
C SER E 151 -6.25 -12.23 39.70
N ALA E 152 -5.11 -12.81 39.35
CA ALA E 152 -4.28 -12.22 38.28
C ALA E 152 -5.07 -12.28 36.98
N PHE E 153 -5.03 -11.22 36.18
CA PHE E 153 -5.79 -11.18 34.90
C PHE E 153 -4.80 -11.07 33.77
N ILE E 154 -4.94 -11.90 32.74
CA ILE E 154 -4.05 -11.88 31.53
C ILE E 154 -2.75 -12.62 31.85
N ALA E 155 -2.65 -13.23 33.04
CA ALA E 155 -1.46 -14.06 33.29
C ALA E 155 -1.82 -15.48 32.91
N GLY E 156 -1.28 -15.95 31.78
CA GLY E 156 -1.64 -17.28 31.28
C GLY E 156 -1.24 -18.44 32.16
N TYR E 157 -0.04 -18.39 32.74
CA TYR E 157 0.43 -19.59 33.48
C TYR E 157 -0.45 -19.89 34.67
N GLU E 158 -0.84 -18.88 35.45
CA GLU E 158 -1.77 -19.17 36.57
C GLU E 158 -3.10 -19.66 35.98
N GLU E 159 -3.58 -19.01 34.93
CA GLU E 159 -4.90 -19.38 34.35
C GLU E 159 -4.83 -20.80 33.79
N GLY E 160 -3.73 -21.14 33.10
CA GLY E 160 -3.66 -22.45 32.45
C GLY E 160 -3.66 -23.57 33.46
N MET E 161 -2.94 -23.41 34.56
CA MET E 161 -2.82 -24.52 35.54
C MET E 161 -4.16 -24.68 36.27
N ALA E 162 -4.76 -23.56 36.67
CA ALA E 162 -5.99 -23.64 37.44
C ALA E 162 -7.08 -24.42 36.68
N ILE E 163 -7.21 -24.14 35.38
CA ILE E 163 -8.29 -24.74 34.59
C ILE E 163 -8.05 -26.22 34.39
N LEU E 164 -6.80 -26.59 34.10
CA LEU E 164 -6.46 -27.99 33.95
C LEU E 164 -6.76 -28.75 35.25
N ASP E 165 -6.35 -28.17 36.39
CA ASP E 165 -6.66 -28.78 37.67
C ASP E 165 -8.15 -28.76 37.95
N GLY E 166 -8.85 -27.74 37.48
CA GLY E 166 -10.29 -27.81 37.52
C GLY E 166 -10.80 -29.08 36.88
N VAL E 167 -10.23 -29.47 35.74
CA VAL E 167 -10.66 -30.71 35.13
C VAL E 167 -10.21 -31.90 35.97
N ARG E 168 -8.96 -31.88 36.45
CA ARG E 168 -8.48 -32.87 37.40
C ARG E 168 -9.41 -32.99 38.60
N ALA E 169 -9.63 -31.88 39.30
CA ALA E 169 -10.43 -31.88 40.52
C ALA E 169 -11.81 -32.48 40.25
N LEU E 170 -12.37 -32.18 39.09
CA LEU E 170 -13.68 -32.70 38.74
C LEU E 170 -13.65 -34.20 38.43
N LYS E 171 -12.60 -34.67 37.74
CA LYS E 171 -12.49 -36.11 37.50
C LYS E 171 -12.40 -36.87 38.81
N ASN E 172 -11.62 -36.33 39.75
CA ASN E 172 -11.47 -36.92 41.07
C ASN E 172 -12.78 -36.92 41.83
N TYR E 173 -13.39 -35.73 41.99
CA TYR E 173 -14.54 -35.58 42.87
C TYR E 173 -15.61 -36.62 42.57
N LYS E 174 -15.75 -37.01 41.32
CA LYS E 174 -16.78 -37.94 40.91
C LYS E 174 -16.24 -39.34 40.62
N SER E 175 -14.92 -39.54 40.75
CA SER E 175 -14.26 -40.82 40.45
C SER E 175 -14.40 -41.20 38.98
N LEU E 176 -14.17 -40.21 38.11
CA LEU E 176 -14.23 -40.35 36.66
C LEU E 176 -12.95 -41.03 36.15
N PRO E 177 -13.10 -41.92 35.18
CA PRO E 177 -11.93 -42.56 34.57
C PRO E 177 -10.88 -41.54 34.15
N SER E 178 -9.62 -41.98 34.11
CA SER E 178 -8.52 -41.08 33.78
C SER E 178 -8.50 -40.72 32.30
N ASN E 179 -9.16 -41.53 31.46
CA ASN E 179 -9.34 -41.31 30.03
C ASN E 179 -10.65 -40.58 29.69
N SER E 180 -11.22 -39.84 30.64
CA SER E 180 -12.46 -39.11 30.38
C SER E 180 -12.20 -38.03 29.33
N ALA E 181 -13.10 -37.92 28.36
CA ALA E 181 -12.93 -36.95 27.28
C ALA E 181 -13.17 -35.54 27.81
N VAL E 182 -12.30 -34.60 27.43
CA VAL E 182 -12.24 -33.26 28.05
C VAL E 182 -12.32 -32.18 26.97
N GLY E 183 -13.34 -31.33 27.05
CA GLY E 183 -13.51 -30.24 26.10
C GLY E 183 -13.49 -28.88 26.77
N PHE E 184 -13.11 -27.84 25.99
CA PHE E 184 -12.95 -26.48 26.51
C PHE E 184 -13.63 -25.46 25.60
N TYR E 185 -14.28 -24.44 26.21
CA TYR E 185 -14.84 -23.29 25.50
C TYR E 185 -14.38 -22.01 26.18
N GLY E 186 -14.22 -20.94 25.43
CA GLY E 186 -13.98 -19.69 26.10
C GLY E 186 -13.91 -18.49 25.19
N TYR E 187 -14.51 -17.36 25.55
CA TYR E 187 -14.43 -16.17 24.71
C TYR E 187 -13.78 -15.02 25.47
N SER E 188 -13.01 -14.20 24.74
CA SER E 188 -12.29 -13.02 25.23
C SER E 188 -11.35 -13.48 26.33
N GLY E 189 -11.38 -12.88 27.52
CA GLY E 189 -10.50 -13.32 28.58
C GLY E 189 -10.69 -14.78 28.96
N GLY E 190 -11.91 -15.29 28.83
CA GLY E 190 -12.13 -16.71 29.01
C GLY E 190 -11.47 -17.51 27.92
N ALA E 191 -11.44 -16.97 26.71
CA ALA E 191 -10.65 -17.56 25.64
C ALA E 191 -9.17 -17.56 25.99
N HIS E 192 -8.62 -16.38 26.28
CA HIS E 192 -7.22 -16.27 26.72
C HIS E 192 -6.89 -17.31 27.78
N ALA E 193 -7.77 -17.50 28.75
CA ALA E 193 -7.65 -18.62 29.66
C ALA E 193 -7.62 -19.94 28.91
N THR E 194 -8.64 -20.19 28.07
CA THR E 194 -8.69 -21.47 27.35
C THR E 194 -7.46 -21.67 26.49
N GLY E 195 -6.92 -20.58 25.94
CA GLY E 195 -5.79 -20.70 25.03
C GLY E 195 -4.48 -21.03 25.69
N TRP E 196 -4.34 -20.73 26.98
CA TRP E 196 -3.17 -21.15 27.74
C TRP E 196 -3.37 -22.53 28.33
N ALA E 197 -4.58 -22.83 28.78
CA ALA E 197 -4.86 -24.18 29.22
C ALA E 197 -4.42 -25.20 28.17
N VAL E 198 -4.51 -24.85 26.88
CA VAL E 198 -4.14 -25.82 25.84
C VAL E 198 -2.62 -25.86 25.62
N SER E 199 -1.95 -24.71 25.64
CA SER E 199 -0.49 -24.71 25.55
C SER E 199 0.13 -25.55 26.65
N LEU E 200 -0.26 -25.29 27.91
CA LEU E 200 0.33 -26.01 29.03
C LEU E 200 -0.19 -27.43 29.09
N SER E 201 -1.34 -27.71 28.46
CA SER E 201 -1.98 -29.02 28.58
C SER E 201 -0.99 -30.16 28.40
N GLY E 202 -0.06 -30.02 27.46
CA GLY E 202 0.96 -31.03 27.18
C GLY E 202 1.86 -31.35 28.35
N ALA E 203 2.66 -30.37 28.76
CA ALA E 203 3.54 -30.59 29.90
C ALA E 203 2.72 -30.84 31.16
N TYR E 204 1.84 -29.90 31.49
CA TYR E 204 1.25 -29.83 32.81
C TYR E 204 0.20 -30.90 33.05
N ALA E 205 -0.41 -31.46 32.00
CA ALA E 205 -1.51 -32.38 32.24
C ALA E 205 -1.65 -33.40 31.10
N SER E 206 -0.61 -34.20 30.89
CA SER E 206 -0.74 -35.27 29.91
C SER E 206 -1.67 -36.38 30.35
N ASP E 207 -2.26 -36.25 31.53
CA ASP E 207 -3.28 -37.21 31.93
C ASP E 207 -4.65 -36.92 31.33
N LEU E 208 -4.89 -35.70 30.86
CA LEU E 208 -6.21 -35.30 30.38
C LEU E 208 -6.41 -35.69 28.92
N ASN E 209 -7.43 -36.50 28.66
CA ASN E 209 -7.74 -36.94 27.30
C ASN E 209 -8.56 -35.81 26.66
N ILE E 210 -7.85 -34.81 26.16
CA ILE E 210 -8.46 -33.56 25.69
C ILE E 210 -8.84 -33.68 24.20
N ILE E 211 -10.15 -33.81 23.93
CA ILE E 211 -10.69 -34.12 22.60
C ILE E 211 -10.94 -32.92 21.70
N GLY E 212 -10.87 -31.70 22.22
CA GLY E 212 -11.07 -30.52 21.41
C GLY E 212 -11.20 -29.27 22.25
N ALA E 213 -10.88 -28.11 21.68
CA ALA E 213 -10.96 -26.86 22.45
C ALA E 213 -11.39 -25.74 21.50
N ALA E 214 -12.64 -25.32 21.61
CA ALA E 214 -13.20 -24.29 20.75
C ALA E 214 -13.24 -22.97 21.52
N TYR E 215 -12.55 -21.96 21.01
CA TYR E 215 -12.48 -20.68 21.71
C TYR E 215 -12.21 -19.56 20.72
N GLY E 216 -12.92 -18.45 20.88
CA GLY E 216 -12.80 -17.33 19.97
C GLY E 216 -12.37 -16.06 20.68
N GLY E 217 -12.06 -15.05 19.87
CA GLY E 217 -11.66 -13.74 20.38
C GLY E 217 -10.41 -13.78 21.20
N LEU E 218 -9.48 -14.63 20.82
CA LEU E 218 -8.32 -14.89 21.66
C LEU E 218 -7.35 -13.72 21.65
N PRO E 219 -6.95 -13.20 22.83
CA PRO E 219 -5.84 -12.22 22.90
C PRO E 219 -4.50 -12.94 23.02
N ALA E 220 -4.01 -13.44 21.88
CA ALA E 220 -2.81 -14.29 21.87
C ALA E 220 -1.59 -13.58 22.45
N SER E 221 -1.38 -12.30 22.07
CA SER E 221 -0.32 -11.50 22.66
C SER E 221 -0.87 -10.65 23.78
N ALA E 222 -0.28 -10.79 24.98
CA ALA E 222 -0.60 -9.88 26.06
C ALA E 222 -0.20 -8.45 25.71
N LYS E 223 1.09 -8.23 25.43
CA LYS E 223 1.59 -6.88 25.18
C LYS E 223 0.80 -6.17 24.09
N ASP E 224 0.47 -6.88 23.01
CA ASP E 224 -0.22 -6.25 21.89
C ASP E 224 -1.61 -5.81 22.30
N THR E 225 -2.36 -6.74 22.91
CA THR E 225 -3.67 -6.44 23.43
C THR E 225 -3.62 -5.21 24.32
N PHE E 226 -2.51 -5.00 25.03
CA PHE E 226 -2.34 -3.76 25.81
C PHE E 226 -2.22 -2.55 24.88
N LEU E 227 -1.30 -2.65 23.92
CA LEU E 227 -1.06 -1.56 22.99
C LEU E 227 -2.30 -1.26 22.16
N PHE E 228 -3.10 -2.29 21.86
CA PHE E 228 -4.31 -2.11 21.07
C PHE E 228 -5.32 -1.23 21.80
N LEU E 229 -5.53 -1.48 23.11
CA LEU E 229 -6.52 -0.79 23.92
C LEU E 229 -6.00 0.48 24.55
N ASN E 230 -4.74 0.51 24.97
CA ASN E 230 -4.23 1.66 25.68
C ASN E 230 -4.47 2.98 24.98
N ALA E 231 -5.06 3.93 25.70
CA ALA E 231 -5.10 5.34 25.30
C ALA E 231 -5.89 5.57 24.01
N LYS E 232 -6.39 4.50 23.41
CA LYS E 232 -6.99 4.59 22.09
C LYS E 232 -8.35 3.89 21.99
N SER E 233 -8.85 3.33 23.07
CA SER E 233 -10.13 2.64 23.06
C SER E 233 -10.90 3.03 24.32
N PRO E 234 -12.23 3.02 24.26
CA PRO E 234 -13.03 3.24 25.48
C PRO E 234 -12.90 2.14 26.52
N PHE E 235 -12.25 1.02 26.20
CA PHE E 235 -12.07 -0.09 27.13
C PHE E 235 -10.66 -0.16 27.71
N ALA E 236 -9.98 0.99 27.75
CA ALA E 236 -8.63 1.05 28.31
C ALA E 236 -8.57 0.53 29.73
N GLY E 237 -9.71 0.36 30.39
CA GLY E 237 -9.71 -0.32 31.67
C GLY E 237 -9.13 -1.72 31.55
N PHE E 238 -9.34 -2.36 30.39
CA PHE E 238 -8.74 -3.67 30.21
C PHE E 238 -7.22 -3.59 30.11
N ALA E 239 -6.68 -2.44 29.70
CA ALA E 239 -5.23 -2.25 29.74
C ALA E 239 -4.72 -2.34 31.17
N ILE E 240 -5.35 -1.59 32.08
CA ILE E 240 -4.87 -1.57 33.47
C ILE E 240 -5.23 -2.87 34.16
N ALA E 241 -6.47 -3.36 33.96
CA ALA E 241 -6.87 -4.66 34.46
C ALA E 241 -5.88 -5.75 34.07
N GLY E 242 -5.28 -5.63 32.89
CA GLY E 242 -4.18 -6.51 32.55
C GLY E 242 -2.93 -6.25 33.37
N VAL E 243 -2.49 -4.98 33.42
CA VAL E 243 -1.28 -4.63 34.15
C VAL E 243 -1.40 -5.06 35.61
N SER E 244 -2.48 -4.69 36.27
CA SER E 244 -2.70 -5.13 37.65
C SER E 244 -2.57 -6.64 37.75
N GLY E 245 -3.32 -7.37 36.91
CA GLY E 245 -3.29 -8.81 36.99
C GLY E 245 -1.92 -9.40 36.76
N LEU E 246 -1.10 -8.79 35.90
CA LEU E 246 0.26 -9.30 35.73
C LEU E 246 1.10 -8.98 36.94
N ALA E 247 1.01 -7.74 37.42
CA ALA E 247 1.76 -7.35 38.60
C ALA E 247 1.33 -8.15 39.83
N LEU E 248 0.08 -8.58 39.87
CA LEU E 248 -0.36 -9.46 40.95
C LEU E 248 0.31 -10.83 40.85
N ALA E 249 0.65 -11.28 39.64
CA ALA E 249 1.24 -12.59 39.41
C ALA E 249 2.75 -12.59 39.26
N HIS E 250 3.38 -11.42 39.09
CA HIS E 250 4.82 -11.30 38.96
C HIS E 250 5.27 -10.30 40.01
N PRO E 251 5.64 -10.77 41.20
CA PRO E 251 5.90 -9.84 42.32
C PRO E 251 7.04 -8.87 42.07
N ASP E 252 7.99 -9.22 41.22
CA ASP E 252 9.06 -8.30 40.85
C ASP E 252 8.57 -7.22 39.90
N MET E 253 7.55 -7.52 39.09
CA MET E 253 6.85 -6.48 38.33
C MET E 253 6.07 -5.57 39.27
N GLU E 254 5.32 -6.19 40.20
CA GLU E 254 4.67 -5.46 41.28
C GLU E 254 5.65 -4.53 41.96
N ALA E 255 6.79 -5.09 42.39
CA ALA E 255 7.83 -4.31 43.05
C ALA E 255 8.36 -3.20 42.16
N PHE E 256 8.30 -3.39 40.84
CA PHE E 256 8.82 -2.40 39.89
C PHE E 256 7.85 -1.25 39.65
N ILE E 257 6.55 -1.55 39.55
CA ILE E 257 5.56 -0.54 39.19
C ILE E 257 5.29 0.40 40.36
N GLN E 258 5.21 -0.16 41.57
CA GLN E 258 4.74 0.57 42.73
C GLN E 258 5.55 1.82 42.99
N PRO E 259 6.89 1.78 43.05
CA PRO E 259 7.64 3.02 43.28
C PRO E 259 7.54 3.98 42.12
N ARG E 260 7.16 3.52 40.93
CA ARG E 260 6.98 4.38 39.78
C ARG E 260 5.57 4.95 39.65
N LEU E 261 4.57 4.37 40.34
CA LEU E 261 3.23 4.92 40.31
C LEU E 261 3.21 6.35 40.86
N ASN E 262 2.58 7.26 40.11
CA ASN E 262 2.39 8.62 40.58
C ASN E 262 1.05 8.75 41.29
N ALA E 263 0.77 9.96 41.78
CA ALA E 263 -0.44 10.20 42.57
C ALA E 263 -1.67 9.60 41.91
N ARG E 264 -1.91 9.99 40.68
CA ARG E 264 -3.05 9.49 39.93
C ARG E 264 -2.97 7.97 39.78
N GLY E 265 -1.75 7.42 39.61
CA GLY E 265 -1.60 6.00 39.35
C GLY E 265 -2.04 5.11 40.50
N ARG E 266 -1.58 5.40 41.71
CA ARG E 266 -1.99 4.59 42.84
C ARG E 266 -3.50 4.63 42.99
N GLN E 267 -4.10 5.80 42.72
CA GLN E 267 -5.55 5.93 42.81
C GLN E 267 -6.23 4.97 41.86
N VAL E 268 -5.71 4.86 40.64
CA VAL E 268 -6.30 3.94 39.68
C VAL E 268 -5.93 2.51 40.02
N LEU E 269 -4.68 2.29 40.46
CA LEU E 269 -4.29 0.91 40.74
C LEU E 269 -5.01 0.39 41.97
N GLN E 270 -5.10 1.19 43.03
CA GLN E 270 -5.90 0.75 44.15
C GLN E 270 -7.34 0.50 43.72
N GLN E 271 -7.90 1.45 42.98
CA GLN E 271 -9.31 1.36 42.63
C GLN E 271 -9.57 0.13 41.76
N ILE E 272 -8.75 -0.07 40.72
CA ILE E 272 -9.00 -1.18 39.81
C ILE E 272 -8.88 -2.50 40.55
N ARG E 273 -8.25 -2.48 41.72
CA ARG E 273 -8.14 -3.65 42.57
C ARG E 273 -9.16 -3.68 43.70
N SER E 274 -9.90 -2.59 43.92
CA SER E 274 -10.85 -2.52 45.02
C SER E 274 -11.99 -3.56 44.88
N ARG E 275 -12.91 -3.60 45.83
CA ARG E 275 -14.04 -4.52 45.70
C ARG E 275 -15.01 -4.02 44.65
N GLY E 276 -15.81 -4.96 44.13
CA GLY E 276 -16.84 -4.62 43.18
C GLY E 276 -16.34 -4.03 41.89
N GLN E 277 -15.03 -3.91 41.70
CA GLN E 277 -14.46 -3.46 40.44
C GLN E 277 -14.34 -4.67 39.54
N CYS E 278 -15.51 -5.09 39.04
CA CYS E 278 -15.61 -6.23 38.15
C CYS E 278 -15.67 -5.79 36.69
N ILE E 279 -16.05 -6.73 35.83
CA ILE E 279 -15.86 -6.50 34.41
C ILE E 279 -16.60 -5.24 33.97
N GLY E 280 -17.80 -5.03 34.50
CA GLY E 280 -18.54 -3.82 34.15
C GLY E 280 -17.80 -2.57 34.57
N GLN E 281 -17.31 -2.54 35.80
CA GLN E 281 -16.59 -1.37 36.29
C GLN E 281 -15.24 -1.21 35.60
N VAL E 282 -14.61 -2.33 35.23
CA VAL E 282 -13.30 -2.25 34.59
C VAL E 282 -13.44 -1.75 33.16
N SER E 283 -14.29 -2.40 32.37
CA SER E 283 -14.63 -2.04 31.00
C SER E 283 -14.80 -0.53 30.74
N THR E 284 -15.85 0.01 31.34
CA THR E 284 -16.33 1.35 31.07
C THR E 284 -15.76 2.41 32.00
N GLY E 285 -15.23 2.01 33.15
CA GLY E 285 -14.76 2.99 34.11
C GLY E 285 -13.61 3.84 33.59
N TYR E 286 -12.80 3.29 32.69
CA TYR E 286 -11.58 3.94 32.23
C TYR E 286 -11.52 3.95 30.71
N PRO E 287 -12.22 4.89 30.07
CA PRO E 287 -12.15 4.99 28.60
C PRO E 287 -10.99 5.87 28.15
N PHE E 288 -10.24 5.38 27.16
CA PHE E 288 -9.14 6.11 26.51
C PHE E 288 -8.07 6.60 27.47
N LEU E 289 -7.94 5.93 28.62
CA LEU E 289 -6.94 6.29 29.62
C LEU E 289 -5.58 5.79 29.16
N ASP E 290 -4.55 6.65 29.23
CA ASP E 290 -3.18 6.25 28.93
C ASP E 290 -2.49 5.67 30.17
N THR E 291 -2.20 4.36 30.14
CA THR E 291 -1.57 3.71 31.28
C THR E 291 -0.22 4.33 31.60
N PHE E 292 0.47 4.84 30.58
CA PHE E 292 1.76 5.51 30.77
C PHE E 292 1.63 6.80 31.57
N SER E 293 0.46 7.41 31.59
CA SER E 293 0.23 8.58 32.43
C SER E 293 0.15 8.23 33.92
N LEU E 294 -0.31 7.02 34.27
CA LEU E 294 -0.35 6.60 35.67
C LEU E 294 1.03 6.42 36.28
N VAL E 295 2.02 6.00 35.49
CA VAL E 295 3.37 5.72 35.97
C VAL E 295 4.29 6.84 35.55
N ASN E 296 5.26 7.16 36.40
CA ASN E 296 6.22 8.18 36.03
C ASN E 296 7.14 7.75 34.90
N ASP E 297 7.35 6.45 34.69
CA ASP E 297 8.27 5.99 33.65
C ASP E 297 7.52 5.50 32.42
N THR E 298 7.69 6.19 31.28
CA THR E 298 7.01 5.81 30.06
C THR E 298 7.74 4.73 29.25
N ASN E 299 9.04 4.52 29.51
CA ASN E 299 9.81 3.46 28.87
C ASN E 299 9.64 2.11 29.59
N LEU E 300 8.61 2.01 30.44
CA LEU E 300 8.41 0.86 31.31
C LEU E 300 8.33 -0.44 30.53
N LEU E 301 7.79 -0.40 29.31
CA LEU E 301 7.65 -1.65 28.55
C LEU E 301 8.97 -2.28 28.15
N ASN E 302 10.00 -1.47 27.85
CA ASN E 302 11.30 -2.01 27.45
C ASN E 302 12.19 -2.45 28.61
N GLU E 303 11.86 -2.04 29.83
CA GLU E 303 12.66 -2.24 31.03
C GLU E 303 12.40 -3.57 31.72
N GLU E 304 13.43 -4.09 32.36
CA GLU E 304 13.30 -5.30 33.16
C GLU E 304 12.50 -5.04 34.43
N PRO E 305 11.69 -6.01 34.87
CA PRO E 305 11.51 -7.36 34.32
C PRO E 305 10.39 -7.45 33.29
N ILE E 306 9.80 -6.30 33.00
CA ILE E 306 8.57 -6.23 32.23
C ILE E 306 8.79 -6.80 30.83
N VAL E 307 9.87 -6.37 30.16
CA VAL E 307 10.19 -6.82 28.80
C VAL E 307 10.30 -8.34 28.76
N SER E 308 10.88 -8.93 29.81
CA SER E 308 11.03 -10.37 29.92
C SER E 308 9.69 -11.02 30.25
N ILE E 309 8.91 -10.39 31.15
CA ILE E 309 7.60 -10.94 31.50
C ILE E 309 6.68 -10.87 30.28
N LEU E 310 6.74 -9.76 29.55
CA LEU E 310 5.93 -9.62 28.35
C LEU E 310 6.19 -10.78 27.39
N LYS E 311 7.46 -11.11 27.18
CA LYS E 311 7.79 -12.17 26.23
C LYS E 311 7.54 -13.55 26.82
N ALA E 312 7.26 -13.63 28.11
CA ALA E 312 6.82 -14.87 28.69
C ALA E 312 5.32 -15.03 28.72
N GLU E 313 4.58 -13.92 28.80
CA GLU E 313 3.11 -13.97 28.81
C GLU E 313 2.55 -13.71 27.42
N THR E 314 3.09 -14.38 26.39
CA THR E 314 2.56 -14.32 25.03
C THR E 314 2.58 -15.70 24.41
N LEU E 315 1.62 -15.95 23.52
CA LEU E 315 1.56 -17.17 22.74
C LEU E 315 2.10 -17.00 21.31
N VAL E 316 2.50 -15.78 20.95
CA VAL E 316 3.00 -15.48 19.60
C VAL E 316 4.47 -15.86 19.49
N GLN E 317 4.78 -16.79 18.59
CA GLN E 317 6.13 -17.34 18.56
C GLN E 317 7.15 -16.27 18.17
N SER E 318 6.79 -15.38 17.26
CA SER E 318 7.73 -14.34 16.86
C SER E 318 8.04 -13.36 17.98
N GLU E 319 7.21 -13.30 19.02
CA GLU E 319 7.51 -12.47 20.17
C GLU E 319 8.23 -13.22 21.26
N ALA E 320 7.83 -14.47 21.44
CA ALA E 320 8.02 -15.18 22.69
C ALA E 320 9.49 -15.30 23.06
N GLY E 321 9.74 -15.42 24.36
CA GLY E 321 11.03 -15.80 24.86
C GLY E 321 11.11 -17.29 25.13
N TYR E 322 10.13 -18.07 24.64
CA TYR E 322 10.11 -19.50 24.85
C TYR E 322 9.57 -20.20 23.62
N THR E 323 9.58 -21.53 23.67
CA THR E 323 9.04 -22.37 22.61
C THR E 323 7.58 -22.68 22.93
N VAL E 324 6.68 -22.05 22.20
CA VAL E 324 5.26 -22.21 22.49
C VAL E 324 4.81 -23.58 21.99
N PRO E 325 4.15 -24.38 22.80
CA PRO E 325 3.75 -25.73 22.38
C PRO E 325 2.71 -25.70 21.27
N VAL E 326 2.74 -26.75 20.45
CA VAL E 326 1.83 -26.85 19.32
C VAL E 326 0.91 -28.05 19.49
N PRO E 327 -0.19 -27.88 20.20
CA PRO E 327 -1.08 -29.00 20.49
C PRO E 327 -1.74 -29.59 19.25
N LYS E 328 -1.78 -30.92 19.21
CA LYS E 328 -2.27 -31.63 18.03
C LYS E 328 -3.78 -31.83 18.02
N PHE E 329 -4.42 -31.88 19.19
CA PHE E 329 -5.83 -32.22 19.23
C PHE E 329 -6.67 -31.19 18.45
N PRO E 330 -7.84 -31.60 17.97
CA PRO E 330 -8.68 -30.68 17.19
C PRO E 330 -9.07 -29.42 17.98
N ARG E 331 -8.97 -28.27 17.31
CA ARG E 331 -9.33 -26.97 17.84
C ARG E 331 -10.23 -26.23 16.86
N PHE E 332 -11.23 -25.55 17.40
CA PHE E 332 -12.08 -24.64 16.67
C PHE E 332 -11.84 -23.26 17.23
N MET E 333 -11.54 -22.31 16.37
CA MET E 333 -11.24 -20.95 16.83
C MET E 333 -11.87 -19.93 15.90
N TRP E 334 -12.34 -18.82 16.44
CA TRP E 334 -12.89 -17.73 15.63
C TRP E 334 -12.38 -16.40 16.12
N HIS E 335 -12.87 -15.35 15.51
CA HIS E 335 -12.44 -14.00 15.84
C HIS E 335 -13.15 -13.00 14.91
N ALA E 336 -13.58 -11.88 15.48
CA ALA E 336 -14.10 -10.76 14.72
C ALA E 336 -12.97 -10.06 13.98
N LEU E 337 -13.02 -10.09 12.63
CA LEU E 337 -12.00 -9.39 11.86
C LEU E 337 -11.91 -7.92 12.23
N GLU E 338 -13.05 -7.25 12.37
CA GLU E 338 -13.12 -5.86 12.80
C GLU E 338 -13.18 -5.71 14.32
N ASP E 339 -12.45 -6.53 15.09
CA ASP E 339 -12.58 -6.52 16.55
C ASP E 339 -11.95 -5.26 17.11
N GLU E 340 -12.67 -4.61 18.03
CA GLU E 340 -12.30 -3.31 18.56
C GLU E 340 -11.70 -3.40 19.96
N ILE E 341 -11.63 -4.61 20.51
CA ILE E 341 -11.19 -4.85 21.88
C ILE E 341 -9.96 -5.78 21.88
N VAL E 342 -10.13 -7.00 21.35
CA VAL E 342 -9.02 -7.93 21.16
C VAL E 342 -8.59 -7.84 19.69
N PRO E 343 -7.39 -7.35 19.39
CA PRO E 343 -6.98 -7.20 17.99
C PRO E 343 -6.94 -8.55 17.27
N PHE E 344 -7.32 -8.52 15.99
CA PHE E 344 -7.33 -9.71 15.15
C PHE E 344 -5.94 -10.15 14.72
N GLN E 345 -4.98 -9.23 14.66
CA GLN E 345 -3.68 -9.57 14.09
C GLN E 345 -2.96 -10.62 14.92
N PRO E 346 -2.76 -10.43 16.25
CA PRO E 346 -2.03 -11.44 17.04
C PRO E 346 -2.70 -12.80 17.02
N ASP E 347 -4.02 -12.86 17.20
CA ASP E 347 -4.69 -14.15 17.11
C ASP E 347 -4.47 -14.76 15.73
N ALA E 348 -4.63 -13.95 14.68
CA ALA E 348 -4.38 -14.43 13.32
C ALA E 348 -2.98 -14.98 13.18
N GLN E 349 -1.99 -14.22 13.66
CA GLN E 349 -0.60 -14.65 13.60
C GLN E 349 -0.41 -16.01 14.27
N TYR E 350 -0.85 -16.13 15.52
CA TYR E 350 -0.74 -17.39 16.26
C TYR E 350 -1.38 -18.54 15.50
N VAL E 351 -2.54 -18.30 14.89
CA VAL E 351 -3.18 -19.41 14.19
C VAL E 351 -2.27 -19.92 13.08
N LYS E 352 -1.74 -19.00 12.25
CA LYS E 352 -0.84 -19.40 11.18
C LYS E 352 0.33 -20.22 11.70
N GLU E 353 1.00 -19.72 12.75
CA GLU E 353 2.20 -20.37 13.26
C GLU E 353 1.93 -21.82 13.64
N GLN E 354 0.85 -22.05 14.40
CA GLN E 354 0.57 -23.39 14.91
C GLN E 354 0.24 -24.36 13.78
N CYS E 355 -0.43 -23.87 12.73
CA CYS E 355 -0.75 -24.71 11.58
C CYS E 355 0.50 -25.21 10.89
N SER E 356 1.51 -24.33 10.77
CA SER E 356 2.76 -24.71 10.13
C SER E 356 3.48 -25.82 10.88
N LYS E 357 3.17 -25.98 12.17
CA LYS E 357 3.75 -27.02 13.01
C LYS E 357 2.82 -28.19 13.24
N GLY E 358 1.90 -28.44 12.31
CA GLY E 358 1.08 -29.63 12.37
C GLY E 358 -0.09 -29.58 13.32
N ALA E 359 -0.65 -28.39 13.55
CA ALA E 359 -1.83 -28.26 14.39
C ALA E 359 -3.08 -28.68 13.61
N ASP E 360 -4.20 -28.79 14.32
CA ASP E 360 -5.51 -29.12 13.73
C ASP E 360 -6.52 -28.03 14.06
N ILE E 361 -6.37 -26.86 13.47
CA ILE E 361 -7.16 -25.70 13.85
C ILE E 361 -8.24 -25.48 12.81
N ASN E 362 -9.50 -25.64 13.21
CA ASN E 362 -10.59 -25.14 12.38
C ASN E 362 -10.74 -23.65 12.68
N TRP E 363 -10.37 -22.81 11.71
CA TRP E 363 -10.25 -21.37 11.85
C TRP E 363 -11.42 -20.72 11.16
N ASN E 364 -12.15 -19.87 11.87
CA ASN E 364 -13.29 -19.17 11.31
C ASN E 364 -13.16 -17.69 11.57
N ILE E 365 -13.23 -16.91 10.50
CA ILE E 365 -13.11 -15.47 10.60
C ILE E 365 -14.48 -14.89 10.31
N TYR E 366 -14.85 -13.89 11.08
CA TYR E 366 -16.12 -13.22 10.85
C TYR E 366 -15.87 -11.80 10.33
N PRO E 367 -16.20 -11.51 9.06
CA PRO E 367 -15.87 -10.20 8.52
C PRO E 367 -16.76 -9.11 9.09
N VAL E 368 -18.08 -9.34 9.10
CA VAL E 368 -19.00 -8.37 9.70
C VAL E 368 -19.11 -8.80 11.15
N ALA E 369 -18.21 -8.25 11.96
CA ALA E 369 -18.19 -8.69 13.33
C ALA E 369 -17.56 -7.62 14.19
N GLU E 370 -17.98 -7.63 15.44
CA GLU E 370 -17.47 -6.80 16.50
C GLU E 370 -17.27 -7.77 17.64
N HIS E 371 -16.47 -7.38 18.63
CA HIS E 371 -16.16 -8.32 19.70
C HIS E 371 -17.44 -8.89 20.32
N ILE E 372 -18.47 -8.04 20.46
CA ILE E 372 -19.74 -8.45 21.04
C ILE E 372 -20.51 -9.40 20.12
N SER E 373 -20.61 -9.06 18.84
CA SER E 373 -21.36 -9.87 17.88
C SER E 373 -20.71 -11.24 17.67
N ALA E 374 -19.37 -11.29 17.64
CA ALA E 374 -18.65 -12.54 17.46
C ALA E 374 -18.83 -13.46 18.67
N GLU E 375 -19.05 -12.87 19.85
CA GLU E 375 -19.35 -13.67 21.04
C GLU E 375 -20.51 -14.62 20.75
N LEU E 376 -21.53 -14.13 20.04
CA LEU E 376 -22.69 -14.96 19.79
C LEU E 376 -22.60 -15.67 18.45
N LEU E 377 -22.12 -14.98 17.42
CA LEU E 377 -21.81 -15.62 16.15
C LEU E 377 -21.03 -16.92 16.33
N GLY E 378 -19.98 -16.89 17.15
CA GLY E 378 -19.17 -18.10 17.26
C GLY E 378 -19.73 -19.19 18.15
N LEU E 379 -20.72 -18.87 18.99
CA LEU E 379 -21.19 -19.83 19.98
C LEU E 379 -21.91 -20.99 19.32
N VAL E 380 -22.86 -20.72 18.43
CA VAL E 380 -23.67 -21.82 17.92
C VAL E 380 -22.79 -22.75 17.09
N PRO E 381 -21.88 -22.23 16.24
CA PRO E 381 -20.95 -23.16 15.56
C PRO E 381 -20.04 -23.91 16.52
N ALA E 382 -19.42 -23.19 17.45
CA ALA E 382 -18.46 -23.82 18.35
C ALA E 382 -19.08 -24.96 19.13
N LEU E 383 -20.23 -24.70 19.78
CA LEU E 383 -20.92 -25.78 20.49
C LEU E 383 -21.33 -26.88 19.52
N ALA E 384 -21.83 -26.51 18.34
CA ALA E 384 -22.11 -27.49 17.32
C ALA E 384 -20.85 -28.28 17.04
N TRP E 385 -19.75 -27.57 16.89
CA TRP E 385 -18.47 -28.22 16.63
C TRP E 385 -18.09 -29.10 17.81
N LEU E 386 -18.21 -28.59 19.03
CA LEU E 386 -17.75 -29.33 20.19
C LEU E 386 -18.46 -30.67 20.31
N GLU E 387 -19.76 -30.72 19.99
CA GLU E 387 -20.40 -32.02 20.06
C GLU E 387 -19.79 -32.97 19.06
N THR E 388 -19.38 -32.47 17.91
CA THR E 388 -18.69 -33.31 16.94
C THR E 388 -17.36 -33.82 17.49
N ALA E 389 -16.59 -32.96 18.15
CA ALA E 389 -15.29 -33.39 18.64
C ALA E 389 -15.43 -34.44 19.73
N TYR E 390 -16.52 -34.39 20.50
CA TYR E 390 -16.79 -35.39 21.54
C TYR E 390 -17.11 -36.75 20.94
N ALA E 391 -17.61 -36.79 19.72
CA ALA E 391 -17.72 -38.09 19.08
C ALA E 391 -16.41 -38.52 18.45
N GLY E 392 -15.36 -37.72 18.61
CA GLY E 392 -14.05 -38.02 18.02
C GLY E 392 -14.03 -37.98 16.51
N GLN E 393 -14.92 -37.20 15.93
CA GLN E 393 -15.10 -37.14 14.50
C GLN E 393 -15.44 -35.70 14.18
N ALA E 394 -14.65 -34.79 14.75
CA ALA E 394 -14.70 -33.38 14.42
C ALA E 394 -14.24 -33.22 12.97
N PRO E 395 -14.77 -32.21 12.27
CA PRO E 395 -14.58 -32.15 10.82
C PRO E 395 -13.11 -31.96 10.47
N ARG E 396 -12.58 -32.88 9.64
CA ARG E 396 -11.27 -32.73 9.02
C ARG E 396 -11.34 -31.60 7.98
N VAL E 397 -10.73 -30.45 8.27
CA VAL E 397 -10.69 -29.35 7.32
C VAL E 397 -9.30 -28.74 7.29
N LEU E 398 -9.11 -27.82 6.35
CA LEU E 398 -7.83 -27.20 6.10
C LEU E 398 -7.47 -26.20 7.19
N CYS E 399 -6.34 -26.46 7.82
CA CYS E 399 -5.84 -25.66 8.93
C CYS E 399 -5.45 -24.28 8.44
N GLY E 400 -5.91 -23.25 9.14
CA GLY E 400 -5.43 -21.90 8.90
C GLY E 400 -6.14 -21.13 7.82
N VAL E 401 -7.27 -21.63 7.32
CA VAL E 401 -8.07 -20.96 6.30
C VAL E 401 -9.20 -20.23 7.01
N GLY E 402 -9.51 -19.03 6.55
CA GLY E 402 -10.59 -18.27 7.18
C GLY E 402 -11.95 -18.98 7.24
N VAL E 403 -12.18 -19.92 6.32
CA VAL E 403 -13.44 -20.64 6.15
C VAL E 403 -13.19 -22.15 6.21
N PRO E 404 -14.11 -22.97 6.70
CA PRO E 404 -13.89 -24.42 6.69
C PRO E 404 -13.87 -24.97 5.27
N VAL E 405 -12.80 -25.67 4.92
CA VAL E 405 -12.65 -26.28 3.62
C VAL E 405 -12.46 -27.77 3.81
N PRO E 406 -13.48 -28.55 3.62
CA PRO E 406 -13.43 -29.97 3.98
C PRO E 406 -12.49 -30.82 3.13
N GLN E 407 -11.28 -31.04 3.64
CA GLN E 407 -10.26 -31.90 3.03
C GLN E 407 -10.59 -33.37 3.25
N PRO E 408 -10.37 -34.22 2.26
CA PRO E 408 -10.66 -35.65 2.41
C PRO E 408 -9.61 -36.35 3.25
N SER E 409 -9.88 -37.62 3.57
CA SER E 409 -8.95 -38.41 4.36
C SER E 409 -8.11 -39.34 3.49
N ALA E 410 -6.84 -39.47 3.85
CA ALA E 410 -5.96 -40.41 3.16
C ALA E 410 -6.37 -41.85 3.41
N PHE E 411 -6.77 -42.17 4.65
CA PHE E 411 -7.20 -43.53 4.95
C PHE E 411 -8.46 -43.90 4.20
N THR E 412 -9.11 -42.93 3.56
CA THR E 412 -10.24 -43.08 2.66
C THR E 412 -9.79 -43.26 1.20
N VAL E 413 -8.96 -42.33 0.71
CA VAL E 413 -8.60 -42.23 -0.71
C VAL E 413 -7.60 -43.30 -1.11
N LEU E 414 -6.57 -43.50 -0.30
CA LEU E 414 -5.45 -44.32 -0.70
C LEU E 414 -5.55 -45.77 -0.23
N GLY E 415 -6.28 -46.02 0.86
CA GLY E 415 -6.13 -47.25 1.61
C GLY E 415 -4.96 -47.20 2.58
N ASP E 416 -4.85 -48.26 3.39
CA ASP E 416 -4.03 -48.17 4.60
C ASP E 416 -2.54 -48.18 4.29
N LYS E 417 -2.10 -49.10 3.44
CA LYS E 417 -0.66 -49.18 3.18
C LYS E 417 -0.14 -47.86 2.68
N LEU E 418 -0.85 -47.29 1.71
CA LEU E 418 -0.50 -46.00 1.16
C LEU E 418 -0.68 -44.87 2.17
N ALA E 419 -1.69 -44.96 3.04
CA ALA E 419 -1.95 -43.90 4.01
C ALA E 419 -0.80 -43.72 5.00
N GLN E 420 -0.40 -44.79 5.67
CA GLN E 420 0.70 -44.66 6.62
C GLN E 420 2.01 -44.45 5.89
N GLN E 421 2.16 -45.10 4.73
CA GLN E 421 3.30 -44.81 3.88
C GLN E 421 3.29 -43.33 3.50
N PHE E 422 2.10 -42.76 3.28
CA PHE E 422 1.99 -41.32 3.10
C PHE E 422 2.33 -40.57 4.40
N LYS E 423 1.83 -41.03 5.55
CA LYS E 423 2.03 -40.22 6.76
C LYS E 423 3.48 -40.17 7.19
N SER E 424 4.24 -41.25 6.99
CA SER E 424 5.61 -41.31 7.47
C SER E 424 6.55 -40.30 6.80
N LEU E 425 6.08 -39.59 5.79
CA LEU E 425 6.95 -38.59 5.16
C LEU E 425 7.31 -37.47 6.11
N ALA E 426 6.41 -37.13 7.05
CA ALA E 426 6.67 -36.03 7.97
C ALA E 426 8.00 -36.25 8.67
N GLY E 427 8.81 -35.21 8.71
CA GLY E 427 10.14 -35.34 9.29
C GLY E 427 11.23 -35.52 8.28
N GLN E 428 10.95 -36.29 7.22
CA GLN E 428 11.96 -36.61 6.21
C GLN E 428 12.18 -35.45 5.25
N GLN E 429 13.09 -35.65 4.30
CA GLN E 429 13.45 -34.62 3.32
C GLN E 429 12.86 -34.92 1.95
N SER E 430 12.42 -33.86 1.29
CA SER E 430 12.06 -33.98 -0.11
C SER E 430 13.33 -34.00 -0.94
N ALA E 431 13.16 -34.19 -2.24
CA ALA E 431 14.29 -34.06 -3.14
C ALA E 431 14.85 -32.63 -3.12
N PHE E 432 14.14 -31.68 -2.52
CA PHE E 432 14.56 -30.28 -2.46
C PHE E 432 15.39 -29.98 -1.22
N GLY E 433 15.64 -30.97 -0.38
CA GLY E 433 16.48 -30.76 0.79
C GLY E 433 15.72 -30.44 2.06
N LYS E 434 14.78 -29.49 1.96
CA LYS E 434 13.95 -29.11 3.08
C LYS E 434 13.15 -30.32 3.58
N THR E 435 12.67 -30.22 4.82
CA THR E 435 12.05 -31.32 5.54
C THR E 435 10.53 -31.25 5.47
N PHE E 436 9.90 -32.39 5.20
CA PHE E 436 8.45 -32.47 5.21
C PHE E 436 7.93 -32.18 6.61
N PRO E 437 6.96 -31.29 6.77
CA PRO E 437 6.43 -31.00 8.10
C PRO E 437 5.43 -32.07 8.52
N SER E 438 5.00 -31.95 9.78
CA SER E 438 3.83 -32.70 10.23
C SER E 438 2.60 -32.02 9.62
N ILE E 439 1.76 -32.81 8.99
CA ILE E 439 0.85 -32.30 7.95
C ILE E 439 -0.66 -32.52 8.23
N GLN F 16 19.95 -52.65 -12.05
CA GLN F 16 19.41 -53.61 -13.04
C GLN F 16 19.94 -53.50 -14.51
N TYR F 17 19.89 -52.30 -15.06
CA TYR F 17 20.49 -51.93 -16.33
C TYR F 17 21.63 -50.96 -16.06
N PRO F 18 22.48 -50.68 -17.05
CA PRO F 18 23.55 -49.71 -16.82
C PRO F 18 23.01 -48.29 -16.86
N ASP F 19 23.86 -47.38 -16.41
CA ASP F 19 23.73 -45.95 -16.60
C ASP F 19 23.28 -45.73 -18.04
N PRO F 20 22.22 -44.94 -18.27
CA PRO F 20 21.75 -44.77 -19.64
C PRO F 20 22.80 -44.15 -20.54
N ASN F 21 23.68 -43.28 -19.98
CA ASN F 21 24.74 -42.68 -20.78
C ASN F 21 25.54 -43.73 -21.52
N ASP F 22 25.69 -44.92 -20.93
CA ASP F 22 26.37 -46.01 -21.59
C ASP F 22 25.41 -47.02 -22.23
N ASP F 23 24.11 -46.93 -21.92
CA ASP F 23 23.14 -47.90 -22.40
C ASP F 23 22.78 -47.66 -23.86
N PRO F 24 22.79 -48.68 -24.72
CA PRO F 24 22.31 -48.52 -26.11
C PRO F 24 20.81 -48.30 -26.23
N PHE F 25 20.02 -48.65 -25.22
CA PHE F 25 18.58 -48.39 -25.26
C PHE F 25 18.29 -46.90 -25.33
N TYR F 26 19.06 -46.10 -24.60
CA TYR F 26 18.85 -44.66 -24.55
C TYR F 26 19.59 -43.96 -25.70
N ARG F 27 19.25 -44.39 -26.92
CA ARG F 27 19.82 -43.80 -28.11
C ARG F 27 18.74 -43.76 -29.19
N VAL F 28 18.78 -42.71 -30.00
CA VAL F 28 17.83 -42.47 -31.10
C VAL F 28 18.24 -43.23 -32.35
N PRO F 29 17.44 -44.19 -32.81
CA PRO F 29 17.80 -44.93 -34.01
C PRO F 29 17.89 -44.02 -35.22
N ALA F 30 18.67 -44.48 -36.20
CA ALA F 30 18.89 -43.69 -37.40
C ALA F 30 17.66 -43.63 -38.27
N ASN F 31 16.84 -44.68 -38.25
CA ASN F 31 15.64 -44.71 -39.06
C ASN F 31 14.48 -43.97 -38.41
N ILE F 32 14.78 -43.02 -37.53
CA ILE F 32 13.80 -42.48 -36.58
C ILE F 32 12.54 -41.94 -37.25
N ASN F 33 12.64 -41.47 -38.49
CA ASN F 33 11.49 -40.84 -39.12
C ASN F 33 10.49 -41.82 -39.71
N THR F 34 10.83 -43.11 -39.86
CA THR F 34 9.80 -44.06 -40.27
C THR F 34 8.79 -44.29 -39.16
N TYR F 35 9.19 -44.04 -37.92
CA TYR F 35 8.33 -44.25 -36.77
C TYR F 35 7.38 -43.09 -36.62
N ALA F 36 6.13 -43.41 -36.30
CA ALA F 36 5.11 -42.39 -36.07
C ALA F 36 5.35 -41.71 -34.75
N ASN F 37 4.72 -40.57 -34.57
CA ASN F 37 4.75 -39.94 -33.26
C ASN F 37 4.05 -40.83 -32.24
N GLY F 38 4.76 -41.20 -31.18
CA GLY F 38 4.20 -42.07 -30.17
C GLY F 38 4.17 -43.53 -30.53
N GLN F 39 5.03 -43.98 -31.43
CA GLN F 39 5.09 -45.38 -31.81
C GLN F 39 6.19 -46.05 -31.01
N VAL F 40 5.96 -47.28 -30.63
CA VAL F 40 6.94 -47.96 -29.80
C VAL F 40 8.08 -48.42 -30.68
N ILE F 41 9.30 -48.02 -30.33
CA ILE F 41 10.48 -48.46 -31.07
C ILE F 41 10.92 -49.84 -30.62
N GLN F 42 11.15 -50.00 -29.31
CA GLN F 42 11.42 -51.30 -28.73
C GLN F 42 11.12 -51.21 -27.24
N SER F 43 10.88 -52.37 -26.65
CA SER F 43 10.53 -52.44 -25.25
C SER F 43 11.48 -53.43 -24.58
N ARG F 44 11.47 -53.41 -23.26
CA ARG F 44 12.23 -54.38 -22.52
C ARG F 44 11.66 -54.39 -21.11
N SER F 45 11.74 -55.54 -20.46
CA SER F 45 11.18 -55.64 -19.12
C SER F 45 11.91 -54.68 -18.19
N ALA F 46 11.20 -54.21 -17.19
CA ALA F 46 11.78 -53.31 -16.19
C ALA F 46 11.25 -53.75 -14.84
N THR F 47 12.16 -54.08 -13.95
CA THR F 47 11.80 -54.40 -12.59
C THR F 47 11.98 -53.15 -11.73
N THR F 48 10.84 -52.57 -11.30
CA THR F 48 10.78 -51.35 -10.49
C THR F 48 10.18 -51.65 -9.13
N ASP F 49 10.53 -50.84 -8.14
CA ASP F 49 9.91 -50.96 -6.82
C ASP F 49 8.41 -50.65 -6.87
N ILE F 50 8.01 -49.66 -7.68
CA ILE F 50 6.59 -49.31 -7.72
C ILE F 50 5.76 -50.48 -8.25
N GLY F 51 6.24 -51.13 -9.30
CA GLY F 51 5.52 -52.28 -9.82
C GLY F 51 5.47 -53.44 -8.82
N THR F 52 6.61 -53.71 -8.17
CA THR F 52 6.66 -54.86 -7.26
C THR F 52 5.62 -54.73 -6.15
N GLN F 53 5.46 -53.52 -5.58
CA GLN F 53 4.52 -53.34 -4.47
C GLN F 53 3.09 -53.60 -4.90
N ASN F 54 2.76 -53.31 -6.16
CA ASN F 54 1.39 -53.36 -6.66
C ASN F 54 1.08 -54.64 -7.39
N ASN F 55 2.05 -55.54 -7.54
CA ASN F 55 1.87 -56.80 -8.27
C ASN F 55 1.52 -56.50 -9.72
N ALA F 56 2.32 -55.66 -10.36
CA ALA F 56 2.02 -55.12 -11.67
C ALA F 56 3.28 -55.08 -12.53
N ALA F 57 3.26 -55.84 -13.63
CA ALA F 57 4.44 -55.91 -14.50
C ALA F 57 4.77 -54.52 -15.00
N SER F 58 6.06 -54.24 -15.15
CA SER F 58 6.50 -52.93 -15.58
C SER F 58 7.45 -53.05 -16.76
N PHE F 59 7.40 -52.05 -17.66
CA PHE F 59 8.21 -52.02 -18.87
C PHE F 59 8.72 -50.62 -19.18
N GLN F 60 9.93 -50.56 -19.74
CA GLN F 60 10.49 -49.35 -20.34
C GLN F 60 10.23 -49.37 -21.85
N LEU F 61 9.69 -48.27 -22.36
CA LEU F 61 9.34 -48.14 -23.77
C LEU F 61 10.20 -47.06 -24.39
N LEU F 62 11.05 -47.46 -25.34
CA LEU F 62 11.70 -46.52 -26.26
C LEU F 62 10.71 -46.20 -27.36
N TYR F 63 10.27 -44.94 -27.41
CA TYR F 63 9.23 -44.50 -28.33
C TYR F 63 9.67 -43.23 -29.00
N ARG F 64 8.98 -42.91 -30.09
CA ARG F 64 9.36 -41.81 -30.96
C ARG F 64 8.53 -40.57 -30.67
N THR F 65 9.21 -39.43 -30.53
CA THR F 65 8.55 -38.16 -30.25
C THR F 65 9.14 -37.06 -31.12
N THR F 66 8.78 -35.83 -30.81
CA THR F 66 9.28 -34.64 -31.45
C THR F 66 9.99 -33.80 -30.40
N ASP F 67 10.80 -32.85 -30.84
CA ASP F 67 11.55 -32.02 -29.91
C ASP F 67 11.17 -30.55 -30.06
N THR F 68 12.02 -29.66 -29.56
CA THR F 68 11.77 -28.21 -29.57
C THR F 68 11.98 -27.57 -30.94
N GLN F 69 12.66 -28.25 -31.88
CA GLN F 69 12.81 -27.72 -33.24
C GLN F 69 12.05 -28.57 -34.26
N ASN F 70 11.09 -29.36 -33.81
CA ASN F 70 10.29 -30.23 -34.68
C ASN F 70 11.12 -31.27 -35.40
N ASN F 71 12.36 -31.50 -34.97
CA ASN F 71 13.12 -32.64 -35.45
C ASN F 71 12.64 -33.89 -34.72
N ALA F 72 12.60 -35.02 -35.44
CA ALA F 72 12.06 -36.26 -34.91
C ALA F 72 13.11 -36.98 -34.07
N THR F 73 12.78 -37.24 -32.82
CA THR F 73 13.72 -37.83 -31.88
C THR F 73 13.03 -39.03 -31.22
N ALA F 74 13.56 -39.45 -30.09
CA ALA F 74 12.99 -40.54 -29.33
C ALA F 74 13.15 -40.24 -27.85
N SER F 75 12.35 -40.92 -27.04
CA SER F 75 12.54 -40.86 -25.62
C SER F 75 12.09 -42.19 -25.03
N VAL F 76 12.34 -42.34 -23.74
CA VAL F 76 12.05 -43.57 -23.03
C VAL F 76 10.98 -43.24 -22.01
N ALA F 77 10.07 -44.19 -21.79
CA ALA F 77 9.05 -44.00 -20.78
C ALA F 77 8.76 -45.35 -20.14
N THR F 78 8.68 -45.35 -18.80
CA THR F 78 8.33 -46.52 -18.01
C THR F 78 6.82 -46.68 -17.99
N VAL F 79 6.34 -47.93 -18.02
CA VAL F 79 4.92 -48.22 -17.91
C VAL F 79 4.68 -49.30 -16.85
N TRP F 80 3.46 -49.31 -16.31
CA TRP F 80 3.03 -50.27 -15.30
C TRP F 80 1.67 -50.81 -15.69
N ILE F 81 1.58 -52.11 -15.93
CA ILE F 81 0.37 -52.75 -16.45
C ILE F 81 -0.36 -53.43 -15.29
N PRO F 82 -1.55 -52.98 -14.91
CA PRO F 82 -2.22 -53.56 -13.74
C PRO F 82 -2.71 -54.99 -13.99
N SER F 83 -2.68 -55.79 -12.91
CA SER F 83 -3.03 -57.21 -12.97
C SER F 83 -4.52 -57.45 -13.11
N LYS F 84 -5.34 -56.47 -12.72
CA LYS F 84 -6.80 -56.56 -12.71
C LYS F 84 -7.35 -55.28 -13.35
N PRO F 85 -7.43 -55.24 -14.68
CA PRO F 85 -7.64 -53.96 -15.37
C PRO F 85 -9.05 -53.44 -15.16
N ALA F 86 -9.17 -52.12 -15.12
CA ALA F 86 -10.44 -51.42 -14.98
C ALA F 86 -11.18 -51.42 -16.30
N SER F 87 -12.51 -51.46 -16.23
CA SER F 87 -13.31 -51.48 -17.44
C SER F 87 -14.23 -50.27 -17.48
N PRO F 88 -14.22 -49.49 -18.57
CA PRO F 88 -13.36 -49.57 -19.78
C PRO F 88 -11.94 -49.02 -19.49
N PRO F 89 -10.95 -49.29 -20.37
CA PRO F 89 -9.55 -48.91 -20.07
C PRO F 89 -9.36 -47.45 -19.68
N LYS F 90 -8.52 -47.20 -18.66
CA LYS F 90 -8.22 -45.83 -18.21
C LYS F 90 -6.72 -45.71 -17.99
N ILE F 91 -6.16 -44.53 -18.28
CA ILE F 91 -4.71 -44.30 -18.33
C ILE F 91 -4.35 -43.16 -17.38
N PHE F 92 -3.27 -43.35 -16.61
CA PHE F 92 -2.74 -42.34 -15.70
C PHE F 92 -1.31 -42.01 -16.09
N SER F 93 -0.99 -40.73 -16.23
CA SER F 93 0.35 -40.32 -16.66
C SER F 93 0.99 -39.41 -15.61
N TYR F 94 1.86 -40.00 -14.76
CA TYR F 94 2.58 -39.21 -13.74
C TYR F 94 3.82 -38.55 -14.33
N GLN F 95 3.99 -37.26 -14.06
CA GLN F 95 5.12 -36.48 -14.54
C GLN F 95 6.01 -36.16 -13.35
N VAL F 96 7.22 -36.74 -13.33
CA VAL F 96 8.18 -36.61 -12.24
C VAL F 96 8.89 -35.27 -12.30
N TYR F 97 9.31 -34.78 -11.13
CA TYR F 97 10.04 -33.52 -11.08
C TYR F 97 11.53 -33.86 -11.06
N GLU F 98 12.00 -34.31 -12.22
CA GLU F 98 13.42 -34.57 -12.41
C GLU F 98 14.24 -33.36 -11.96
N ASP F 99 13.89 -32.18 -12.47
CA ASP F 99 14.53 -30.92 -12.08
C ASP F 99 16.05 -31.03 -12.15
N ALA F 100 16.53 -31.76 -13.16
CA ALA F 100 17.95 -31.98 -13.40
C ALA F 100 18.21 -32.01 -14.90
N THR F 101 19.41 -31.58 -15.29
CA THR F 101 19.80 -31.64 -16.69
C THR F 101 20.84 -32.72 -16.91
N GLN F 102 20.52 -33.99 -16.62
CA GLN F 102 21.45 -35.09 -16.88
C GLN F 102 20.67 -36.39 -17.06
N LEU F 103 21.10 -37.17 -18.06
CA LEU F 103 20.34 -38.35 -18.48
C LEU F 103 20.34 -39.44 -17.42
N ASP F 104 21.35 -39.50 -16.54
CA ASP F 104 21.26 -40.54 -15.52
C ASP F 104 20.32 -40.17 -14.38
N CYS F 105 19.66 -39.01 -14.44
CA CYS F 105 18.57 -38.67 -13.55
C CYS F 105 17.22 -38.96 -14.16
N ALA F 106 17.18 -39.67 -15.28
CA ALA F 106 15.93 -39.88 -15.98
C ALA F 106 15.00 -40.73 -15.14
N PRO F 107 13.73 -40.39 -15.13
CA PRO F 107 12.76 -41.19 -14.40
C PRO F 107 12.91 -42.66 -14.73
N SER F 108 12.86 -42.97 -16.02
CA SER F 108 12.91 -44.35 -16.47
C SER F 108 13.99 -45.15 -15.73
N TYR F 109 15.18 -44.56 -15.61
CA TYR F 109 16.34 -45.22 -14.99
C TYR F 109 16.20 -45.35 -13.49
N ASN F 110 15.75 -44.28 -12.82
CA ASN F 110 15.68 -44.27 -11.37
C ASN F 110 14.48 -45.00 -10.82
N TYR F 111 13.45 -45.22 -11.65
CA TYR F 111 12.34 -46.08 -11.24
C TYR F 111 12.84 -47.48 -10.94
N LEU F 112 13.94 -47.86 -11.60
CA LEU F 112 14.44 -49.21 -11.47
C LEU F 112 14.78 -49.54 -10.03
N SER F 113 14.35 -50.72 -9.62
CA SER F 113 14.70 -51.27 -8.32
C SER F 113 16.20 -51.16 -8.11
N GLY F 114 16.59 -50.48 -7.05
CA GLY F 114 18.01 -50.28 -6.79
C GLY F 114 18.24 -48.96 -6.12
N PHE F 115 19.44 -48.81 -5.56
CA PHE F 115 19.81 -47.60 -4.85
C PHE F 115 21.05 -46.94 -5.41
N ASP F 116 21.58 -47.40 -6.55
CA ASP F 116 22.90 -46.93 -7.00
C ASP F 116 22.85 -45.87 -8.09
N GLN F 117 21.65 -45.43 -8.50
CA GLN F 117 21.35 -44.32 -9.39
C GLN F 117 21.20 -43.04 -8.58
N PRO F 118 21.72 -41.92 -9.07
CA PRO F 118 21.78 -40.70 -8.22
C PRO F 118 20.43 -40.04 -7.96
N GLY F 119 19.55 -40.01 -8.97
CA GLY F 119 18.24 -39.41 -8.81
C GLY F 119 17.18 -40.35 -8.27
N LYS F 120 17.49 -41.06 -7.18
CA LYS F 120 16.51 -41.99 -6.62
C LYS F 120 15.40 -41.27 -5.90
N GLY F 121 15.63 -40.04 -5.44
CA GLY F 121 14.67 -39.42 -4.55
C GLY F 121 13.36 -39.06 -5.22
N THR F 122 13.39 -38.68 -6.49
CA THR F 122 12.19 -38.21 -7.17
C THR F 122 11.13 -39.29 -7.37
N VAL F 123 11.53 -40.54 -7.59
CA VAL F 123 10.57 -41.59 -7.90
C VAL F 123 10.19 -42.39 -6.65
N ILE F 124 10.66 -41.96 -5.49
CA ILE F 124 10.40 -42.70 -4.25
C ILE F 124 9.61 -41.91 -3.19
N THR F 125 9.52 -40.57 -3.26
CA THR F 125 8.84 -39.83 -2.18
C THR F 125 7.33 -39.90 -2.33
N ASP F 126 6.77 -38.98 -3.12
CA ASP F 126 5.33 -38.95 -3.35
C ASP F 126 4.91 -39.72 -4.59
N THR F 127 5.80 -39.82 -5.57
CA THR F 127 5.47 -40.52 -6.81
C THR F 127 4.96 -41.94 -6.58
N PRO F 128 5.60 -42.79 -5.78
CA PRO F 128 5.13 -44.17 -5.68
C PRO F 128 3.73 -44.29 -5.16
N ILE F 129 3.24 -43.33 -4.37
CA ILE F 129 1.86 -43.43 -3.91
C ILE F 129 0.92 -43.22 -5.08
N ALA F 130 1.16 -42.16 -5.84
CA ALA F 130 0.28 -41.79 -6.94
C ALA F 130 0.14 -42.94 -7.91
N ILE F 131 1.28 -43.48 -8.38
CA ILE F 131 1.24 -44.55 -9.36
C ILE F 131 0.63 -45.79 -8.74
N SER F 132 0.91 -46.02 -7.46
CA SER F 132 0.28 -47.12 -6.74
C SER F 132 -1.21 -46.87 -6.61
N TRP F 133 -1.56 -45.64 -6.22
CA TRP F 133 -2.96 -45.23 -6.20
C TRP F 133 -3.64 -45.66 -7.49
N ALA F 134 -3.12 -45.17 -8.62
CA ALA F 134 -3.74 -45.47 -9.92
C ALA F 134 -3.73 -46.96 -10.20
N LEU F 135 -2.61 -47.62 -9.92
CA LEU F 135 -2.53 -49.06 -10.20
C LEU F 135 -3.53 -49.82 -9.36
N GLN F 136 -3.61 -49.50 -8.07
CA GLN F 136 -4.60 -50.19 -7.26
C GLN F 136 -6.01 -49.79 -7.67
N GLN F 137 -6.18 -48.66 -8.35
CA GLN F 137 -7.47 -48.36 -8.96
C GLN F 137 -7.78 -49.23 -10.17
N GLY F 138 -6.81 -49.98 -10.69
CA GLY F 138 -7.00 -50.74 -11.92
C GLY F 138 -6.66 -50.00 -13.20
N TYR F 139 -6.00 -48.85 -13.09
CA TYR F 139 -5.65 -47.99 -14.21
C TYR F 139 -4.27 -48.35 -14.77
N TYR F 140 -4.10 -48.04 -16.05
CA TYR F 140 -2.79 -48.10 -16.71
C TYR F 140 -1.99 -46.87 -16.36
N ALA F 141 -0.73 -47.06 -15.95
CA ALA F 141 0.15 -46.01 -15.48
C ALA F 141 1.36 -45.82 -16.40
N VAL F 142 1.78 -44.56 -16.60
CA VAL F 142 2.95 -44.25 -17.42
C VAL F 142 3.70 -43.08 -16.79
N SER F 143 5.03 -43.10 -16.88
CA SER F 143 5.86 -41.95 -16.52
C SER F 143 6.97 -41.83 -17.56
N SER F 144 6.93 -40.74 -18.30
CA SER F 144 7.82 -40.51 -19.43
C SER F 144 8.99 -39.63 -19.00
N ASP F 145 10.16 -39.89 -19.56
CA ASP F 145 11.30 -39.01 -19.34
C ASP F 145 11.02 -37.67 -20.02
N HIS F 146 10.13 -36.86 -19.45
CA HIS F 146 9.67 -35.69 -20.20
C HIS F 146 10.82 -34.83 -20.71
N GLU F 147 11.98 -34.92 -20.07
CA GLU F 147 13.14 -34.09 -20.45
C GLU F 147 13.80 -34.68 -21.71
N GLY F 148 13.69 -36.00 -21.91
CA GLY F 148 14.23 -36.64 -23.13
C GLY F 148 15.71 -36.96 -23.05
N PHE F 149 16.28 -37.45 -24.15
CA PHE F 149 17.73 -37.78 -24.22
C PHE F 149 18.49 -36.48 -24.00
N ARG F 150 17.95 -35.39 -24.55
CA ARG F 150 18.56 -34.05 -24.35
C ARG F 150 18.53 -33.77 -22.86
N SER F 151 17.47 -34.21 -22.16
CA SER F 151 17.31 -33.92 -20.71
C SER F 151 17.19 -32.41 -20.52
N ALA F 152 16.57 -31.75 -21.50
CA ALA F 152 16.31 -30.30 -21.36
C ALA F 152 15.35 -30.13 -20.17
N PHE F 153 15.59 -29.14 -19.34
CA PHE F 153 14.75 -28.94 -18.13
C PHE F 153 14.08 -27.58 -18.24
N ILE F 154 12.77 -27.52 -18.02
CA ILE F 154 12.00 -26.24 -18.05
C ILE F 154 11.68 -25.88 -19.51
N ALA F 155 12.01 -26.78 -20.46
CA ALA F 155 11.59 -26.50 -21.85
C ALA F 155 10.25 -27.21 -22.04
N GLY F 156 9.18 -26.43 -22.09
CA GLY F 156 7.83 -27.04 -22.15
C GLY F 156 7.56 -27.82 -23.42
N TYR F 157 7.98 -27.31 -24.57
CA TYR F 157 7.57 -27.99 -25.82
C TYR F 157 8.13 -29.41 -25.90
N GLU F 158 9.40 -29.59 -25.54
CA GLU F 158 9.92 -30.99 -25.55
C GLU F 158 9.17 -31.81 -24.48
N GLU F 159 8.96 -31.23 -23.30
CA GLU F 159 8.31 -32.00 -22.22
C GLU F 159 6.87 -32.33 -22.63
N GLY F 160 6.16 -31.37 -23.21
CA GLY F 160 4.75 -31.60 -23.56
C GLY F 160 4.61 -32.69 -24.58
N MET F 161 5.50 -32.70 -25.58
CA MET F 161 5.35 -33.69 -26.67
C MET F 161 5.78 -35.06 -26.13
N ALA F 162 6.90 -35.10 -25.39
CA ALA F 162 7.39 -36.39 -24.92
C ALA F 162 6.33 -37.08 -24.10
N ILE F 163 5.60 -36.34 -23.27
CA ILE F 163 4.60 -36.94 -22.39
C ILE F 163 3.43 -37.46 -23.19
N LEU F 164 2.90 -36.63 -24.08
CA LEU F 164 1.74 -37.06 -24.86
C LEU F 164 2.08 -38.30 -25.66
N ASP F 165 3.25 -38.29 -26.31
CA ASP F 165 3.71 -39.46 -27.03
C ASP F 165 3.93 -40.64 -26.09
N GLY F 166 4.35 -40.36 -24.86
CA GLY F 166 4.36 -41.39 -23.83
C GLY F 166 2.99 -42.03 -23.64
N VAL F 167 1.92 -41.21 -23.64
CA VAL F 167 0.58 -41.78 -23.50
C VAL F 167 0.21 -42.55 -24.76
N ARG F 168 0.52 -41.98 -25.91
CA ARG F 168 0.37 -42.71 -27.16
C ARG F 168 1.06 -44.08 -27.09
N ALA F 169 2.36 -44.05 -26.76
CA ALA F 169 3.17 -45.28 -26.68
C ALA F 169 2.56 -46.31 -25.74
N LEU F 170 2.01 -45.85 -24.62
CA LEU F 170 1.33 -46.78 -23.73
C LEU F 170 0.08 -47.33 -24.39
N LYS F 171 -0.67 -46.46 -25.08
CA LYS F 171 -1.82 -46.94 -25.83
C LYS F 171 -1.37 -47.93 -26.89
N ASN F 172 -0.29 -47.61 -27.59
CA ASN F 172 0.23 -48.56 -28.57
C ASN F 172 0.62 -49.87 -27.90
N TYR F 173 1.56 -49.81 -26.95
CA TYR F 173 2.16 -51.05 -26.44
C TYR F 173 1.11 -52.05 -25.99
N LYS F 174 0.00 -51.58 -25.42
CA LYS F 174 -1.00 -52.48 -24.87
C LYS F 174 -2.24 -52.60 -25.74
N SER F 175 -2.29 -51.89 -26.87
CA SER F 175 -3.47 -51.89 -27.74
C SER F 175 -4.70 -51.36 -27.00
N LEU F 176 -4.50 -50.26 -26.30
CA LEU F 176 -5.61 -49.66 -25.57
C LEU F 176 -6.55 -48.93 -26.52
N PRO F 177 -7.86 -49.01 -26.28
CA PRO F 177 -8.82 -48.27 -27.09
C PRO F 177 -8.44 -46.82 -27.24
N SER F 178 -8.77 -46.25 -28.41
CA SER F 178 -8.31 -44.91 -28.74
C SER F 178 -9.05 -43.82 -27.98
N ASN F 179 -10.24 -44.11 -27.45
CA ASN F 179 -10.94 -43.17 -26.59
C ASN F 179 -10.64 -43.39 -25.12
N SER F 180 -9.55 -44.10 -24.81
CA SER F 180 -9.24 -44.39 -23.41
C SER F 180 -8.94 -43.10 -22.66
N ALA F 181 -9.58 -42.96 -21.50
CA ALA F 181 -9.51 -41.74 -20.73
C ALA F 181 -8.14 -41.56 -20.09
N VAL F 182 -7.59 -40.36 -20.17
CA VAL F 182 -6.20 -40.10 -19.82
C VAL F 182 -6.16 -39.00 -18.78
N GLY F 183 -5.61 -39.31 -17.61
CA GLY F 183 -5.48 -38.35 -16.53
C GLY F 183 -4.03 -38.08 -16.16
N PHE F 184 -3.79 -36.89 -15.64
CA PHE F 184 -2.45 -36.37 -15.40
C PHE F 184 -2.32 -35.91 -13.94
N TYR F 185 -1.18 -36.24 -13.35
CA TYR F 185 -0.77 -35.73 -12.05
C TYR F 185 0.65 -35.20 -12.21
N GLY F 186 0.98 -34.15 -11.48
CA GLY F 186 2.36 -33.69 -11.47
C GLY F 186 2.63 -32.56 -10.53
N TYR F 187 3.75 -32.59 -9.80
CA TYR F 187 4.08 -31.48 -8.92
C TYR F 187 5.35 -30.81 -9.37
N SER F 188 5.43 -29.49 -9.15
CA SER F 188 6.63 -28.69 -9.39
C SER F 188 7.07 -28.86 -10.85
N GLY F 189 8.31 -29.25 -11.12
CA GLY F 189 8.71 -29.50 -12.48
C GLY F 189 7.88 -30.56 -13.16
N GLY F 190 7.30 -31.46 -12.38
CA GLY F 190 6.33 -32.39 -12.93
C GLY F 190 5.05 -31.69 -13.34
N ALA F 191 4.65 -30.66 -12.59
CA ALA F 191 3.53 -29.81 -13.00
C ALA F 191 3.84 -29.08 -14.30
N HIS F 192 4.95 -28.33 -14.31
CA HIS F 192 5.42 -27.70 -15.55
C HIS F 192 5.44 -28.66 -16.74
N ALA F 193 5.98 -29.86 -16.55
CA ALA F 193 5.82 -30.89 -17.57
C ALA F 193 4.35 -31.17 -17.82
N THR F 194 3.62 -31.51 -16.77
CA THR F 194 2.20 -31.80 -16.94
C THR F 194 1.46 -30.61 -17.52
N GLY F 195 1.88 -29.39 -17.18
CA GLY F 195 1.19 -28.17 -17.59
C GLY F 195 1.40 -27.74 -19.02
N TRP F 196 2.53 -28.15 -19.63
CA TRP F 196 2.76 -27.92 -21.06
C TRP F 196 2.20 -29.04 -21.90
N ALA F 197 2.27 -30.28 -21.42
CA ALA F 197 1.58 -31.38 -22.10
C ALA F 197 0.10 -31.06 -22.30
N VAL F 198 -0.50 -30.23 -21.41
CA VAL F 198 -1.92 -29.89 -21.57
C VAL F 198 -2.10 -28.79 -22.60
N SER F 199 -1.26 -27.74 -22.57
CA SER F 199 -1.35 -26.70 -23.59
C SER F 199 -1.24 -27.30 -24.99
N LEU F 200 -0.27 -28.18 -25.19
CA LEU F 200 -0.04 -28.79 -26.50
C LEU F 200 -1.14 -29.79 -26.84
N SER F 201 -1.83 -30.32 -25.83
CA SER F 201 -2.75 -31.44 -26.01
C SER F 201 -3.70 -31.24 -27.17
N GLY F 202 -4.22 -30.03 -27.34
CA GLY F 202 -5.16 -29.77 -28.40
C GLY F 202 -4.60 -30.05 -29.78
N ALA F 203 -3.66 -29.22 -30.20
CA ALA F 203 -3.07 -29.43 -31.51
C ALA F 203 -2.36 -30.77 -31.56
N TYR F 204 -1.47 -31.02 -30.60
CA TYR F 204 -0.51 -32.09 -30.72
C TYR F 204 -1.08 -33.48 -30.51
N ALA F 205 -2.20 -33.61 -29.83
CA ALA F 205 -2.71 -34.95 -29.53
C ALA F 205 -4.23 -34.90 -29.36
N SER F 206 -4.94 -34.51 -30.40
CA SER F 206 -6.39 -34.55 -30.28
C SER F 206 -6.95 -35.97 -30.27
N ASP F 207 -6.10 -36.99 -30.41
CA ASP F 207 -6.53 -38.38 -30.29
C ASP F 207 -6.66 -38.84 -28.85
N LEU F 208 -6.05 -38.12 -27.90
CA LEU F 208 -6.04 -38.52 -26.51
C LEU F 208 -7.29 -37.98 -25.82
N ASN F 209 -8.06 -38.86 -25.22
CA ASN F 209 -9.28 -38.47 -24.53
C ASN F 209 -8.93 -38.02 -23.10
N ILE F 210 -8.54 -36.76 -22.95
CA ILE F 210 -7.89 -36.26 -21.73
C ILE F 210 -8.94 -35.75 -20.75
N ILE F 211 -9.21 -36.57 -19.71
CA ILE F 211 -10.34 -36.34 -18.79
C ILE F 211 -10.04 -35.43 -17.61
N GLY F 212 -8.79 -35.11 -17.33
CA GLY F 212 -8.52 -34.27 -16.18
C GLY F 212 -7.05 -34.09 -15.92
N ALA F 213 -6.67 -32.98 -15.26
CA ALA F 213 -5.26 -32.69 -15.10
C ALA F 213 -5.03 -32.01 -13.76
N ALA F 214 -4.42 -32.74 -12.82
CA ALA F 214 -4.09 -32.24 -11.49
C ALA F 214 -2.59 -31.94 -11.41
N TYR F 215 -2.24 -30.68 -11.19
CA TYR F 215 -0.83 -30.32 -11.10
C TYR F 215 -0.72 -29.05 -10.29
N GLY F 216 0.21 -29.04 -9.33
CA GLY F 216 0.38 -27.92 -8.43
C GLY F 216 1.79 -27.36 -8.42
N GLY F 217 1.90 -26.18 -7.81
CA GLY F 217 3.17 -25.50 -7.70
C GLY F 217 3.73 -25.19 -9.07
N LEU F 218 2.87 -24.83 -10.01
CA LEU F 218 3.24 -24.75 -11.41
C LEU F 218 4.19 -23.58 -11.64
N PRO F 219 5.33 -23.80 -12.27
CA PRO F 219 6.16 -22.67 -12.69
C PRO F 219 5.69 -22.20 -14.08
N ALA F 220 4.56 -21.49 -14.11
CA ALA F 220 3.90 -21.19 -15.38
C ALA F 220 4.83 -20.42 -16.30
N SER F 221 5.49 -19.39 -15.79
CA SER F 221 6.45 -18.62 -16.57
C SER F 221 7.86 -19.12 -16.30
N ALA F 222 8.60 -19.41 -17.38
CA ALA F 222 10.02 -19.69 -17.26
C ALA F 222 10.76 -18.48 -16.68
N LYS F 223 10.65 -17.33 -17.36
CA LYS F 223 11.42 -16.17 -16.94
C LYS F 223 11.21 -15.85 -15.47
N ASP F 224 9.97 -15.90 -15.01
CA ASP F 224 9.63 -15.54 -13.63
C ASP F 224 10.21 -16.53 -12.63
N THR F 225 9.99 -17.83 -12.83
CA THR F 225 10.60 -18.76 -11.91
C THR F 225 12.09 -18.48 -11.82
N PHE F 226 12.72 -18.05 -12.91
CA PHE F 226 14.14 -17.72 -12.88
C PHE F 226 14.41 -16.48 -12.03
N LEU F 227 13.75 -15.39 -12.35
CA LEU F 227 13.99 -14.17 -11.58
C LEU F 227 13.66 -14.38 -10.10
N PHE F 228 12.76 -15.31 -9.81
CA PHE F 228 12.36 -15.55 -8.41
C PHE F 228 13.48 -16.17 -7.58
N LEU F 229 14.13 -17.22 -8.11
CA LEU F 229 15.11 -18.04 -7.43
C LEU F 229 16.52 -17.49 -7.51
N ASN F 230 16.87 -16.91 -8.66
CA ASN F 230 18.23 -16.45 -8.89
C ASN F 230 18.70 -15.48 -7.81
N ALA F 231 19.81 -15.80 -7.15
CA ALA F 231 20.53 -14.92 -6.23
C ALA F 231 19.78 -14.58 -4.96
N LYS F 232 18.57 -15.14 -4.75
CA LYS F 232 17.71 -14.82 -3.62
C LYS F 232 17.20 -16.03 -2.89
N SER F 233 17.54 -17.22 -3.32
CA SER F 233 17.10 -18.41 -2.63
C SER F 233 18.22 -19.42 -2.61
N PRO F 234 18.26 -20.29 -1.62
CA PRO F 234 19.19 -21.41 -1.65
C PRO F 234 18.92 -22.40 -2.77
N PHE F 235 17.84 -22.26 -3.52
CA PHE F 235 17.59 -23.16 -4.64
C PHE F 235 17.90 -22.52 -5.99
N ALA F 236 18.74 -21.49 -6.01
CA ALA F 236 19.18 -20.89 -7.26
C ALA F 236 19.88 -21.92 -8.16
N GLY F 237 20.22 -23.09 -7.62
CA GLY F 237 20.71 -24.15 -8.46
C GLY F 237 19.73 -24.49 -9.56
N PHE F 238 18.43 -24.32 -9.29
CA PHE F 238 17.43 -24.51 -10.33
C PHE F 238 17.46 -23.43 -11.40
N ALA F 239 17.92 -22.23 -11.04
CA ALA F 239 18.07 -21.15 -12.03
C ALA F 239 19.00 -21.59 -13.15
N ILE F 240 20.17 -22.14 -12.79
CA ILE F 240 21.12 -22.57 -13.81
C ILE F 240 20.62 -23.84 -14.47
N ALA F 241 20.19 -24.81 -13.64
CA ALA F 241 19.58 -26.02 -14.18
C ALA F 241 18.48 -25.67 -15.15
N GLY F 242 17.76 -24.58 -14.87
CA GLY F 242 16.81 -24.07 -15.85
C GLY F 242 17.49 -23.54 -17.09
N VAL F 243 18.47 -22.63 -16.93
CA VAL F 243 19.19 -22.09 -18.09
C VAL F 243 19.78 -23.23 -18.90
N SER F 244 20.48 -24.12 -18.22
CA SER F 244 21.08 -25.31 -18.83
C SER F 244 20.07 -26.06 -19.69
N GLY F 245 18.95 -26.46 -19.08
CA GLY F 245 17.95 -27.21 -19.80
C GLY F 245 17.37 -26.49 -21.00
N LEU F 246 17.29 -25.16 -20.94
CA LEU F 246 16.81 -24.39 -22.09
C LEU F 246 17.86 -24.33 -23.19
N ALA F 247 19.12 -24.10 -22.81
CA ALA F 247 20.19 -24.12 -23.81
C ALA F 247 20.37 -25.52 -24.39
N LEU F 248 20.02 -26.56 -23.62
CA LEU F 248 20.08 -27.91 -24.15
C LEU F 248 19.06 -28.12 -25.26
N ALA F 249 17.91 -27.45 -25.19
CA ALA F 249 16.86 -27.61 -26.18
C ALA F 249 16.80 -26.48 -27.20
N HIS F 250 17.54 -25.39 -26.99
CA HIS F 250 17.60 -24.28 -27.94
C HIS F 250 19.04 -24.08 -28.33
N PRO F 251 19.49 -24.68 -29.44
CA PRO F 251 20.93 -24.66 -29.75
C PRO F 251 21.46 -23.27 -29.99
N ASP F 252 20.61 -22.35 -30.45
CA ASP F 252 21.07 -20.99 -30.66
C ASP F 252 21.27 -20.24 -29.35
N MET F 253 20.52 -20.62 -28.30
CA MET F 253 20.76 -20.07 -26.97
C MET F 253 22.09 -20.55 -26.41
N GLU F 254 22.34 -21.86 -26.53
CA GLU F 254 23.64 -22.38 -26.17
C GLU F 254 24.75 -21.59 -26.83
N ALA F 255 24.67 -21.46 -28.16
CA ALA F 255 25.71 -20.75 -28.90
C ALA F 255 25.87 -19.31 -28.45
N PHE F 256 24.80 -18.72 -27.90
CA PHE F 256 24.85 -17.35 -27.40
C PHE F 256 25.53 -17.29 -26.04
N ILE F 257 25.31 -18.30 -25.21
CA ILE F 257 25.85 -18.34 -23.85
C ILE F 257 27.35 -18.64 -23.85
N GLN F 258 27.80 -19.51 -24.78
CA GLN F 258 29.14 -20.09 -24.68
C GLN F 258 30.25 -19.05 -24.66
N PRO F 259 30.36 -18.14 -25.64
CA PRO F 259 31.40 -17.09 -25.51
C PRO F 259 31.14 -16.08 -24.41
N ARG F 260 29.91 -16.03 -23.88
CA ARG F 260 29.58 -15.12 -22.80
C ARG F 260 29.85 -15.72 -21.43
N LEU F 261 29.85 -17.05 -21.33
CA LEU F 261 30.22 -17.72 -20.10
C LEU F 261 31.65 -17.37 -19.76
N ASN F 262 31.88 -16.98 -18.52
CA ASN F 262 33.25 -16.84 -18.13
C ASN F 262 33.73 -18.17 -17.57
N ALA F 263 35.02 -18.20 -17.21
CA ALA F 263 35.66 -19.42 -16.73
C ALA F 263 34.85 -20.04 -15.61
N ARG F 264 34.56 -19.25 -14.58
CA ARG F 264 33.77 -19.75 -13.48
C ARG F 264 32.42 -20.24 -13.96
N GLY F 265 31.82 -19.53 -14.91
CA GLY F 265 30.53 -19.95 -15.42
C GLY F 265 30.59 -21.29 -16.11
N ARG F 266 31.60 -21.48 -16.98
CA ARG F 266 31.74 -22.74 -17.71
C ARG F 266 31.81 -23.91 -16.73
N GLN F 267 32.45 -23.70 -15.60
CA GLN F 267 32.56 -24.70 -14.54
C GLN F 267 31.19 -25.09 -14.02
N VAL F 268 30.31 -24.11 -13.86
CA VAL F 268 28.99 -24.33 -13.29
C VAL F 268 28.10 -25.08 -14.27
N LEU F 269 28.16 -24.70 -15.56
CA LEU F 269 27.32 -25.35 -16.56
C LEU F 269 27.82 -26.76 -16.84
N GLN F 270 29.15 -26.94 -16.89
CA GLN F 270 29.71 -28.28 -17.02
C GLN F 270 29.28 -29.15 -15.87
N GLN F 271 29.37 -28.62 -14.65
CA GLN F 271 28.99 -29.39 -13.49
C GLN F 271 27.51 -29.68 -13.48
N ILE F 272 26.68 -28.65 -13.70
CA ILE F 272 25.24 -28.82 -13.56
C ILE F 272 24.67 -29.79 -14.57
N ARG F 273 25.42 -30.05 -15.66
CA ARG F 273 25.06 -31.02 -16.69
C ARG F 273 25.72 -32.37 -16.52
N SER F 274 26.74 -32.45 -15.66
CA SER F 274 27.51 -33.65 -15.42
C SER F 274 26.66 -34.81 -14.90
N ARG F 275 27.30 -35.96 -14.64
CA ARG F 275 26.60 -37.11 -14.07
C ARG F 275 26.23 -36.87 -12.60
N GLY F 276 25.20 -37.57 -12.14
CA GLY F 276 24.89 -37.56 -10.73
C GLY F 276 24.48 -36.21 -10.15
N GLN F 277 24.39 -35.19 -11.01
CA GLN F 277 23.87 -33.89 -10.62
C GLN F 277 22.35 -33.88 -10.83
N CYS F 278 21.66 -34.54 -9.93
CA CYS F 278 20.20 -34.66 -10.01
C CYS F 278 19.56 -33.58 -9.12
N ILE F 279 18.28 -33.73 -8.80
CA ILE F 279 17.55 -32.65 -8.13
C ILE F 279 18.18 -32.29 -6.78
N GLY F 280 18.62 -33.30 -6.03
CA GLY F 280 19.23 -33.05 -4.72
C GLY F 280 20.50 -32.24 -4.80
N GLN F 281 21.37 -32.57 -5.76
CA GLN F 281 22.61 -31.82 -5.91
C GLN F 281 22.33 -30.41 -6.43
N VAL F 282 21.34 -30.28 -7.31
CA VAL F 282 20.98 -28.98 -7.89
C VAL F 282 20.30 -28.12 -6.84
N SER F 283 19.33 -28.70 -6.12
CA SER F 283 18.71 -28.13 -4.93
C SER F 283 19.66 -27.37 -4.01
N THR F 284 20.61 -28.10 -3.44
CA THR F 284 21.51 -27.65 -2.41
C THR F 284 22.86 -27.14 -2.93
N GLY F 285 23.25 -27.58 -4.12
CA GLY F 285 24.61 -27.35 -4.58
C GLY F 285 25.00 -25.91 -4.79
N TYR F 286 24.07 -25.05 -5.18
CA TYR F 286 24.41 -23.68 -5.58
C TYR F 286 23.48 -22.72 -4.87
N PRO F 287 23.68 -22.50 -3.57
CA PRO F 287 22.76 -21.62 -2.85
C PRO F 287 23.11 -20.16 -3.06
N PHE F 288 22.06 -19.37 -3.38
CA PHE F 288 22.15 -17.93 -3.65
C PHE F 288 23.10 -17.60 -4.80
N LEU F 289 23.24 -18.52 -5.75
CA LEU F 289 24.14 -18.29 -6.88
C LEU F 289 23.50 -17.31 -7.85
N ASP F 290 24.26 -16.27 -8.21
CA ASP F 290 23.80 -15.33 -9.23
C ASP F 290 24.23 -15.86 -10.60
N THR F 291 23.27 -16.35 -11.38
CA THR F 291 23.62 -16.84 -12.71
C THR F 291 24.19 -15.72 -13.56
N PHE F 292 23.83 -14.48 -13.26
CA PHE F 292 24.39 -13.36 -14.00
C PHE F 292 25.89 -13.15 -13.75
N SER F 293 26.40 -13.59 -12.60
CA SER F 293 27.85 -13.52 -12.40
C SER F 293 28.59 -14.49 -13.29
N LEU F 294 27.99 -15.66 -13.57
CA LEU F 294 28.63 -16.68 -14.39
C LEU F 294 28.88 -16.23 -15.83
N VAL F 295 28.05 -15.31 -16.38
CA VAL F 295 28.16 -14.84 -17.76
C VAL F 295 28.77 -13.45 -17.76
N ASN F 296 29.55 -13.17 -18.79
CA ASN F 296 30.15 -11.85 -18.96
C ASN F 296 29.13 -10.78 -19.35
N ASP F 297 27.98 -11.17 -19.91
CA ASP F 297 26.96 -10.25 -20.42
C ASP F 297 25.83 -10.08 -19.40
N THR F 298 25.69 -8.87 -18.85
CA THR F 298 24.75 -8.73 -17.74
C THR F 298 23.30 -8.63 -18.20
N ASN F 299 23.08 -8.05 -19.37
CA ASN F 299 21.75 -7.88 -19.97
C ASN F 299 21.37 -9.09 -20.84
N LEU F 300 21.68 -10.29 -20.33
CA LEU F 300 21.49 -11.51 -21.09
C LEU F 300 20.02 -11.75 -21.43
N LEU F 301 19.12 -11.41 -20.51
CA LEU F 301 17.69 -11.63 -20.68
C LEU F 301 17.07 -10.77 -21.78
N ASN F 302 17.55 -9.53 -21.95
CA ASN F 302 17.01 -8.68 -23.00
C ASN F 302 17.60 -8.92 -24.39
N GLU F 303 18.70 -9.65 -24.50
CA GLU F 303 19.35 -9.79 -25.80
C GLU F 303 18.73 -10.94 -26.58
N GLU F 304 18.72 -10.79 -27.90
CA GLU F 304 18.31 -11.91 -28.72
C GLU F 304 19.40 -12.98 -28.70
N PRO F 305 19.03 -14.25 -28.74
CA PRO F 305 17.70 -14.85 -28.90
C PRO F 305 16.96 -15.15 -27.62
N ILE F 306 17.56 -14.85 -26.47
CA ILE F 306 16.99 -15.29 -25.20
C ILE F 306 15.65 -14.64 -24.91
N VAL F 307 15.54 -13.32 -25.16
CA VAL F 307 14.29 -12.59 -24.89
C VAL F 307 13.11 -13.27 -25.56
N SER F 308 13.32 -13.74 -26.78
CA SER F 308 12.25 -14.40 -27.52
C SER F 308 11.97 -15.79 -26.99
N ILE F 309 13.02 -16.55 -26.65
CA ILE F 309 12.81 -17.93 -26.21
C ILE F 309 12.01 -17.94 -24.91
N LEU F 310 12.27 -16.97 -24.03
CA LEU F 310 11.49 -16.88 -22.81
C LEU F 310 10.01 -16.77 -23.11
N LYS F 311 9.66 -15.95 -24.13
CA LYS F 311 8.28 -15.65 -24.51
C LYS F 311 7.62 -16.77 -25.28
N ALA F 312 8.37 -17.78 -25.71
CA ALA F 312 7.77 -19.02 -26.16
C ALA F 312 7.72 -20.06 -25.06
N GLU F 313 8.60 -19.94 -24.08
CA GLU F 313 8.61 -20.82 -22.91
C GLU F 313 7.93 -20.16 -21.70
N THR F 314 6.73 -19.62 -21.88
CA THR F 314 5.91 -19.17 -20.75
C THR F 314 4.47 -19.51 -21.07
N LEU F 315 3.70 -19.84 -20.04
CA LEU F 315 2.26 -20.08 -20.17
C LEU F 315 1.44 -18.84 -19.81
N VAL F 316 2.12 -17.78 -19.39
CA VAL F 316 1.51 -16.50 -19.03
C VAL F 316 1.20 -15.74 -20.32
N GLN F 317 -0.09 -15.51 -20.57
CA GLN F 317 -0.47 -14.88 -21.82
C GLN F 317 0.07 -13.47 -21.93
N SER F 318 0.21 -12.78 -20.80
CA SER F 318 0.73 -11.42 -20.85
C SER F 318 2.20 -11.38 -21.23
N GLU F 319 2.95 -12.49 -21.08
CA GLU F 319 4.34 -12.57 -21.54
C GLU F 319 4.47 -13.17 -22.92
N ALA F 320 3.57 -14.10 -23.26
CA ALA F 320 3.76 -15.02 -24.37
C ALA F 320 3.89 -14.29 -25.71
N GLY F 321 4.60 -14.94 -26.64
CA GLY F 321 4.67 -14.50 -28.01
C GLY F 321 3.72 -15.29 -28.89
N TYR F 322 2.77 -15.98 -28.26
CA TYR F 322 1.84 -16.82 -29.01
C TYR F 322 0.45 -16.77 -28.37
N THR F 323 -0.48 -17.49 -28.97
CA THR F 323 -1.83 -17.64 -28.43
C THR F 323 -1.77 -18.81 -27.46
N VAL F 324 -1.78 -18.52 -26.16
CA VAL F 324 -1.61 -19.65 -25.24
C VAL F 324 -2.90 -20.47 -25.22
N PRO F 325 -2.83 -21.78 -25.48
CA PRO F 325 -4.08 -22.56 -25.58
C PRO F 325 -4.79 -22.67 -24.25
N VAL F 326 -6.11 -22.72 -24.32
CA VAL F 326 -6.96 -22.80 -23.13
C VAL F 326 -7.74 -24.11 -23.14
N PRO F 327 -7.15 -25.19 -22.67
CA PRO F 327 -7.83 -26.49 -22.75
C PRO F 327 -9.11 -26.48 -21.93
N LYS F 328 -10.14 -27.12 -22.48
CA LYS F 328 -11.44 -27.07 -21.79
C LYS F 328 -11.58 -28.07 -20.65
N PHE F 329 -10.90 -29.23 -20.72
CA PHE F 329 -11.15 -30.30 -19.74
C PHE F 329 -10.94 -29.84 -18.29
N PRO F 330 -11.55 -30.55 -17.34
CA PRO F 330 -11.41 -30.17 -15.94
C PRO F 330 -9.97 -30.15 -15.52
N ARG F 331 -9.62 -29.14 -14.77
CA ARG F 331 -8.27 -29.05 -14.24
C ARG F 331 -8.36 -28.80 -12.74
N PHE F 332 -7.50 -29.51 -12.01
CA PHE F 332 -7.33 -29.29 -10.59
C PHE F 332 -5.94 -28.71 -10.40
N MET F 333 -5.87 -27.56 -9.76
CA MET F 333 -4.58 -26.90 -9.59
C MET F 333 -4.47 -26.36 -8.18
N TRP F 334 -3.27 -26.48 -7.59
CA TRP F 334 -3.01 -25.95 -6.28
C TRP F 334 -1.67 -25.22 -6.25
N HIS F 335 -1.38 -24.65 -5.08
CA HIS F 335 -0.17 -23.84 -4.91
C HIS F 335 -0.07 -23.36 -3.47
N ALA F 336 1.14 -23.38 -2.92
CA ALA F 336 1.43 -22.76 -1.64
C ALA F 336 1.41 -21.25 -1.79
N LEU F 337 0.56 -20.54 -1.05
CA LEU F 337 0.62 -19.10 -1.15
C LEU F 337 2.02 -18.60 -0.82
N GLU F 338 2.59 -19.10 0.27
CA GLU F 338 3.93 -18.72 0.72
C GLU F 338 5.01 -19.57 0.07
N ASP F 339 4.84 -19.92 -1.21
CA ASP F 339 5.75 -20.85 -1.88
C ASP F 339 7.07 -20.15 -2.15
N GLU F 340 8.16 -20.81 -1.76
CA GLU F 340 9.51 -20.25 -1.75
C GLU F 340 10.38 -20.75 -2.90
N ILE F 341 9.86 -21.62 -3.75
CA ILE F 341 10.65 -22.20 -4.83
C ILE F 341 9.99 -21.78 -6.14
N VAL F 342 8.76 -22.23 -6.35
CA VAL F 342 7.97 -21.81 -7.49
C VAL F 342 7.15 -20.59 -7.04
N PRO F 343 7.39 -19.41 -7.57
CA PRO F 343 6.66 -18.23 -7.09
C PRO F 343 5.16 -18.44 -7.27
N PHE F 344 4.38 -17.94 -6.31
CA PHE F 344 2.96 -18.19 -6.38
C PHE F 344 2.30 -17.38 -7.46
N GLN F 345 2.79 -16.16 -7.72
CA GLN F 345 2.01 -15.24 -8.57
C GLN F 345 1.83 -15.73 -10.01
N PRO F 346 2.88 -16.10 -10.76
CA PRO F 346 2.65 -16.56 -12.14
C PRO F 346 1.65 -17.70 -12.26
N ASP F 347 1.65 -18.68 -11.35
CA ASP F 347 0.63 -19.73 -11.46
C ASP F 347 -0.75 -19.12 -11.36
N ALA F 348 -0.94 -18.24 -10.38
CA ALA F 348 -2.21 -17.54 -10.22
C ALA F 348 -2.57 -16.78 -11.49
N GLN F 349 -1.62 -16.04 -12.05
CA GLN F 349 -1.87 -15.25 -13.25
C GLN F 349 -2.37 -16.13 -14.40
N TYR F 350 -1.67 -17.24 -14.65
CA TYR F 350 -2.11 -18.18 -15.67
C TYR F 350 -3.49 -18.72 -15.38
N VAL F 351 -3.76 -19.11 -14.13
CA VAL F 351 -5.05 -19.69 -13.81
C VAL F 351 -6.18 -18.71 -14.10
N LYS F 352 -6.06 -17.47 -13.63
CA LYS F 352 -7.05 -16.45 -13.94
C LYS F 352 -7.29 -16.34 -15.44
N GLU F 353 -6.20 -16.18 -16.19
CA GLU F 353 -6.31 -16.01 -17.63
C GLU F 353 -7.06 -17.16 -18.26
N GLN F 354 -6.73 -18.38 -17.88
CA GLN F 354 -7.41 -19.51 -18.48
C GLN F 354 -8.87 -19.52 -18.09
N CYS F 355 -9.21 -19.09 -16.87
CA CYS F 355 -10.62 -19.01 -16.52
C CYS F 355 -11.34 -18.01 -17.39
N SER F 356 -10.75 -16.83 -17.58
CA SER F 356 -11.42 -15.75 -18.30
C SER F 356 -11.74 -16.14 -19.72
N LYS F 357 -11.01 -17.10 -20.31
CA LYS F 357 -11.28 -17.60 -21.64
C LYS F 357 -11.97 -18.96 -21.62
N GLY F 358 -12.69 -19.25 -20.53
CA GLY F 358 -13.52 -20.44 -20.37
C GLY F 358 -12.85 -21.76 -19.98
N ALA F 359 -11.77 -21.71 -19.20
CA ALA F 359 -11.18 -22.97 -18.75
C ALA F 359 -11.99 -23.56 -17.62
N ASP F 360 -11.64 -24.79 -17.26
CA ASP F 360 -12.34 -25.50 -16.20
C ASP F 360 -11.32 -25.89 -15.12
N ILE F 361 -10.87 -24.88 -14.38
CA ILE F 361 -9.78 -24.99 -13.42
C ILE F 361 -10.36 -24.93 -12.01
N ASN F 362 -10.25 -26.02 -11.27
CA ASN F 362 -10.52 -25.99 -9.85
C ASN F 362 -9.27 -25.50 -9.13
N TRP F 363 -9.31 -24.33 -8.53
CA TRP F 363 -8.12 -23.64 -8.03
C TRP F 363 -8.11 -23.72 -6.50
N ASN F 364 -7.03 -24.24 -5.92
CA ASN F 364 -6.91 -24.38 -4.47
C ASN F 364 -5.65 -23.73 -3.98
N ILE F 365 -5.80 -22.83 -3.03
CA ILE F 365 -4.68 -22.10 -2.46
C ILE F 365 -4.51 -22.49 -1.00
N TYR F 366 -3.26 -22.70 -0.61
CA TYR F 366 -2.89 -23.06 0.75
C TYR F 366 -2.19 -21.89 1.39
N PRO F 367 -2.80 -21.24 2.37
CA PRO F 367 -2.26 -19.96 2.86
C PRO F 367 -1.03 -20.19 3.69
N VAL F 368 -1.16 -21.14 4.61
CA VAL F 368 -0.05 -21.56 5.45
C VAL F 368 0.51 -22.74 4.65
N ALA F 369 1.49 -22.44 3.82
CA ALA F 369 2.02 -23.47 2.96
C ALA F 369 3.43 -23.10 2.55
N GLU F 370 4.19 -24.16 2.25
CA GLU F 370 5.56 -24.12 1.78
C GLU F 370 5.60 -24.97 0.54
N HIS F 371 6.61 -24.76 -0.30
CA HIS F 371 6.69 -25.61 -1.47
C HIS F 371 6.70 -27.07 -1.06
N ILE F 372 7.53 -27.40 -0.08
CA ILE F 372 7.65 -28.78 0.33
C ILE F 372 6.36 -29.26 0.97
N SER F 373 5.81 -28.44 1.87
CA SER F 373 4.60 -28.83 2.58
C SER F 373 3.40 -28.96 1.64
N ALA F 374 3.27 -28.05 0.68
CA ALA F 374 2.13 -28.10 -0.22
C ALA F 374 2.18 -29.31 -1.14
N GLU F 375 3.38 -29.85 -1.42
CA GLU F 375 3.45 -31.07 -2.23
C GLU F 375 2.55 -32.17 -1.68
N LEU F 376 2.47 -32.27 -0.35
CA LEU F 376 1.68 -33.29 0.31
C LEU F 376 0.26 -32.81 0.60
N LEU F 377 0.13 -31.54 1.02
CA LEU F 377 -1.18 -30.90 1.15
C LEU F 377 -2.09 -31.21 -0.03
N GLY F 378 -1.56 -31.03 -1.24
CA GLY F 378 -2.30 -31.23 -2.47
C GLY F 378 -2.44 -32.65 -2.95
N LEU F 379 -1.68 -33.61 -2.41
CA LEU F 379 -1.68 -34.93 -3.04
C LEU F 379 -3.02 -35.64 -2.86
N VAL F 380 -3.53 -35.73 -1.64
CA VAL F 380 -4.74 -36.51 -1.42
C VAL F 380 -5.96 -35.83 -2.05
N PRO F 381 -6.08 -34.49 -2.01
CA PRO F 381 -7.20 -33.89 -2.73
C PRO F 381 -7.18 -34.19 -4.22
N ALA F 382 -6.02 -34.03 -4.85
CA ALA F 382 -5.90 -34.20 -6.30
C ALA F 382 -6.27 -35.61 -6.73
N LEU F 383 -5.75 -36.63 -6.03
CA LEU F 383 -6.14 -37.99 -6.37
C LEU F 383 -7.64 -38.20 -6.18
N ALA F 384 -8.19 -37.66 -5.08
CA ALA F 384 -9.63 -37.72 -4.87
C ALA F 384 -10.37 -37.06 -6.03
N TRP F 385 -9.95 -35.85 -6.40
CA TRP F 385 -10.60 -35.15 -7.51
C TRP F 385 -10.45 -35.94 -8.80
N LEU F 386 -9.26 -36.48 -9.05
CA LEU F 386 -9.04 -37.24 -10.26
C LEU F 386 -10.01 -38.42 -10.33
N GLU F 387 -10.28 -39.07 -9.19
CA GLU F 387 -11.18 -40.23 -9.22
C GLU F 387 -12.56 -39.84 -9.72
N THR F 388 -13.01 -38.65 -9.33
CA THR F 388 -14.27 -38.13 -9.86
C THR F 388 -14.15 -37.88 -11.35
N ALA F 389 -13.02 -37.33 -11.80
CA ALA F 389 -12.85 -36.97 -13.21
C ALA F 389 -12.81 -38.21 -14.10
N TYR F 390 -12.34 -39.34 -13.58
CA TYR F 390 -12.44 -40.59 -14.33
C TYR F 390 -13.88 -41.06 -14.41
N ALA F 391 -14.70 -40.69 -13.42
CA ALA F 391 -16.13 -41.01 -13.37
C ALA F 391 -16.97 -40.12 -14.28
N GLY F 392 -16.34 -39.21 -15.03
CA GLY F 392 -17.08 -38.27 -15.84
C GLY F 392 -17.89 -37.33 -14.99
N GLN F 393 -17.45 -37.11 -13.76
CA GLN F 393 -18.28 -36.44 -12.80
C GLN F 393 -17.41 -35.59 -11.88
N ALA F 394 -16.44 -34.91 -12.46
CA ALA F 394 -15.65 -33.95 -11.70
C ALA F 394 -16.55 -32.79 -11.26
N PRO F 395 -16.28 -32.19 -10.11
CA PRO F 395 -17.21 -31.21 -9.55
C PRO F 395 -17.32 -29.95 -10.41
N ARG F 396 -18.55 -29.59 -10.77
CA ARG F 396 -18.81 -28.25 -11.31
C ARG F 396 -18.55 -27.25 -10.20
N VAL F 397 -17.47 -26.47 -10.27
CA VAL F 397 -17.18 -25.48 -9.24
C VAL F 397 -16.84 -24.16 -9.93
N LEU F 398 -16.73 -23.13 -9.13
CA LEU F 398 -16.43 -21.83 -9.68
C LEU F 398 -14.95 -21.78 -10.05
N CYS F 399 -14.69 -21.56 -11.34
CA CYS F 399 -13.33 -21.50 -11.85
C CYS F 399 -12.62 -20.26 -11.32
N GLY F 400 -11.38 -20.43 -10.84
CA GLY F 400 -10.55 -19.30 -10.48
C GLY F 400 -10.67 -18.76 -9.07
N VAL F 401 -11.33 -19.50 -8.17
CA VAL F 401 -11.50 -19.12 -6.77
C VAL F 401 -10.50 -19.90 -5.96
N GLY F 402 -9.91 -19.30 -4.92
CA GLY F 402 -8.96 -20.02 -4.08
C GLY F 402 -9.53 -21.28 -3.45
N VAL F 403 -10.84 -21.31 -3.21
CA VAL F 403 -11.52 -22.42 -2.54
C VAL F 403 -12.59 -22.98 -3.46
N PRO F 404 -12.88 -24.28 -3.42
CA PRO F 404 -13.98 -24.80 -4.25
C PRO F 404 -15.36 -24.31 -3.78
N VAL F 405 -16.13 -23.76 -4.71
CA VAL F 405 -17.48 -23.33 -4.38
C VAL F 405 -18.43 -24.01 -5.35
N PRO F 406 -19.14 -25.05 -4.95
CA PRO F 406 -19.92 -25.84 -5.91
C PRO F 406 -21.13 -25.13 -6.51
N GLN F 407 -20.97 -24.55 -7.72
CA GLN F 407 -22.08 -23.94 -8.48
C GLN F 407 -22.92 -25.04 -9.13
N PRO F 408 -24.25 -24.92 -9.13
CA PRO F 408 -25.10 -26.00 -9.67
C PRO F 408 -25.07 -26.09 -11.21
N SER F 409 -25.74 -27.13 -11.73
CA SER F 409 -25.79 -27.38 -13.17
C SER F 409 -27.05 -26.77 -13.78
N ALA F 410 -26.89 -26.17 -14.96
CA ALA F 410 -28.05 -25.60 -15.64
C ALA F 410 -29.01 -26.71 -16.06
N PHE F 411 -28.49 -27.82 -16.59
CA PHE F 411 -29.37 -28.91 -16.99
C PHE F 411 -30.10 -29.48 -15.79
N THR F 412 -29.74 -29.04 -14.56
CA THR F 412 -30.54 -29.30 -13.36
C THR F 412 -31.64 -28.27 -13.18
N VAL F 413 -31.27 -26.99 -13.16
CA VAL F 413 -32.19 -25.92 -12.75
C VAL F 413 -33.26 -25.71 -13.80
N LEU F 414 -32.84 -25.63 -15.05
CA LEU F 414 -33.68 -25.17 -16.13
C LEU F 414 -34.35 -26.29 -16.91
N GLY F 415 -33.77 -27.48 -16.95
CA GLY F 415 -34.15 -28.42 -17.99
C GLY F 415 -33.42 -28.02 -19.26
N ASP F 416 -33.64 -28.78 -20.33
CA ASP F 416 -32.75 -28.65 -21.48
C ASP F 416 -32.98 -27.37 -22.28
N LYS F 417 -34.23 -27.11 -22.67
CA LYS F 417 -34.43 -26.02 -23.63
C LYS F 417 -33.93 -24.72 -23.05
N LEU F 418 -34.23 -24.47 -21.77
CA LEU F 418 -33.71 -23.28 -21.10
C LEU F 418 -32.20 -23.33 -20.93
N ALA F 419 -31.64 -24.52 -20.67
CA ALA F 419 -30.19 -24.66 -20.60
C ALA F 419 -29.57 -24.38 -21.95
N GLN F 420 -30.09 -25.03 -23.00
CA GLN F 420 -29.51 -24.87 -24.32
C GLN F 420 -29.73 -23.46 -24.85
N GLN F 421 -30.88 -22.87 -24.56
CA GLN F 421 -31.03 -21.45 -24.85
C GLN F 421 -30.04 -20.63 -24.03
N PHE F 422 -29.78 -21.02 -22.78
CA PHE F 422 -28.78 -20.34 -21.96
C PHE F 422 -27.39 -20.52 -22.55
N LYS F 423 -27.04 -21.75 -22.94
CA LYS F 423 -25.68 -22.02 -23.38
C LYS F 423 -25.37 -21.34 -24.70
N SER F 424 -26.36 -21.21 -25.57
CA SER F 424 -26.15 -20.52 -26.82
C SER F 424 -25.92 -19.02 -26.64
N LEU F 425 -26.05 -18.48 -25.42
CA LEU F 425 -25.74 -17.06 -25.23
C LEU F 425 -24.26 -16.78 -25.47
N ALA F 426 -23.39 -17.74 -25.18
CA ALA F 426 -21.97 -17.54 -25.38
C ALA F 426 -21.69 -17.19 -26.83
N GLY F 427 -20.85 -16.16 -27.03
CA GLY F 427 -20.57 -15.70 -28.38
C GLY F 427 -21.35 -14.49 -28.79
N GLN F 428 -22.63 -14.42 -28.43
CA GLN F 428 -23.45 -13.32 -28.87
C GLN F 428 -23.09 -12.05 -28.10
N GLN F 429 -23.81 -10.96 -28.40
CA GLN F 429 -23.58 -9.68 -27.73
C GLN F 429 -24.66 -9.44 -26.68
N SER F 430 -24.25 -8.87 -25.56
CA SER F 430 -25.21 -8.44 -24.57
C SER F 430 -25.82 -7.09 -24.98
N ALA F 431 -26.81 -6.64 -24.20
CA ALA F 431 -27.40 -5.33 -24.45
C ALA F 431 -26.40 -4.19 -24.29
N PHE F 432 -25.27 -4.43 -23.62
CA PHE F 432 -24.27 -3.40 -23.38
C PHE F 432 -23.24 -3.33 -24.50
N GLY F 433 -23.40 -4.13 -25.55
CA GLY F 433 -22.49 -4.10 -26.67
C GLY F 433 -21.44 -5.19 -26.58
N LYS F 434 -20.80 -5.30 -25.41
CA LYS F 434 -19.81 -6.35 -25.18
C LYS F 434 -20.44 -7.73 -25.34
N THR F 435 -19.58 -8.72 -25.57
CA THR F 435 -19.97 -10.06 -26.00
C THR F 435 -19.96 -11.04 -24.83
N PHE F 436 -20.99 -11.90 -24.79
CA PHE F 436 -21.06 -12.97 -23.79
C PHE F 436 -19.88 -13.93 -23.92
N PRO F 437 -19.18 -14.25 -22.84
CA PRO F 437 -18.08 -15.21 -22.95
C PRO F 437 -18.61 -16.63 -22.89
N SER F 438 -17.71 -17.56 -23.23
CA SER F 438 -17.90 -18.96 -22.91
C SER F 438 -17.54 -19.14 -21.43
N ILE F 439 -18.44 -19.79 -20.68
CA ILE F 439 -18.51 -19.67 -19.22
C ILE F 439 -18.44 -21.01 -18.45
C1 NAG G . 21.05 -26.24 23.64
C2 NAG G . 22.37 -26.19 24.41
C3 NAG G . 22.11 -26.25 25.91
C4 NAG G . 21.08 -25.20 26.33
C5 NAG G . 19.83 -25.39 25.50
C6 NAG G . 18.76 -24.37 25.80
C7 NAG G . 22.98 -28.46 23.66
C8 NAG G . 23.42 -28.86 22.28
N2 NAG G . 23.32 -27.23 24.03
O3 NAG G . 23.34 -26.06 26.61
O4 NAG G . 20.77 -25.37 27.70
O5 NAG G . 20.16 -25.25 24.11
O6 NAG G . 18.94 -23.17 25.06
O7 NAG G . 22.38 -29.22 24.39
C1 NAG H . -3.36 -12.82 -37.59
C2 NAG H . -2.19 -12.86 -38.57
C3 NAG H . -1.25 -14.03 -38.30
C4 NAG H . -0.92 -14.12 -36.82
C5 NAG H . -2.21 -14.24 -36.04
C6 NAG H . -2.00 -14.39 -34.55
C7 NAG H . -2.63 -11.90 -40.77
C8 NAG H . -1.47 -11.87 -41.73
N2 NAG H . -2.67 -12.94 -39.93
O3 NAG H . -0.07 -13.86 -39.07
O4 NAG H . -0.12 -15.28 -36.59
O5 NAG H . -2.97 -13.03 -36.24
O6 NAG H . -3.16 -13.99 -33.82
O7 NAG H . -3.49 -11.02 -40.74
C1 NAG I . -35.06 12.82 15.44
C2 NAG I . -35.98 14.01 15.16
C3 NAG I . -37.04 13.61 14.14
C4 NAG I . -36.38 13.08 12.87
C5 NAG I . -35.42 11.95 13.23
C6 NAG I . -34.62 11.46 12.05
C7 NAG I . -36.67 15.83 16.64
C8 NAG I . -36.05 16.76 15.64
N2 NAG I . -36.58 14.53 16.38
O3 NAG I . -37.89 14.71 13.85
O4 NAG I . -37.38 12.57 12.00
O5 NAG I . -34.46 12.44 14.20
O6 NAG I . -33.68 10.45 12.45
O7 NAG I . -37.23 16.24 17.65
C1 NAG J . -24.49 28.48 -16.67
C2 NAG J . -24.32 28.82 -15.18
C3 NAG J . -25.67 29.16 -14.55
C4 NAG J . -26.42 30.17 -15.41
C5 NAG J . -26.58 29.61 -16.83
C6 NAG J . -27.32 30.56 -17.74
C7 NAG J . -23.10 27.79 -13.28
C8 NAG J . -22.05 28.86 -13.14
N2 NAG J . -23.70 27.72 -14.47
O3 NAG J . -25.49 29.68 -13.24
O4 NAG J . -27.72 30.38 -14.86
O5 NAG J . -25.27 29.42 -17.40
O6 NAG J . -26.93 31.91 -17.51
O7 NAG J . -23.40 27.05 -12.36
C1 NAG K . 10.22 7.26 38.86
C2 NAG K . 10.10 6.79 40.30
C3 NAG K . 11.36 6.06 40.78
C4 NAG K . 11.94 5.17 39.70
C5 NAG K . 12.16 5.98 38.43
C6 NAG K . 12.84 5.21 37.33
C7 NAG K . 8.82 8.03 42.01
C8 NAG K . 7.50 8.38 41.40
N2 NAG K . 9.85 7.94 41.15
O3 NAG K . 11.03 5.31 41.94
O4 NAG K . 13.19 4.64 40.15
O5 NAG K . 10.86 6.38 37.96
O6 NAG K . 11.91 4.77 36.33
O7 NAG K . 8.97 7.85 43.22
C1 NAG L . 30.15 -11.21 -23.60
C2 NAG L . 29.77 -9.76 -23.94
C3 NAG L . 28.99 -9.76 -25.24
C4 NAG L . 29.78 -10.45 -26.34
C5 NAG L . 30.14 -11.86 -25.89
C6 NAG L . 31.01 -12.60 -26.89
C7 NAG L . 29.41 -7.88 -22.44
C8 NAG L . 28.38 -7.15 -21.63
N2 NAG L . 29.05 -9.09 -22.88
O3 NAG L . 28.69 -8.41 -25.61
O4 NAG L . 28.98 -10.53 -27.51
O5 NAG L . 30.88 -11.81 -24.66
O6 NAG L . 32.19 -11.87 -27.19
O7 NAG L . 30.51 -7.42 -22.67
#